data_8DG9
#
_entry.id   8DG9
#
_cell.length_a   1.00
_cell.length_b   1.00
_cell.length_c   1.00
_cell.angle_alpha   90.00
_cell.angle_beta   90.00
_cell.angle_gamma   90.00
#
_symmetry.space_group_name_H-M   'P 1'
#
loop_
_entity.id
_entity.type
_entity.pdbx_description
1 polymer 'Fusion glycoprotein F0'
2 polymer 'mAb MxR Heavy Chain, VH region'
3 polymer 'mAb MxR Light Chain, VL region'
4 non-polymer 2-acetamido-2-deoxy-beta-D-glucopyranose
#
loop_
_entity_poly.entity_id
_entity_poly.type
_entity_poly.pdbx_seq_one_letter_code
_entity_poly.pdbx_strand_id
1 'polypeptide(L)'
;MELLILKANAITTILTAVTFCFASGQNITEEFYQSTCSAVSKGYLSALRTGWYTSVITIELSNIKENKCNGTDAKVKLIK
QELDKYKNAVTELQLLMQSTPATNNRARRELPRFMNYTLNNAKKTNVTLSKKRKRRFLGFLLGVGSAIASGVAVCKVLHL
EGEVNKIKSALLSTNKAVVSLSNGVSVLTFKVLDLKNYIDKQLLPILNKQSCSISNIETVIEFQQKNNRLLEITREFSVN
AGVTTPVSTYMLTNSELLSLINDMPITNDQKKLMSNNVQIVRQQSYSIMCIIKEEVLAYVVQLPLYGVIDTPCWKLHTSP
LCTTNTKEGSNICLTRTDRGWYCDNAGSVSFFPQAETCKVQSNRVFCDTMNSLTLPSEVNLCNVDIFNPKYDCKIMTSKT
DVSSSVITSLGAIVSCYGKTKCTASNKNRGIIKTFSNGCDYVSNKGVDTVSVGNTLYYVNKQEGKSLYVKGEPIINFYDP
LVFPSDEFDASISQVNEKINQSLAFIRKSDELLSAIGGYIPEAPRDGQAYVRKDGEWVLLSTFLGLNDIFEAQKIEWHEG
SHHHHHHHH
;
A,B,C
2 'polypeptide(L)'
;EVQVVESGGGLVKPGGSLRLSCAASGFPFSSYKMDWVRQAPGKGLEWVSSISASGSYINYADSVKGRFTISRDNAKNSLY
LQMKSLRADDTAVYFCARDGGRELSPFEKWGQGILVTVSS
;
H,F,D
3 'polypeptide(L)'
;QSVLTQPPSVSGAPGQRVTISCTGTNSNIGTGYDVHWYQQLPGTAPKVVLFDNNNRPSGVPDRFSGSKSGTSAALAITGL
QAEDEAVYYCQSYDKSLGGWVFGGGTKLTVL
;
L,G,E
#
loop_
_chem_comp.id
_chem_comp.type
_chem_comp.name
_chem_comp.formula
NAG D-saccharide, beta linking 2-acetamido-2-deoxy-beta-D-glucopyranose 'C8 H15 N O6'
#
# COMPACT_ATOMS: atom_id res chain seq x y z
N GLN A 26 -30.10 0.63 -1.13
CA GLN A 26 -31.15 1.61 -1.31
C GLN A 26 -31.00 2.68 -0.24
N ASN A 27 -31.80 2.57 0.80
CA ASN A 27 -31.74 3.47 1.94
C ASN A 27 -31.32 2.74 3.21
N ILE A 28 -30.47 3.39 3.99
CA ILE A 28 -29.56 2.72 4.92
C ILE A 28 -30.15 2.69 6.31
N THR A 29 -30.17 1.52 6.92
CA THR A 29 -30.52 1.34 8.31
C THR A 29 -29.34 0.71 9.04
N GLU A 30 -29.25 0.96 10.34
CA GLU A 30 -28.18 0.38 11.14
C GLU A 30 -28.76 -0.16 12.44
N GLU A 31 -28.22 -1.29 12.88
CA GLU A 31 -28.63 -1.94 14.11
C GLU A 31 -27.38 -2.21 14.94
N PHE A 32 -27.40 -1.75 16.19
CA PHE A 32 -26.29 -1.97 17.11
C PHE A 32 -26.72 -2.98 18.16
N TYR A 33 -25.87 -3.96 18.41
CA TYR A 33 -26.14 -5.01 19.40
C TYR A 33 -25.28 -4.78 20.62
N GLN A 34 -25.93 -4.58 21.76
CA GLN A 34 -25.22 -4.34 23.02
C GLN A 34 -24.59 -5.60 23.57
N SER A 35 -25.15 -6.76 23.22
CA SER A 35 -24.63 -8.02 23.75
C SER A 35 -23.24 -8.34 23.22
N THR A 36 -22.97 -8.02 21.95
CA THR A 36 -21.71 -8.40 21.32
C THR A 36 -20.90 -7.19 20.86
N CYS A 37 -21.30 -5.98 21.22
CA CYS A 37 -20.55 -4.76 20.91
C CYS A 37 -20.30 -4.66 19.40
N SER A 38 -21.35 -4.90 18.63
CA SER A 38 -21.24 -4.94 17.17
C SER A 38 -22.43 -4.24 16.54
N ALA A 39 -22.23 -3.75 15.32
CA ALA A 39 -23.26 -3.06 14.56
C ALA A 39 -23.32 -3.61 13.15
N VAL A 40 -24.52 -3.59 12.57
CA VAL A 40 -24.75 -4.03 11.20
C VAL A 40 -25.48 -2.92 10.45
N SER A 41 -24.92 -2.51 9.32
CA SER A 41 -25.55 -1.53 8.44
C SER A 41 -26.10 -2.24 7.21
N LYS A 42 -27.38 -2.05 6.95
CA LYS A 42 -28.08 -2.75 5.89
C LYS A 42 -28.60 -1.75 4.86
N GLY A 43 -29.14 -2.30 3.78
CA GLY A 43 -29.72 -1.50 2.72
C GLY A 43 -28.83 -1.26 1.53
N TYR A 44 -27.64 -1.84 1.50
CA TYR A 44 -26.70 -1.65 0.41
C TYR A 44 -26.98 -2.63 -0.72
N LEU A 45 -26.48 -2.31 -1.90
CA LEU A 45 -26.72 -3.08 -3.12
C LEU A 45 -25.39 -3.54 -3.71
N SER A 46 -25.40 -4.74 -4.29
CA SER A 46 -24.18 -5.41 -4.69
C SER A 46 -23.76 -5.09 -6.12
N ALA A 47 -22.45 -4.97 -6.33
CA ALA A 47 -21.84 -5.02 -7.66
C ALA A 47 -20.55 -5.83 -7.50
N LEU A 48 -20.65 -7.14 -7.66
CA LEU A 48 -19.56 -8.06 -7.37
C LEU A 48 -18.81 -8.41 -8.64
N ARG A 49 -17.49 -8.19 -8.64
CA ARG A 49 -16.69 -8.53 -9.80
C ARG A 49 -16.38 -10.02 -9.77
N THR A 50 -16.91 -10.76 -10.74
CA THR A 50 -16.82 -12.20 -10.76
C THR A 50 -16.03 -12.75 -11.94
N GLY A 51 -15.78 -11.93 -12.97
CA GLY A 51 -15.05 -12.37 -14.13
C GLY A 51 -14.23 -11.23 -14.69
N TRP A 52 -13.61 -11.51 -15.83
CA TRP A 52 -12.79 -10.53 -16.52
C TRP A 52 -13.15 -10.52 -17.99
N TYR A 53 -13.04 -9.34 -18.60
CA TYR A 53 -13.10 -9.20 -20.05
C TYR A 53 -11.82 -8.52 -20.52
N THR A 54 -11.19 -9.11 -21.52
CA THR A 54 -9.94 -8.59 -22.07
C THR A 54 -10.20 -7.95 -23.42
N SER A 55 -9.69 -6.74 -23.59
CA SER A 55 -9.80 -6.00 -24.85
C SER A 55 -8.41 -5.51 -25.26
N VAL A 56 -8.21 -5.40 -26.56
CA VAL A 56 -6.91 -5.05 -27.13
C VAL A 56 -6.98 -3.62 -27.63
N ILE A 57 -6.06 -2.77 -27.17
CA ILE A 57 -6.01 -1.37 -27.53
C ILE A 57 -4.80 -1.16 -28.43
N THR A 58 -5.01 -0.52 -29.57
CA THR A 58 -4.04 -0.48 -30.66
C THR A 58 -3.67 0.96 -30.98
N ILE A 59 -2.37 1.22 -31.10
CA ILE A 59 -1.84 2.47 -31.64
C ILE A 59 -0.99 2.11 -32.84
N GLU A 60 -1.31 2.69 -34.00
CA GLU A 60 -0.52 2.46 -35.21
C GLU A 60 0.67 3.40 -35.23
N LEU A 61 1.84 2.83 -35.51
CA LEU A 61 3.08 3.58 -35.53
C LEU A 61 3.61 3.68 -36.96
N SER A 62 4.59 4.57 -37.14
CA SER A 62 5.24 4.77 -38.42
C SER A 62 6.69 4.36 -38.33
N ASN A 63 7.19 3.74 -39.40
CA ASN A 63 8.59 3.32 -39.50
C ASN A 63 9.47 4.44 -40.05
N ILE A 64 9.44 5.61 -39.41
CA ILE A 64 10.17 6.77 -39.93
C ILE A 64 11.66 6.52 -39.80
N LYS A 65 12.38 6.77 -40.88
CA LYS A 65 13.84 6.59 -40.91
C LYS A 65 14.55 7.87 -40.47
N ASP A 73 16.92 26.25 -39.61
CA ASP A 73 15.59 26.72 -39.25
C ASP A 73 15.22 26.25 -37.85
N ALA A 74 14.65 27.15 -37.05
CA ALA A 74 14.28 26.82 -35.69
C ALA A 74 13.03 25.97 -35.59
N LYS A 75 12.11 26.10 -36.55
CA LYS A 75 10.91 25.27 -36.54
C LYS A 75 11.22 23.82 -36.88
N VAL A 76 12.20 23.58 -37.76
CA VAL A 76 12.62 22.22 -38.07
C VAL A 76 13.31 21.59 -36.86
N LYS A 77 14.10 22.38 -36.12
CA LYS A 77 14.77 21.86 -34.94
C LYS A 77 13.75 21.45 -33.87
N LEU A 78 12.66 22.20 -33.76
CA LEU A 78 11.59 21.82 -32.83
C LEU A 78 10.91 20.53 -33.27
N ILE A 79 10.70 20.36 -34.57
CA ILE A 79 10.09 19.13 -35.08
C ILE A 79 11.02 17.95 -34.87
N LYS A 80 12.32 18.14 -35.07
CA LYS A 80 13.29 17.07 -34.86
C LYS A 80 13.29 16.62 -33.40
N GLN A 81 13.19 17.56 -32.47
CA GLN A 81 13.16 17.20 -31.06
C GLN A 81 11.94 16.36 -30.73
N GLU A 82 10.78 16.71 -31.28
CA GLU A 82 9.58 15.91 -31.05
C GLU A 82 9.69 14.54 -31.72
N LEU A 83 10.29 14.48 -32.90
CA LEU A 83 10.47 13.20 -33.58
C LEU A 83 11.40 12.27 -32.81
N ASP A 84 12.48 12.83 -32.23
CA ASP A 84 13.35 12.01 -31.40
C ASP A 84 12.62 11.50 -30.17
N LYS A 85 11.78 12.35 -29.57
CA LYS A 85 10.98 11.93 -28.42
C LYS A 85 10.05 10.79 -28.80
N TYR A 86 9.44 10.89 -29.99
CA TYR A 86 8.58 9.82 -30.47
C TYR A 86 9.36 8.52 -30.68
N LYS A 87 10.53 8.63 -31.33
CA LYS A 87 11.34 7.45 -31.57
C LYS A 87 11.89 6.87 -30.26
N ASN A 88 12.19 7.73 -29.30
CA ASN A 88 12.70 7.26 -28.02
C ASN A 88 11.63 6.50 -27.24
N ALA A 89 10.37 6.92 -27.36
CA ALA A 89 9.28 6.21 -26.68
C ALA A 89 9.07 4.83 -27.27
N VAL A 90 9.17 4.70 -28.60
CA VAL A 90 9.04 3.40 -29.24
C VAL A 90 10.16 2.47 -28.80
N THR A 91 11.40 3.00 -28.75
CA THR A 91 12.53 2.20 -28.30
C THR A 91 12.38 1.79 -26.84
N GLU A 92 11.90 2.70 -26.00
CA GLU A 92 11.71 2.39 -24.59
C GLU A 92 10.66 1.29 -24.40
N LEU A 93 9.60 1.33 -25.20
CA LEU A 93 8.56 0.31 -25.08
C LEU A 93 9.02 -1.02 -25.68
N GLN A 94 9.83 -0.98 -26.74
CA GLN A 94 10.42 -2.20 -27.25
C GLN A 94 11.36 -2.83 -26.22
N LEU A 95 12.12 -2.00 -25.52
CA LEU A 95 12.98 -2.50 -24.46
C LEU A 95 12.17 -3.12 -23.32
N LEU A 96 11.00 -2.55 -23.01
CA LEU A 96 10.13 -3.14 -22.00
C LEU A 96 9.70 -4.54 -22.41
N MET A 97 9.30 -4.72 -23.67
CA MET A 97 8.87 -6.01 -24.18
C MET A 97 10.03 -6.79 -24.80
N PHE A 137 -9.59 -8.83 10.07
CA PHE A 137 -9.17 -9.84 11.03
C PHE A 137 -8.94 -11.19 10.36
N LEU A 138 -9.83 -11.56 9.44
CA LEU A 138 -9.85 -12.89 8.85
C LEU A 138 -9.31 -12.92 7.43
N GLY A 139 -8.45 -11.97 7.06
CA GLY A 139 -7.89 -11.95 5.73
C GLY A 139 -6.93 -13.08 5.44
N PHE A 140 -6.38 -13.71 6.48
CA PHE A 140 -5.49 -14.84 6.29
C PHE A 140 -6.20 -16.10 5.81
N LEU A 141 -7.54 -16.14 5.90
CA LEU A 141 -8.30 -17.29 5.43
C LEU A 141 -8.54 -17.27 3.94
N LEU A 142 -8.18 -16.19 3.24
CA LEU A 142 -8.47 -16.08 1.83
C LEU A 142 -7.52 -16.94 1.01
N GLY A 143 -7.95 -17.28 -0.20
CA GLY A 143 -7.11 -17.92 -1.17
C GLY A 143 -6.17 -16.92 -1.84
N VAL A 144 -5.39 -17.42 -2.79
CA VAL A 144 -4.43 -16.59 -3.52
C VAL A 144 -4.73 -16.73 -5.00
N GLY A 145 -5.07 -15.62 -5.65
CA GLY A 145 -5.34 -15.60 -7.06
C GLY A 145 -4.25 -14.88 -7.85
N SER A 146 -4.36 -14.98 -9.17
CA SER A 146 -3.49 -14.28 -10.11
C SER A 146 -4.36 -13.26 -10.85
N ALA A 147 -4.17 -11.98 -10.53
CA ALA A 147 -5.13 -10.96 -10.95
C ALA A 147 -5.12 -10.72 -12.45
N ILE A 148 -3.96 -10.83 -13.10
CA ILE A 148 -3.87 -10.50 -14.52
C ILE A 148 -3.61 -11.75 -15.36
N ALA A 149 -3.97 -12.92 -14.82
CA ALA A 149 -3.75 -14.16 -15.54
C ALA A 149 -4.52 -14.19 -16.86
N SER A 150 -5.78 -13.75 -16.85
CA SER A 150 -6.56 -13.74 -18.08
C SER A 150 -6.01 -12.75 -19.11
N GLY A 151 -5.62 -11.55 -18.66
CA GLY A 151 -5.05 -10.58 -19.58
C GLY A 151 -3.69 -10.99 -20.12
N VAL A 152 -2.84 -11.57 -19.25
CA VAL A 152 -1.54 -12.06 -19.69
C VAL A 152 -1.71 -13.20 -20.68
N ALA A 153 -2.73 -14.03 -20.50
CA ALA A 153 -2.98 -15.13 -21.43
C ALA A 153 -3.31 -14.62 -22.82
N VAL A 154 -4.09 -13.54 -22.91
CA VAL A 154 -4.40 -12.95 -24.21
C VAL A 154 -3.15 -12.37 -24.84
N CYS A 155 -2.25 -11.83 -24.00
CA CYS A 155 -1.00 -11.26 -24.50
C CYS A 155 -0.13 -12.31 -25.19
N LYS A 156 -0.05 -13.51 -24.61
CA LYS A 156 0.71 -14.57 -25.27
C LYS A 156 0.06 -15.01 -26.57
N VAL A 157 -1.28 -14.98 -26.64
CA VAL A 157 -1.97 -15.31 -27.87
C VAL A 157 -1.62 -14.30 -28.96
N LEU A 158 -1.46 -13.03 -28.60
CA LEU A 158 -1.15 -12.02 -29.60
C LEU A 158 0.25 -12.16 -30.18
N HIS A 159 1.11 -12.96 -29.55
CA HIS A 159 2.46 -13.18 -30.03
C HIS A 159 2.53 -14.27 -31.10
N LEU A 160 1.44 -14.98 -31.34
CA LEU A 160 1.43 -16.02 -32.37
C LEU A 160 1.45 -15.39 -33.77
N GLU A 161 1.89 -16.19 -34.73
CA GLU A 161 2.04 -15.69 -36.09
C GLU A 161 0.68 -15.34 -36.69
N GLY A 162 0.58 -14.14 -37.27
CA GLY A 162 -0.61 -13.70 -37.94
C GLY A 162 -1.65 -13.05 -37.05
N GLU A 163 -1.49 -13.08 -35.72
CA GLU A 163 -2.48 -12.49 -34.84
C GLU A 163 -2.50 -10.98 -34.95
N VAL A 164 -1.32 -10.35 -34.95
CA VAL A 164 -1.25 -8.90 -35.05
C VAL A 164 -1.78 -8.44 -36.40
N ASN A 165 -1.45 -9.17 -37.47
CA ASN A 165 -1.94 -8.80 -38.80
C ASN A 165 -3.45 -8.93 -38.90
N LYS A 166 -4.03 -9.93 -38.22
CA LYS A 166 -5.49 -10.07 -38.22
C LYS A 166 -6.15 -8.86 -37.58
N ILE A 167 -5.58 -8.35 -36.48
CA ILE A 167 -6.13 -7.18 -35.82
C ILE A 167 -5.95 -5.94 -36.68
N LYS A 168 -4.81 -5.82 -37.35
CA LYS A 168 -4.58 -4.69 -38.25
C LYS A 168 -5.59 -4.67 -39.39
N SER A 169 -5.87 -5.84 -39.97
CA SER A 169 -6.84 -5.91 -41.06
C SER A 169 -8.26 -5.65 -40.58
N ALA A 170 -8.57 -6.01 -39.35
CA ALA A 170 -9.91 -5.73 -38.82
C ALA A 170 -10.10 -4.24 -38.55
N LEU A 171 -9.02 -3.51 -38.23
CA LEU A 171 -9.08 -2.10 -37.89
C LEU A 171 -8.62 -1.22 -39.04
N LEU A 172 -8.51 -1.77 -40.25
CA LEU A 172 -8.03 -1.00 -41.39
C LEU A 172 -8.99 0.13 -41.76
N SER A 173 -10.29 -0.17 -41.80
CA SER A 173 -11.29 0.81 -42.19
C SER A 173 -12.14 1.31 -41.04
N THR A 174 -12.05 0.69 -39.87
CA THR A 174 -12.82 1.10 -38.70
C THR A 174 -11.90 1.16 -37.49
N ASN A 175 -12.29 1.99 -36.52
CA ASN A 175 -11.53 2.13 -35.29
C ASN A 175 -11.91 1.13 -34.21
N LYS A 176 -12.93 0.30 -34.44
CA LYS A 176 -13.40 -0.62 -33.42
C LYS A 176 -14.00 -1.84 -34.11
N ALA A 177 -13.54 -3.02 -33.72
CA ALA A 177 -14.04 -4.26 -34.31
C ALA A 177 -13.88 -5.40 -33.32
N VAL A 178 -14.64 -6.46 -33.56
CA VAL A 178 -14.54 -7.70 -32.79
C VAL A 178 -13.72 -8.68 -33.61
N VAL A 179 -12.61 -9.16 -33.03
CA VAL A 179 -11.70 -10.06 -33.69
C VAL A 179 -11.69 -11.38 -32.95
N SER A 180 -11.83 -12.48 -33.69
CA SER A 180 -11.74 -13.82 -33.11
C SER A 180 -10.28 -14.28 -33.23
N LEU A 181 -9.70 -14.64 -32.09
CA LEU A 181 -8.30 -15.06 -32.06
C LEU A 181 -8.19 -16.52 -32.48
N SER A 182 -6.95 -17.00 -32.61
CA SER A 182 -6.72 -18.37 -33.04
C SER A 182 -7.23 -19.37 -32.02
N ASN A 183 -7.12 -19.03 -30.73
CA ASN A 183 -7.60 -19.91 -29.67
C ASN A 183 -9.12 -19.99 -29.61
N GLY A 184 -9.84 -19.19 -30.40
CA GLY A 184 -11.28 -19.23 -30.45
C GLY A 184 -11.99 -18.12 -29.69
N VAL A 185 -11.24 -17.31 -28.94
CA VAL A 185 -11.83 -16.23 -28.16
C VAL A 185 -12.00 -15.00 -29.04
N SER A 186 -13.14 -14.34 -28.92
CA SER A 186 -13.40 -13.08 -29.61
C SER A 186 -13.17 -11.93 -28.62
N VAL A 187 -12.43 -10.92 -29.07
CA VAL A 187 -12.06 -9.79 -28.24
C VAL A 187 -12.41 -8.50 -28.96
N LEU A 188 -12.83 -7.49 -28.19
CA LEU A 188 -12.98 -6.14 -28.73
C LEU A 188 -11.60 -5.53 -28.96
N THR A 189 -11.42 -4.94 -30.14
CA THR A 189 -10.18 -4.26 -30.49
C THR A 189 -10.49 -2.81 -30.85
N PHE A 190 -9.66 -1.89 -30.37
CA PHE A 190 -9.89 -0.47 -30.52
C PHE A 190 -8.58 0.19 -30.92
N LYS A 191 -8.62 0.98 -31.99
CA LYS A 191 -7.52 1.85 -32.38
C LYS A 191 -7.80 3.25 -31.82
N VAL A 192 -7.04 3.66 -30.81
CA VAL A 192 -7.28 4.92 -30.12
C VAL A 192 -6.40 6.05 -30.61
N LEU A 193 -5.27 5.72 -31.24
CA LEU A 193 -4.33 6.74 -31.71
C LEU A 193 -3.72 6.24 -33.01
N ASP A 194 -3.62 7.14 -33.99
CA ASP A 194 -3.07 6.81 -35.31
C ASP A 194 -1.93 7.80 -35.58
N LEU A 195 -0.74 7.47 -35.10
CA LEU A 195 0.44 8.27 -35.38
C LEU A 195 1.07 7.94 -36.72
N LYS A 196 0.72 6.80 -37.31
CA LYS A 196 1.22 6.45 -38.63
C LYS A 196 0.76 7.45 -39.68
N ASN A 197 -0.55 7.76 -39.69
CA ASN A 197 -1.09 8.64 -40.72
C ASN A 197 -0.55 10.06 -40.60
N TYR A 198 -0.48 10.60 -39.39
CA TYR A 198 -0.03 11.98 -39.23
C TYR A 198 1.43 12.13 -39.62
N ILE A 199 2.29 11.21 -39.18
CA ILE A 199 3.71 11.30 -39.48
C ILE A 199 3.95 11.05 -40.97
N ASP A 200 3.28 10.04 -41.53
CA ASP A 200 3.51 9.67 -42.91
C ASP A 200 2.89 10.64 -43.91
N LYS A 201 1.85 11.38 -43.52
CA LYS A 201 1.13 12.23 -44.46
C LYS A 201 1.30 13.72 -44.21
N GLN A 202 1.66 14.13 -42.99
CA GLN A 202 1.80 15.55 -42.68
C GLN A 202 3.22 15.96 -42.32
N LEU A 203 4.14 15.03 -42.08
CA LEU A 203 5.52 15.37 -41.77
C LEU A 203 6.52 14.76 -42.73
N LEU A 204 6.14 13.76 -43.52
CA LEU A 204 7.06 13.11 -44.44
C LEU A 204 7.30 13.94 -45.70
N PRO A 205 6.27 14.49 -46.36
CA PRO A 205 6.54 15.29 -47.57
C PRO A 205 7.42 16.51 -47.31
N ILE A 206 7.34 17.10 -46.12
CA ILE A 206 8.13 18.27 -45.78
C ILE A 206 9.60 17.92 -45.57
N LEU A 207 9.87 16.81 -44.88
CA LEU A 207 11.24 16.41 -44.59
C LEU A 207 11.64 15.16 -45.36
N CYS A 212 13.39 20.70 -46.74
CA CYS A 212 13.66 20.92 -45.32
C CYS A 212 13.25 22.33 -44.92
N SER A 213 12.04 22.72 -45.30
CA SER A 213 11.53 24.06 -45.06
C SER A 213 10.16 23.97 -44.44
N ILE A 214 9.99 24.56 -43.26
CA ILE A 214 8.72 24.63 -42.56
C ILE A 214 8.31 26.10 -42.47
N SER A 215 7.09 26.39 -42.91
CA SER A 215 6.65 27.78 -43.04
C SER A 215 5.77 28.26 -41.90
N ASN A 216 5.22 27.35 -41.09
CA ASN A 216 4.28 27.74 -40.05
C ASN A 216 4.49 26.92 -38.80
N ILE A 217 4.36 27.57 -37.64
CA ILE A 217 4.57 26.94 -36.35
C ILE A 217 3.42 26.02 -35.96
N GLU A 218 2.32 26.03 -36.72
CA GLU A 218 1.14 25.26 -36.35
C GLU A 218 1.44 23.76 -36.35
N THR A 219 2.25 23.30 -37.30
CA THR A 219 2.58 21.87 -37.38
C THR A 219 3.37 21.42 -36.15
N VAL A 220 4.20 22.29 -35.59
CA VAL A 220 4.98 21.92 -34.41
C VAL A 220 4.07 21.68 -33.22
N ILE A 221 3.10 22.58 -32.99
CA ILE A 221 2.18 22.42 -31.89
C ILE A 221 1.25 21.24 -32.14
N GLU A 222 0.80 21.07 -33.38
CA GLU A 222 -0.08 19.95 -33.71
C GLU A 222 0.61 18.62 -33.53
N PHE A 223 1.89 18.53 -33.90
CA PHE A 223 2.65 17.30 -33.69
C PHE A 223 2.84 17.02 -32.20
N GLN A 224 3.08 18.05 -31.40
CA GLN A 224 3.24 17.87 -29.96
C GLN A 224 1.96 17.31 -29.34
N GLN A 225 0.80 17.83 -29.76
CA GLN A 225 -0.46 17.37 -29.20
C GLN A 225 -0.72 15.90 -29.51
N LYS A 226 -0.43 15.48 -30.75
CA LYS A 226 -0.69 14.10 -31.14
C LYS A 226 0.25 13.13 -30.43
N ASN A 227 1.53 13.50 -30.32
CA ASN A 227 2.53 12.64 -29.71
C ASN A 227 2.46 12.59 -28.20
N ASN A 228 1.70 13.49 -27.57
CA ASN A 228 1.68 13.57 -26.11
C ASN A 228 1.11 12.30 -25.49
N ARG A 229 0.04 11.75 -26.06
CA ARG A 229 -0.59 10.58 -25.47
C ARG A 229 0.34 9.37 -25.49
N LEU A 230 1.13 9.22 -26.57
CA LEU A 230 2.08 8.13 -26.63
C LEU A 230 3.15 8.25 -25.55
N LEU A 231 3.68 9.46 -25.35
CA LEU A 231 4.71 9.66 -24.33
C LEU A 231 4.15 9.46 -22.92
N GLU A 232 2.91 9.87 -22.68
CA GLU A 232 2.29 9.66 -21.38
C GLU A 232 2.02 8.18 -21.12
N ILE A 233 1.61 7.44 -22.14
CA ILE A 233 1.42 6.00 -21.99
C ILE A 233 2.74 5.31 -21.72
N THR A 234 3.79 5.69 -22.45
CA THR A 234 5.11 5.10 -22.24
C THR A 234 5.62 5.37 -20.83
N ARG A 235 5.39 6.59 -20.32
CA ARG A 235 5.82 6.93 -18.96
C ARG A 235 5.11 6.07 -17.93
N GLU A 236 3.79 5.87 -18.09
CA GLU A 236 3.05 5.06 -17.14
C GLU A 236 3.51 3.61 -17.14
N PHE A 237 3.79 3.06 -18.32
CA PHE A 237 4.20 1.67 -18.42
C PHE A 237 5.64 1.45 -17.95
N SER A 238 6.51 2.44 -18.13
CA SER A 238 7.92 2.26 -17.79
C SER A 238 8.17 2.37 -16.30
N VAL A 239 7.31 3.05 -15.56
CA VAL A 239 7.44 3.13 -14.11
C VAL A 239 6.57 2.10 -13.39
N ASN A 240 5.85 1.27 -14.14
CA ASN A 240 4.99 0.23 -13.56
C ASN A 240 5.32 -1.16 -14.08
N ALA A 241 6.43 -1.31 -14.79
CA ALA A 241 6.85 -2.60 -15.35
C ALA A 241 5.79 -3.19 -16.28
N GLY A 242 5.11 -2.33 -17.02
CA GLY A 242 4.17 -2.75 -18.05
C GLY A 242 2.78 -3.10 -17.58
N VAL A 243 2.49 -3.03 -16.28
CA VAL A 243 1.17 -3.34 -15.75
C VAL A 243 0.73 -2.18 -14.86
N THR A 244 -0.36 -1.52 -15.23
CA THR A 244 -0.87 -0.38 -14.49
C THR A 244 -2.29 -0.65 -14.00
N THR A 245 -2.58 -0.20 -12.77
CA THR A 245 -3.91 -0.19 -12.21
C THR A 245 -3.89 0.91 -11.16
N PRO A 246 -4.88 1.83 -11.14
CA PRO A 246 -6.04 1.90 -12.03
C PRO A 246 -5.67 2.29 -13.46
N VAL A 247 -6.60 2.04 -14.39
CA VAL A 247 -6.38 2.40 -15.79
C VAL A 247 -6.65 3.89 -15.94
N SER A 248 -5.65 4.64 -16.38
CA SER A 248 -5.74 6.08 -16.48
C SER A 248 -6.49 6.47 -17.76
N THR A 249 -6.74 7.77 -17.92
CA THR A 249 -7.40 8.27 -19.11
C THR A 249 -6.46 8.40 -20.30
N TYR A 250 -5.14 8.27 -20.09
CA TYR A 250 -4.24 8.19 -21.23
C TYR A 250 -4.35 6.85 -21.93
N MET A 251 -4.48 5.76 -21.17
CA MET A 251 -4.69 4.45 -21.77
C MET A 251 -6.08 4.34 -22.37
N LEU A 252 -7.08 4.90 -21.71
CA LEU A 252 -8.47 4.77 -22.15
C LEU A 252 -9.22 6.01 -21.72
N THR A 253 -9.67 6.82 -22.69
CA THR A 253 -10.45 7.99 -22.35
C THR A 253 -11.85 7.58 -21.91
N ASN A 254 -12.59 8.55 -21.35
CA ASN A 254 -13.97 8.29 -20.95
C ASN A 254 -14.81 7.91 -22.15
N SER A 255 -14.60 8.59 -23.29
CA SER A 255 -15.33 8.26 -24.51
C SER A 255 -14.99 6.84 -24.99
N GLU A 256 -13.72 6.46 -24.92
CA GLU A 256 -13.32 5.13 -25.37
C GLU A 256 -13.86 4.04 -24.44
N LEU A 257 -13.78 4.28 -23.13
CA LEU A 257 -14.25 3.27 -22.17
C LEU A 257 -15.75 3.07 -22.26
N LEU A 258 -16.51 4.15 -22.43
CA LEU A 258 -17.96 4.03 -22.56
C LEU A 258 -18.35 3.27 -23.83
N SER A 259 -17.65 3.55 -24.93
CA SER A 259 -17.88 2.78 -26.15
C SER A 259 -17.50 1.33 -25.97
N LEU A 260 -16.42 1.07 -25.24
CA LEU A 260 -16.00 -0.30 -24.95
C LEU A 260 -17.06 -1.04 -24.15
N ILE A 261 -17.66 -0.37 -23.16
CA ILE A 261 -18.69 -0.99 -22.34
C ILE A 261 -19.92 -1.33 -23.19
N ASN A 262 -20.30 -0.42 -24.09
CA ASN A 262 -21.50 -0.60 -24.89
C ASN A 262 -21.41 -1.79 -25.84
N ASP A 263 -20.21 -2.25 -26.20
CA ASP A 263 -20.07 -3.35 -27.14
C ASP A 263 -19.62 -4.65 -26.49
N MET A 264 -19.44 -4.67 -25.18
CA MET A 264 -19.06 -5.90 -24.50
C MET A 264 -20.23 -6.88 -24.47
N PRO A 265 -19.95 -8.19 -24.44
CA PRO A 265 -21.05 -9.16 -24.36
C PRO A 265 -21.58 -9.30 -22.93
N ILE A 266 -22.22 -8.23 -22.48
CA ILE A 266 -22.81 -8.15 -21.15
C ILE A 266 -24.26 -7.72 -21.30
N THR A 267 -25.03 -7.87 -20.22
CA THR A 267 -26.42 -7.44 -20.25
C THR A 267 -26.52 -5.92 -20.19
N ASN A 268 -27.72 -5.41 -20.45
CA ASN A 268 -27.95 -3.98 -20.32
C ASN A 268 -27.83 -3.51 -18.88
N ASP A 269 -28.24 -4.34 -17.92
CA ASP A 269 -28.07 -3.97 -16.51
C ASP A 269 -26.60 -3.77 -16.18
N GLN A 270 -25.74 -4.66 -16.68
CA GLN A 270 -24.30 -4.50 -16.50
C GLN A 270 -23.82 -3.24 -17.19
N LYS A 271 -24.35 -2.95 -18.38
CA LYS A 271 -23.95 -1.75 -19.11
C LYS A 271 -24.33 -0.49 -18.36
N LYS A 272 -25.54 -0.45 -17.79
CA LYS A 272 -25.94 0.70 -17.01
C LYS A 272 -25.08 0.85 -15.75
N LEU A 273 -24.78 -0.26 -15.09
CA LEU A 273 -23.96 -0.20 -13.88
C LEU A 273 -22.55 0.29 -14.19
N MET A 274 -21.97 -0.20 -15.28
CA MET A 274 -20.61 0.20 -15.63
C MET A 274 -20.56 1.64 -16.14
N SER A 275 -21.54 2.04 -16.95
CA SER A 275 -21.52 3.38 -17.53
C SER A 275 -21.68 4.46 -16.47
N ASN A 276 -22.47 4.18 -15.43
CA ASN A 276 -22.73 5.14 -14.38
C ASN A 276 -21.66 5.17 -13.30
N ASN A 277 -20.72 4.23 -13.34
CA ASN A 277 -19.69 4.11 -12.30
C ASN A 277 -18.32 3.86 -12.92
N VAL A 278 -18.00 4.60 -13.98
CA VAL A 278 -16.78 4.34 -14.73
C VAL A 278 -15.54 4.54 -13.88
N GLN A 279 -15.62 5.42 -12.87
CA GLN A 279 -14.46 5.64 -12.00
C GLN A 279 -14.16 4.41 -11.14
N ILE A 280 -15.20 3.67 -10.74
CA ILE A 280 -14.97 2.40 -10.05
C ILE A 280 -14.41 1.37 -11.03
N VAL A 281 -14.91 1.38 -12.27
CA VAL A 281 -14.42 0.45 -13.29
C VAL A 281 -12.93 0.68 -13.52
N ARG A 282 -12.50 1.94 -13.61
CA ARG A 282 -11.08 2.24 -13.80
C ARG A 282 -10.23 1.70 -12.66
N GLN A 283 -10.75 1.78 -11.44
CA GLN A 283 -9.96 1.38 -10.27
C GLN A 283 -9.84 -0.14 -10.16
N GLN A 284 -10.68 -0.88 -10.88
CA GLN A 284 -10.68 -2.34 -10.83
C GLN A 284 -10.24 -2.97 -12.15
N SER A 285 -9.56 -2.23 -13.01
CA SER A 285 -9.11 -2.72 -14.30
C SER A 285 -7.60 -2.58 -14.42
N TYR A 286 -7.03 -3.32 -15.38
CA TYR A 286 -5.59 -3.35 -15.58
C TYR A 286 -5.26 -3.00 -17.03
N SER A 287 -4.09 -2.40 -17.22
CA SER A 287 -3.53 -2.14 -18.54
C SER A 287 -2.21 -2.88 -18.64
N ILE A 288 -2.14 -3.84 -19.55
CA ILE A 288 -0.98 -4.72 -19.68
C ILE A 288 -0.36 -4.49 -21.04
N MET A 289 0.85 -3.93 -21.05
CA MET A 289 1.61 -3.79 -22.29
C MET A 289 1.85 -5.16 -22.91
N CYS A 290 1.59 -5.28 -24.20
CA CYS A 290 1.58 -6.60 -24.85
C CYS A 290 2.69 -6.75 -25.88
N ILE A 291 2.75 -5.89 -26.90
CA ILE A 291 3.59 -6.17 -28.06
C ILE A 291 3.76 -4.92 -28.89
N ILE A 292 4.92 -4.79 -29.52
CA ILE A 292 5.15 -3.85 -30.62
C ILE A 292 5.68 -4.67 -31.78
N LYS A 293 4.91 -4.76 -32.86
CA LYS A 293 5.29 -5.58 -33.99
C LYS A 293 4.57 -5.07 -35.23
N GLU A 294 5.32 -4.84 -36.31
CA GLU A 294 4.75 -4.47 -37.61
C GLU A 294 4.01 -3.14 -37.53
N GLU A 295 4.66 -2.15 -36.93
CA GLU A 295 4.19 -0.77 -36.89
C GLU A 295 2.86 -0.61 -36.15
N VAL A 296 2.55 -1.51 -35.23
CA VAL A 296 1.38 -1.35 -34.37
C VAL A 296 1.76 -1.66 -32.93
N LEU A 297 1.37 -0.76 -32.04
CA LEU A 297 1.53 -0.93 -30.60
C LEU A 297 0.21 -1.42 -30.03
N ALA A 298 0.28 -2.46 -29.20
CA ALA A 298 -0.92 -3.06 -28.63
C ALA A 298 -0.72 -3.33 -27.16
N TYR A 299 -1.71 -2.97 -26.36
CA TYR A 299 -1.75 -3.33 -24.94
C TYR A 299 -3.15 -3.83 -24.60
N VAL A 300 -3.22 -4.70 -23.61
CA VAL A 300 -4.46 -5.35 -23.22
C VAL A 300 -5.02 -4.64 -21.99
N VAL A 301 -6.28 -4.25 -22.07
CA VAL A 301 -7.01 -3.69 -20.93
C VAL A 301 -7.94 -4.78 -20.40
N GLN A 302 -7.72 -5.19 -19.16
CA GLN A 302 -8.50 -6.24 -18.52
C GLN A 302 -9.60 -5.57 -17.72
N LEU A 303 -10.83 -5.71 -18.18
CA LEU A 303 -11.96 -5.00 -17.59
C LEU A 303 -12.78 -5.91 -16.69
N PRO A 304 -13.27 -5.39 -15.57
CA PRO A 304 -14.07 -6.21 -14.65
C PRO A 304 -15.40 -6.62 -15.25
N LEU A 305 -15.85 -7.80 -14.85
CA LEU A 305 -17.19 -8.30 -15.16
C LEU A 305 -17.98 -8.43 -13.87
N TYR A 306 -19.04 -7.64 -13.73
CA TYR A 306 -19.87 -7.66 -12.53
C TYR A 306 -21.03 -8.60 -12.74
N GLY A 307 -20.84 -9.87 -12.38
CA GLY A 307 -21.85 -10.88 -12.63
C GLY A 307 -22.97 -10.94 -11.60
N VAL A 308 -22.71 -10.54 -10.36
CA VAL A 308 -23.71 -10.60 -9.29
C VAL A 308 -24.00 -9.17 -8.86
N ILE A 309 -25.17 -8.66 -9.23
CA ILE A 309 -25.51 -7.25 -9.03
C ILE A 309 -26.87 -7.16 -8.37
N ASP A 310 -27.07 -6.06 -7.61
CA ASP A 310 -28.35 -5.65 -7.05
C ASP A 310 -28.87 -6.61 -5.98
N THR A 311 -28.00 -7.38 -5.36
CA THR A 311 -28.41 -8.20 -4.23
C THR A 311 -28.11 -7.47 -2.92
N PRO A 312 -28.82 -7.80 -1.84
CA PRO A 312 -28.58 -7.12 -0.56
C PRO A 312 -27.16 -7.33 -0.05
N CYS A 313 -26.56 -6.25 0.46
CA CYS A 313 -25.26 -6.29 1.11
C CYS A 313 -25.39 -5.63 2.48
N TRP A 314 -24.56 -6.09 3.42
CA TRP A 314 -24.54 -5.46 4.74
C TRP A 314 -23.12 -5.49 5.27
N LYS A 315 -22.81 -4.51 6.12
CA LYS A 315 -21.48 -4.35 6.69
C LYS A 315 -21.52 -4.56 8.20
N LEU A 316 -20.63 -5.39 8.69
CA LEU A 316 -20.53 -5.72 10.11
C LEU A 316 -19.38 -4.92 10.71
N HIS A 317 -19.68 -4.17 11.77
CA HIS A 317 -18.67 -3.45 12.54
C HIS A 317 -18.59 -4.07 13.94
N THR A 318 -17.38 -4.39 14.39
CA THR A 318 -17.17 -4.99 15.69
C THR A 318 -16.14 -4.19 16.48
N SER A 319 -16.30 -4.22 17.79
CA SER A 319 -15.40 -3.55 18.73
C SER A 319 -15.21 -4.45 19.93
N PRO A 320 -14.08 -4.33 20.63
CA PRO A 320 -13.83 -5.19 21.79
C PRO A 320 -14.87 -5.01 22.88
N LEU A 321 -15.23 -6.13 23.51
CA LEU A 321 -16.20 -6.16 24.60
C LEU A 321 -15.50 -6.73 25.83
N CYS A 322 -15.35 -5.92 26.86
CA CYS A 322 -14.59 -6.29 28.05
C CYS A 322 -15.43 -6.12 29.31
N THR A 323 -14.97 -6.76 30.39
CA THR A 323 -15.51 -6.49 31.71
C THR A 323 -14.93 -5.19 32.25
N THR A 324 -15.58 -4.65 33.27
CA THR A 324 -15.31 -3.29 33.74
C THR A 324 -14.91 -3.29 35.22
N ASN A 325 -14.02 -4.19 35.60
CA ASN A 325 -13.48 -4.19 36.95
C ASN A 325 -12.43 -3.10 37.11
N THR A 326 -12.37 -2.51 38.32
CA THR A 326 -11.49 -1.38 38.56
C THR A 326 -10.01 -1.75 38.56
N LYS A 327 -9.67 -2.99 38.94
CA LYS A 327 -8.28 -3.42 38.91
C LYS A 327 -7.79 -3.53 37.48
N GLU A 328 -6.51 -3.19 37.27
CA GLU A 328 -6.00 -2.93 35.93
C GLU A 328 -6.05 -4.17 35.05
N GLY A 329 -5.48 -5.28 35.53
CA GLY A 329 -5.33 -6.47 34.70
C GLY A 329 -6.28 -7.59 35.04
N SER A 330 -7.44 -7.26 35.62
CA SER A 330 -8.40 -8.25 36.09
C SER A 330 -9.58 -8.41 35.14
N ASN A 331 -9.46 -7.93 33.91
CA ASN A 331 -10.57 -7.92 32.97
C ASN A 331 -10.30 -8.86 31.80
N ILE A 332 -11.36 -9.49 31.32
CA ILE A 332 -11.32 -10.34 30.13
C ILE A 332 -12.06 -9.64 29.01
N CYS A 333 -11.64 -9.90 27.78
CA CYS A 333 -12.20 -9.26 26.60
C CYS A 333 -12.51 -10.31 25.53
N LEU A 334 -13.49 -9.98 24.68
CA LEU A 334 -13.71 -10.71 23.45
C LEU A 334 -14.13 -9.73 22.36
N THR A 335 -13.77 -10.06 21.13
CA THR A 335 -14.14 -9.28 19.96
C THR A 335 -14.59 -10.24 18.86
N ARG A 336 -15.68 -9.89 18.18
CA ARG A 336 -16.06 -10.63 16.99
C ARG A 336 -15.09 -10.29 15.85
N THR A 337 -14.53 -11.32 15.23
CA THR A 337 -13.49 -11.13 14.23
C THR A 337 -14.03 -11.18 12.80
N ASP A 338 -15.32 -11.45 12.63
CA ASP A 338 -15.92 -11.62 11.30
C ASP A 338 -16.41 -10.28 10.71
N ARG A 339 -15.77 -9.18 11.08
CA ARG A 339 -16.12 -7.87 10.53
C ARG A 339 -15.81 -7.79 9.04
N GLY A 340 -16.61 -7.03 8.32
CA GLY A 340 -16.39 -6.83 6.90
C GLY A 340 -17.70 -6.70 6.17
N TRP A 341 -17.65 -6.91 4.86
CA TRP A 341 -18.81 -6.83 3.99
C TRP A 341 -19.38 -8.21 3.73
N TYR A 342 -20.71 -8.29 3.68
CA TYR A 342 -21.44 -9.50 3.35
C TYR A 342 -22.46 -9.17 2.27
N CYS A 343 -22.49 -9.97 1.21
CA CYS A 343 -23.53 -9.85 0.20
C CYS A 343 -24.12 -11.20 -0.17
N ASP A 344 -25.42 -11.19 -0.42
CA ASP A 344 -26.12 -12.39 -0.84
C ASP A 344 -25.71 -12.77 -2.25
N ASN A 345 -25.41 -14.04 -2.45
CA ASN A 345 -24.90 -14.53 -3.73
C ASN A 345 -25.50 -15.90 -3.99
N ALA A 346 -26.49 -15.94 -4.88
CA ALA A 346 -27.28 -17.14 -5.17
C ALA A 346 -27.92 -17.58 -3.85
N GLY A 347 -27.64 -18.78 -3.37
CA GLY A 347 -28.19 -19.19 -2.09
C GLY A 347 -27.21 -19.07 -0.94
N SER A 348 -26.12 -18.34 -1.16
CA SER A 348 -25.08 -18.21 -0.14
C SER A 348 -24.71 -16.75 0.09
N VAL A 349 -23.68 -16.52 0.91
CA VAL A 349 -23.20 -15.20 1.24
C VAL A 349 -21.74 -15.08 0.84
N SER A 350 -21.40 -13.95 0.22
CA SER A 350 -20.02 -13.60 -0.07
C SER A 350 -19.52 -12.72 1.07
N PHE A 351 -18.45 -13.16 1.73
CA PHE A 351 -17.84 -12.44 2.84
C PHE A 351 -16.52 -11.82 2.40
N PHE A 352 -16.36 -10.53 2.70
CA PHE A 352 -15.16 -9.79 2.31
C PHE A 352 -14.50 -9.23 3.57
N PRO A 353 -13.59 -9.98 4.20
CA PRO A 353 -13.01 -9.52 5.48
C PRO A 353 -12.21 -8.23 5.37
N GLN A 354 -11.62 -7.93 4.23
CA GLN A 354 -10.73 -6.78 4.10
C GLN A 354 -11.51 -5.52 3.71
N ALA A 355 -10.85 -4.38 3.86
CA ALA A 355 -11.45 -3.08 3.57
C ALA A 355 -11.03 -2.50 2.24
N GLU A 356 -9.93 -2.97 1.66
CA GLU A 356 -9.51 -2.52 0.34
C GLU A 356 -10.33 -3.17 -0.76
N THR A 357 -10.76 -4.43 -0.56
CA THR A 357 -11.43 -5.19 -1.59
C THR A 357 -12.77 -4.60 -2.01
N CYS A 358 -13.40 -3.77 -1.18
CA CYS A 358 -14.75 -3.29 -1.45
C CYS A 358 -14.75 -1.78 -1.53
N LYS A 359 -15.27 -1.25 -2.63
CA LYS A 359 -15.44 0.18 -2.84
C LYS A 359 -16.92 0.51 -2.83
N VAL A 360 -17.30 1.51 -2.03
CA VAL A 360 -18.69 1.90 -1.88
C VAL A 360 -18.89 3.22 -2.61
N GLN A 361 -19.67 3.17 -3.69
CA GLN A 361 -19.98 4.34 -4.48
C GLN A 361 -21.45 4.66 -4.25
N SER A 362 -21.71 5.67 -3.40
CA SER A 362 -23.06 6.02 -2.98
C SER A 362 -23.64 4.80 -2.27
N ASN A 363 -24.68 4.18 -2.80
CA ASN A 363 -25.38 3.07 -2.17
C ASN A 363 -24.90 1.71 -2.67
N ARG A 364 -24.08 1.69 -3.71
CA ARG A 364 -23.65 0.46 -4.36
C ARG A 364 -22.26 0.06 -3.87
N VAL A 365 -22.09 -1.22 -3.57
CA VAL A 365 -20.85 -1.75 -2.99
C VAL A 365 -20.17 -2.59 -4.07
N PHE A 366 -18.97 -2.20 -4.47
CA PHE A 366 -18.20 -2.89 -5.49
C PHE A 366 -17.15 -3.75 -4.79
N CYS A 367 -17.41 -5.05 -4.72
CA CYS A 367 -16.56 -5.99 -4.01
C CYS A 367 -15.98 -7.01 -4.99
N ASP A 368 -14.68 -7.26 -4.88
CA ASP A 368 -14.00 -8.21 -5.74
C ASP A 368 -14.13 -9.60 -5.11
N THR A 369 -14.62 -10.56 -5.90
CA THR A 369 -14.89 -11.90 -5.38
C THR A 369 -13.62 -12.70 -5.15
N MET A 370 -12.48 -12.27 -5.69
CA MET A 370 -11.22 -12.96 -5.43
C MET A 370 -10.84 -12.90 -3.94
N ASN A 371 -11.06 -11.75 -3.31
CA ASN A 371 -10.73 -11.57 -1.90
C ASN A 371 -11.99 -11.79 -1.04
N SER A 372 -12.59 -12.95 -1.21
CA SER A 372 -13.86 -13.25 -0.55
C SER A 372 -13.93 -14.72 -0.17
N LEU A 373 -14.80 -15.00 0.80
CA LEU A 373 -15.13 -16.34 1.23
C LEU A 373 -16.59 -16.62 0.93
N THR A 374 -16.88 -17.87 0.58
CA THR A 374 -18.25 -18.33 0.36
C THR A 374 -18.75 -18.99 1.63
N LEU A 375 -19.84 -18.47 2.18
CA LEU A 375 -20.37 -18.95 3.45
C LEU A 375 -21.86 -19.23 3.31
N PRO A 376 -22.39 -20.15 4.12
CA PRO A 376 -23.84 -20.37 4.12
C PRO A 376 -24.59 -19.15 4.63
N SER A 377 -25.87 -19.06 4.27
CA SER A 377 -26.69 -17.95 4.69
C SER A 377 -26.89 -17.91 6.21
N GLU A 378 -26.57 -19.02 6.89
CA GLU A 378 -26.71 -19.10 8.34
C GLU A 378 -25.69 -18.25 9.09
N VAL A 379 -24.69 -17.69 8.39
CA VAL A 379 -23.72 -16.82 9.03
C VAL A 379 -24.39 -15.57 9.60
N ASN A 380 -25.52 -15.16 9.03
CA ASN A 380 -26.22 -13.97 9.53
C ASN A 380 -26.87 -14.22 10.89
N LEU A 381 -27.01 -15.48 11.29
CA LEU A 381 -27.57 -15.79 12.61
C LEU A 381 -26.71 -15.27 13.75
N CYS A 382 -25.42 -15.03 13.50
CA CYS A 382 -24.54 -14.51 14.54
C CYS A 382 -24.89 -13.08 14.92
N ASN A 383 -25.49 -12.32 14.00
CA ASN A 383 -25.86 -10.94 14.31
C ASN A 383 -27.04 -10.89 15.27
N VAL A 384 -27.98 -11.82 15.15
CA VAL A 384 -29.17 -11.81 15.99
C VAL A 384 -29.06 -12.76 17.19
N ASP A 385 -28.19 -13.76 17.12
CA ASP A 385 -27.98 -14.67 18.25
C ASP A 385 -26.58 -15.26 18.12
N ILE A 386 -25.64 -14.75 18.91
CA ILE A 386 -24.26 -15.22 18.83
C ILE A 386 -24.14 -16.66 19.31
N PHE A 387 -25.11 -17.15 20.07
CA PHE A 387 -25.05 -18.47 20.68
C PHE A 387 -25.90 -19.50 19.94
N ASN A 388 -26.30 -19.19 18.71
CA ASN A 388 -27.12 -20.09 17.92
C ASN A 388 -26.34 -21.35 17.55
N PRO A 389 -27.02 -22.50 17.44
CA PRO A 389 -26.31 -23.75 17.15
C PRO A 389 -26.03 -23.99 15.68
N LYS A 390 -26.72 -23.28 14.77
CA LYS A 390 -26.53 -23.53 13.34
C LYS A 390 -25.16 -23.08 12.85
N TYR A 391 -24.66 -21.95 13.33
CA TYR A 391 -23.39 -21.41 12.87
C TYR A 391 -22.49 -21.08 14.06
N ASP A 392 -21.20 -21.35 13.91
CA ASP A 392 -20.21 -21.08 14.96
C ASP A 392 -19.58 -19.72 14.69
N CYS A 393 -19.88 -18.74 15.54
CA CYS A 393 -19.43 -17.38 15.34
C CYS A 393 -17.98 -17.20 15.77
N LYS A 394 -17.22 -16.51 14.92
CA LYS A 394 -15.79 -16.34 15.15
C LYS A 394 -15.52 -15.18 16.11
N ILE A 395 -14.72 -15.45 17.14
CA ILE A 395 -14.36 -14.45 18.14
C ILE A 395 -12.88 -14.56 18.45
N MET A 396 -12.34 -13.50 19.04
CA MET A 396 -11.00 -13.49 19.60
C MET A 396 -11.09 -12.99 21.04
N THR A 397 -10.23 -13.54 21.89
CA THR A 397 -10.22 -13.23 23.31
C THR A 397 -8.86 -12.70 23.71
N SER A 398 -8.84 -11.80 24.70
CA SER A 398 -7.61 -11.22 25.19
C SER A 398 -7.83 -10.69 26.60
N LYS A 399 -6.79 -10.02 27.11
CA LYS A 399 -6.85 -9.34 28.41
C LYS A 399 -6.50 -7.87 28.29
N THR A 400 -6.31 -7.36 27.07
CA THR A 400 -5.92 -5.97 26.84
C THR A 400 -7.18 -5.14 26.65
N ASP A 401 -7.61 -4.48 27.71
CA ASP A 401 -8.81 -3.63 27.68
C ASP A 401 -8.38 -2.19 27.43
N VAL A 402 -8.12 -1.88 26.17
CA VAL A 402 -7.82 -0.53 25.76
C VAL A 402 -9.08 0.09 25.17
N SER A 403 -9.13 1.42 25.17
CA SER A 403 -10.29 2.15 24.67
C SER A 403 -10.08 2.52 23.21
N SER A 404 -11.17 2.43 22.43
CA SER A 404 -11.13 2.80 21.02
C SER A 404 -12.55 3.09 20.56
N SER A 405 -12.67 3.50 19.31
CA SER A 405 -13.97 3.74 18.69
C SER A 405 -13.96 3.18 17.29
N VAL A 406 -15.12 2.69 16.85
CA VAL A 406 -15.31 2.24 15.48
C VAL A 406 -16.43 3.09 14.89
N ILE A 407 -16.13 3.80 13.80
CA ILE A 407 -17.11 4.63 13.12
C ILE A 407 -17.85 3.75 12.13
N THR A 408 -19.15 3.64 12.31
CA THR A 408 -19.99 2.81 11.46
C THR A 408 -20.56 3.67 10.33
N SER A 409 -21.54 3.13 9.61
CA SER A 409 -22.15 3.91 8.52
C SER A 409 -23.04 5.04 9.05
N LEU A 410 -23.76 4.79 10.15
CA LEU A 410 -24.74 5.76 10.66
C LEU A 410 -24.50 6.12 12.12
N GLY A 411 -23.31 5.87 12.66
CA GLY A 411 -23.08 6.15 14.06
C GLY A 411 -21.66 5.77 14.47
N ALA A 412 -21.50 5.55 15.77
CA ALA A 412 -20.20 5.20 16.31
C ALA A 412 -20.37 4.21 17.45
N ILE A 413 -19.54 3.16 17.42
CA ILE A 413 -19.38 2.27 18.55
C ILE A 413 -18.23 2.80 19.39
N VAL A 414 -18.47 2.98 20.69
CA VAL A 414 -17.46 3.46 21.62
C VAL A 414 -17.24 2.42 22.69
N SER A 415 -16.00 1.93 22.79
CA SER A 415 -15.59 1.00 23.84
C SER A 415 -14.65 1.74 24.77
N CYS A 416 -15.14 2.11 25.94
CA CYS A 416 -14.40 2.92 26.90
C CYS A 416 -14.09 2.06 28.13
N TYR A 417 -12.80 2.00 28.50
CA TYR A 417 -12.36 1.18 29.62
C TYR A 417 -11.28 1.92 30.39
N GLY A 418 -11.20 1.62 31.69
CA GLY A 418 -10.17 2.23 32.51
C GLY A 418 -10.47 3.68 32.85
N LYS A 419 -9.44 4.50 32.87
CA LYS A 419 -9.56 5.91 33.21
C LYS A 419 -9.77 6.80 31.98
N THR A 420 -9.91 6.20 30.80
CA THR A 420 -10.06 6.98 29.58
C THR A 420 -11.39 7.73 29.57
N LYS A 421 -11.33 8.99 29.17
CA LYS A 421 -12.51 9.83 29.04
C LYS A 421 -13.08 9.70 27.63
N CYS A 422 -14.36 9.35 27.53
CA CYS A 422 -15.04 9.18 26.25
C CYS A 422 -16.30 10.03 26.22
N THR A 423 -16.43 10.85 25.19
CA THR A 423 -17.58 11.74 25.04
C THR A 423 -18.02 11.76 23.59
N ALA A 424 -19.26 12.22 23.39
CA ALA A 424 -19.80 12.51 22.07
C ALA A 424 -20.33 13.94 22.07
N SER A 425 -20.19 14.62 20.93
CA SER A 425 -20.54 16.02 20.86
C SER A 425 -20.97 16.38 19.46
N ASN A 426 -21.58 17.56 19.33
CA ASN A 426 -21.90 18.15 18.04
C ASN A 426 -21.44 19.62 18.06
N LYS A 427 -21.34 20.20 16.86
CA LYS A 427 -20.69 21.50 16.71
C LYS A 427 -21.43 22.60 17.45
N ASN A 428 -22.77 22.60 17.41
CA ASN A 428 -23.54 23.73 17.89
C ASN A 428 -23.93 23.63 19.35
N ARG A 429 -23.73 22.47 19.98
CA ARG A 429 -24.19 22.25 21.35
C ARG A 429 -23.11 21.74 22.28
N GLY A 430 -22.00 21.24 21.75
CA GLY A 430 -20.93 20.75 22.59
C GLY A 430 -21.16 19.33 23.07
N ILE A 431 -20.56 18.99 24.21
CA ILE A 431 -20.66 17.65 24.74
C ILE A 431 -22.11 17.36 25.09
N ILE A 432 -22.68 16.36 24.43
CA ILE A 432 -24.06 15.95 24.67
C ILE A 432 -24.18 14.55 25.24
N LYS A 433 -23.07 13.82 25.38
CA LYS A 433 -23.09 12.50 25.99
C LYS A 433 -21.70 12.18 26.51
N THR A 434 -21.65 11.69 27.75
CA THR A 434 -20.42 11.21 28.36
C THR A 434 -20.57 9.71 28.58
N PHE A 435 -19.66 8.94 27.99
CA PHE A 435 -19.78 7.49 28.03
C PHE A 435 -19.25 6.95 29.36
N SER A 436 -19.93 5.95 29.89
CA SER A 436 -19.43 5.17 31.00
C SER A 436 -18.58 4.01 30.48
N ASN A 437 -17.96 3.29 31.41
CA ASN A 437 -17.13 2.16 31.02
C ASN A 437 -17.97 1.05 30.39
N GLY A 438 -17.52 0.55 29.26
CA GLY A 438 -18.21 -0.49 28.53
C GLY A 438 -18.26 -0.17 27.05
N CYS A 439 -19.09 -0.91 26.33
CA CYS A 439 -19.33 -0.69 24.91
C CYS A 439 -20.70 -0.06 24.73
N ASP A 440 -20.72 1.16 24.21
CA ASP A 440 -21.96 1.88 23.98
C ASP A 440 -22.02 2.32 22.52
N TYR A 441 -23.17 2.86 22.13
CA TYR A 441 -23.42 3.32 20.77
C TYR A 441 -24.01 4.72 20.80
N VAL A 442 -23.69 5.49 19.77
CA VAL A 442 -24.35 6.77 19.55
C VAL A 442 -24.63 6.91 18.06
N SER A 443 -25.80 7.48 17.75
CA SER A 443 -26.21 7.72 16.38
C SER A 443 -25.61 9.03 15.86
N ASN A 444 -25.59 9.17 14.55
CA ASN A 444 -25.06 10.37 13.90
C ASN A 444 -26.11 11.48 13.75
N LYS A 445 -27.34 11.26 14.21
CA LYS A 445 -28.39 12.25 14.01
C LYS A 445 -28.09 13.55 14.75
N GLY A 446 -27.75 13.46 16.03
CA GLY A 446 -27.39 14.62 16.82
C GLY A 446 -25.92 14.73 17.17
N VAL A 447 -25.05 13.92 16.59
CA VAL A 447 -23.65 13.85 16.98
C VAL A 447 -22.79 14.15 15.75
N ASP A 448 -21.80 15.02 15.93
CA ASP A 448 -20.81 15.30 14.91
C ASP A 448 -19.47 14.64 15.17
N THR A 449 -19.05 14.57 16.43
CA THR A 449 -17.73 14.05 16.78
C THR A 449 -17.83 13.14 18.00
N VAL A 450 -16.88 12.22 18.08
CA VAL A 450 -16.71 11.34 19.23
C VAL A 450 -15.27 11.43 19.70
N SER A 451 -15.07 11.59 21.00
CA SER A 451 -13.76 11.69 21.61
C SER A 451 -13.53 10.45 22.47
N VAL A 452 -12.42 9.76 22.24
CA VAL A 452 -11.99 8.64 23.08
C VAL A 452 -10.54 8.94 23.47
N GLY A 453 -10.33 9.31 24.72
CA GLY A 453 -8.99 9.63 25.17
C GLY A 453 -8.43 10.82 24.41
N ASN A 454 -7.30 10.61 23.73
CA ASN A 454 -6.61 11.68 23.03
C ASN A 454 -6.97 11.81 21.56
N THR A 455 -7.86 10.96 21.03
CA THR A 455 -8.20 11.00 19.61
C THR A 455 -9.64 11.44 19.41
N LEU A 456 -9.86 12.25 18.38
CA LEU A 456 -11.18 12.73 18.01
C LEU A 456 -11.61 12.09 16.69
N TYR A 457 -12.83 11.56 16.67
CA TYR A 457 -13.39 10.93 15.47
C TYR A 457 -14.54 11.78 14.94
N TYR A 458 -14.52 12.06 13.64
CA TYR A 458 -15.69 12.58 12.96
C TYR A 458 -16.56 11.42 12.49
N VAL A 459 -17.86 11.53 12.72
CA VAL A 459 -18.78 10.48 12.31
C VAL A 459 -19.29 10.79 10.91
N ASN A 460 -19.68 9.73 10.19
CA ASN A 460 -20.31 9.91 8.90
C ASN A 460 -21.67 10.57 9.06
N LYS A 461 -21.97 11.54 8.18
CA LYS A 461 -23.20 12.29 8.24
C LYS A 461 -24.24 11.80 7.23
N GLN A 462 -24.12 10.55 6.78
CA GLN A 462 -25.11 9.95 5.89
C GLN A 462 -26.46 9.83 6.59
N GLU A 463 -27.53 10.04 5.83
CA GLU A 463 -28.88 9.92 6.34
C GLU A 463 -29.29 8.45 6.45
N GLY A 464 -29.99 8.13 7.51
CA GLY A 464 -30.47 6.78 7.74
C GLY A 464 -30.96 6.60 9.16
N LYS A 465 -31.70 5.51 9.36
CA LYS A 465 -32.29 5.18 10.65
C LYS A 465 -31.39 4.19 11.39
N SER A 466 -31.16 4.45 12.67
CA SER A 466 -30.39 3.56 13.53
C SER A 466 -31.29 2.94 14.59
N LEU A 467 -30.97 1.72 14.99
CA LEU A 467 -31.71 1.01 16.02
C LEU A 467 -30.74 0.50 17.08
N TYR A 468 -31.05 0.79 18.34
CA TYR A 468 -30.30 0.29 19.48
C TYR A 468 -31.01 -0.93 20.02
N VAL A 469 -30.37 -2.09 19.96
CA VAL A 469 -30.93 -3.35 20.45
C VAL A 469 -30.28 -3.62 21.81
N LYS A 470 -31.04 -3.39 22.87
CA LYS A 470 -30.51 -3.58 24.22
C LYS A 470 -30.35 -5.07 24.53
N GLY A 471 -29.26 -5.38 25.22
CA GLY A 471 -28.98 -6.73 25.65
C GLY A 471 -27.77 -6.76 26.56
N GLU A 472 -27.70 -7.75 27.43
CA GLU A 472 -26.60 -7.82 28.39
C GLU A 472 -25.37 -8.39 27.71
N PRO A 473 -24.21 -7.73 27.80
CA PRO A 473 -23.02 -8.20 27.09
C PRO A 473 -22.66 -9.63 27.48
N ILE A 474 -22.31 -10.43 26.46
CA ILE A 474 -22.04 -11.85 26.67
C ILE A 474 -20.72 -12.11 27.38
N ILE A 475 -19.87 -11.10 27.53
CA ILE A 475 -18.64 -11.27 28.30
C ILE A 475 -18.94 -11.53 29.77
N ASN A 476 -20.12 -11.12 30.24
CA ASN A 476 -20.51 -11.33 31.63
C ASN A 476 -20.91 -12.76 31.93
N PHE A 477 -21.11 -13.60 30.91
CA PHE A 477 -21.50 -14.99 31.11
C PHE A 477 -20.31 -15.89 31.42
N TYR A 478 -19.09 -15.38 31.41
CA TYR A 478 -17.89 -16.18 31.49
C TYR A 478 -17.27 -16.07 32.87
N ASP A 479 -16.86 -17.21 33.42
CA ASP A 479 -16.12 -17.21 34.67
C ASP A 479 -14.66 -16.85 34.39
N PRO A 480 -14.14 -15.77 34.97
CA PRO A 480 -12.79 -15.32 34.62
C PRO A 480 -11.69 -16.32 34.99
N LEU A 481 -11.95 -17.23 35.93
CA LEU A 481 -10.90 -18.15 36.37
C LEU A 481 -10.58 -19.18 35.30
N VAL A 482 -11.57 -19.59 34.51
CA VAL A 482 -11.38 -20.61 33.49
C VAL A 482 -11.48 -20.03 32.08
N PHE A 483 -11.51 -18.71 31.95
CA PHE A 483 -11.67 -18.09 30.64
C PHE A 483 -10.36 -18.17 29.85
N PRO A 484 -10.39 -18.71 28.62
CA PRO A 484 -9.21 -18.64 27.75
C PRO A 484 -9.11 -17.27 27.09
N SER A 485 -8.06 -16.54 27.42
CA SER A 485 -7.91 -15.14 27.01
C SER A 485 -6.64 -14.92 26.20
N ASP A 486 -6.30 -15.88 25.34
CA ASP A 486 -5.14 -15.75 24.47
C ASP A 486 -5.40 -16.31 23.08
N GLU A 487 -6.62 -16.12 22.55
CA GLU A 487 -7.03 -16.72 21.28
C GLU A 487 -7.18 -15.64 20.22
N PHE A 488 -6.47 -15.80 19.10
CA PHE A 488 -6.66 -14.93 17.95
C PHE A 488 -7.77 -15.43 17.04
N ASP A 489 -7.85 -16.74 16.82
CA ASP A 489 -8.71 -17.29 15.79
C ASP A 489 -9.66 -18.32 16.38
N ALA A 490 -10.31 -17.97 17.48
CA ALA A 490 -11.22 -18.90 18.14
C ALA A 490 -12.65 -18.68 17.65
N SER A 491 -13.59 -19.36 18.29
CA SER A 491 -15.01 -19.19 18.01
C SER A 491 -15.76 -19.44 19.30
N ILE A 492 -17.08 -19.28 19.25
CA ILE A 492 -17.91 -19.50 20.43
C ILE A 492 -17.79 -20.94 20.90
N SER A 493 -17.88 -21.88 19.95
CA SER A 493 -17.77 -23.29 20.31
C SER A 493 -16.38 -23.65 20.80
N GLN A 494 -15.34 -23.13 20.13
CA GLN A 494 -13.96 -23.45 20.52
C GLN A 494 -13.66 -22.95 21.92
N VAL A 495 -14.09 -21.74 22.25
CA VAL A 495 -13.91 -21.22 23.61
C VAL A 495 -14.68 -22.07 24.60
N ASN A 496 -15.87 -22.54 24.21
CA ASN A 496 -16.67 -23.37 25.10
C ASN A 496 -16.03 -24.73 25.36
N GLU A 497 -15.39 -25.32 24.36
CA GLU A 497 -14.67 -26.57 24.57
C GLU A 497 -13.55 -26.40 25.58
N LYS A 498 -12.81 -25.29 25.49
CA LYS A 498 -11.74 -25.05 26.45
C LYS A 498 -12.30 -24.78 27.84
N ILE A 499 -13.50 -24.19 27.92
CA ILE A 499 -14.12 -23.89 29.20
C ILE A 499 -14.59 -25.19 29.88
N ASN A 500 -15.20 -26.10 29.11
CA ASN A 500 -15.69 -27.35 29.69
C ASN A 500 -14.56 -28.32 30.02
N GLN A 501 -13.37 -28.08 29.49
CA GLN A 501 -12.24 -28.98 29.72
C GLN A 501 -11.53 -28.64 31.02
N SER A 502 -11.18 -27.36 31.19
CA SER A 502 -10.55 -26.92 32.43
C SER A 502 -11.50 -27.08 33.62
N LEU A 503 -12.80 -26.84 33.41
CA LEU A 503 -13.77 -27.12 34.45
C LEU A 503 -13.78 -28.59 34.81
N ALA A 504 -13.56 -29.47 33.83
CA ALA A 504 -13.49 -30.90 34.10
C ALA A 504 -12.22 -31.26 34.87
N PHE A 505 -11.09 -30.63 34.52
CA PHE A 505 -9.84 -30.93 35.21
C PHE A 505 -9.93 -30.61 36.69
N ILE A 506 -10.50 -29.45 37.03
CA ILE A 506 -10.62 -29.08 38.44
C ILE A 506 -11.71 -29.91 39.12
N ARG A 507 -12.76 -30.28 38.38
CA ARG A 507 -13.82 -31.08 38.97
C ARG A 507 -13.39 -32.52 39.17
N LYS A 508 -12.67 -33.08 38.20
CA LYS A 508 -12.21 -34.46 38.32
C LYS A 508 -11.23 -34.60 39.49
N SER A 509 -10.32 -33.64 39.64
CA SER A 509 -9.38 -33.67 40.76
C SER A 509 -10.10 -33.44 42.09
N ASP A 510 -11.14 -32.59 42.08
CA ASP A 510 -11.87 -32.31 43.32
C ASP A 510 -12.53 -33.56 43.87
N GLU A 511 -13.16 -34.35 42.99
CA GLU A 511 -13.76 -35.61 43.43
C GLU A 511 -12.70 -36.66 43.72
N LEU A 512 -11.62 -36.68 42.92
CA LEU A 512 -10.55 -37.64 43.14
C LEU A 512 -9.87 -37.41 44.49
N LEU A 513 -9.63 -36.15 44.84
CA LEU A 513 -8.99 -35.82 46.11
C LEU A 513 -9.96 -36.04 47.27
N GLU B 1 -37.27 -27.67 -3.90
CA GLU B 1 -38.23 -27.10 -2.97
C GLU B 1 -38.80 -25.79 -3.49
N VAL B 2 -38.36 -25.41 -4.70
CA VAL B 2 -38.86 -24.18 -5.32
C VAL B 2 -40.26 -24.42 -5.88
N GLN B 3 -41.19 -23.53 -5.55
CA GLN B 3 -42.57 -23.59 -6.03
C GLN B 3 -42.96 -22.19 -6.49
N VAL B 4 -42.70 -21.90 -7.76
CA VAL B 4 -43.17 -20.65 -8.36
C VAL B 4 -44.48 -20.91 -9.09
N VAL B 5 -45.52 -20.17 -8.72
CA VAL B 5 -46.86 -20.40 -9.23
C VAL B 5 -47.46 -19.07 -9.67
N GLU B 6 -48.12 -19.08 -10.83
CA GLU B 6 -48.76 -17.88 -11.35
C GLU B 6 -50.27 -17.95 -11.17
N SER B 7 -50.90 -16.78 -11.25
CA SER B 7 -52.34 -16.65 -11.14
C SER B 7 -52.74 -15.29 -11.70
N GLY B 8 -54.04 -15.13 -11.96
CA GLY B 8 -54.57 -13.85 -12.37
C GLY B 8 -54.76 -13.65 -13.86
N GLY B 9 -54.63 -14.69 -14.66
CA GLY B 9 -54.79 -14.60 -16.11
C GLY B 9 -56.06 -15.30 -16.56
N GLY B 10 -56.78 -14.65 -17.48
CA GLY B 10 -58.02 -15.19 -18.01
C GLY B 10 -58.29 -14.71 -19.41
N LEU B 11 -59.56 -14.43 -19.71
CA LEU B 11 -59.97 -13.92 -21.00
C LEU B 11 -60.35 -12.46 -20.87
N VAL B 12 -59.81 -11.62 -21.73
CA VAL B 12 -60.05 -10.18 -21.71
C VAL B 12 -60.25 -9.70 -23.14
N LYS B 13 -61.19 -8.77 -23.32
CA LYS B 13 -61.40 -8.15 -24.62
C LYS B 13 -60.19 -7.33 -25.02
N PRO B 14 -59.96 -7.13 -26.32
CA PRO B 14 -58.85 -6.28 -26.76
C PRO B 14 -58.97 -4.88 -26.19
N GLY B 15 -57.83 -4.31 -25.78
CA GLY B 15 -57.80 -3.03 -25.13
C GLY B 15 -57.96 -3.09 -23.62
N GLY B 16 -58.23 -4.27 -23.07
CA GLY B 16 -58.38 -4.44 -21.63
C GLY B 16 -57.04 -4.60 -20.95
N SER B 17 -57.11 -5.01 -19.68
CA SER B 17 -55.90 -5.11 -18.88
C SER B 17 -56.03 -6.28 -17.91
N LEU B 18 -54.88 -6.84 -17.54
CA LEU B 18 -54.79 -7.86 -16.50
C LEU B 18 -53.61 -7.56 -15.60
N ARG B 19 -53.53 -8.29 -14.49
CA ARG B 19 -52.39 -8.25 -13.59
C ARG B 19 -52.05 -9.68 -13.20
N LEU B 20 -50.90 -10.18 -13.66
CA LEU B 20 -50.45 -11.50 -13.27
C LEU B 20 -49.67 -11.41 -11.96
N SER B 21 -49.68 -12.49 -11.21
CA SER B 21 -48.92 -12.60 -9.98
C SER B 21 -48.22 -13.94 -9.97
N CYS B 22 -46.94 -13.94 -9.59
CA CYS B 22 -46.17 -15.17 -9.45
C CYS B 22 -45.55 -15.17 -8.05
N ALA B 23 -45.79 -16.23 -7.30
CA ALA B 23 -45.36 -16.33 -5.91
C ALA B 23 -44.33 -17.43 -5.76
N ALA B 24 -43.24 -17.12 -5.06
CA ALA B 24 -42.13 -18.04 -4.87
C ALA B 24 -42.03 -18.44 -3.41
N SER B 25 -41.56 -19.67 -3.17
CA SER B 25 -41.64 -20.17 -1.80
C SER B 25 -40.32 -20.70 -1.25
N GLY B 26 -39.50 -21.35 -2.07
CA GLY B 26 -38.38 -22.09 -1.53
C GLY B 26 -36.98 -21.63 -1.88
N PHE B 27 -36.76 -20.32 -1.93
CA PHE B 27 -35.43 -19.78 -2.21
C PHE B 27 -35.39 -18.32 -1.77
N PRO B 28 -34.19 -17.75 -1.58
CA PRO B 28 -34.09 -16.33 -1.21
C PRO B 28 -34.45 -15.39 -2.35
N PHE B 29 -35.73 -15.03 -2.42
CA PHE B 29 -36.26 -14.22 -3.51
C PHE B 29 -35.43 -12.98 -3.78
N SER B 30 -34.99 -12.29 -2.72
CA SER B 30 -34.33 -10.99 -2.84
C SER B 30 -32.98 -11.06 -3.52
N SER B 31 -32.41 -12.24 -3.75
CA SER B 31 -31.10 -12.36 -4.36
C SER B 31 -31.17 -12.94 -5.78
N TYR B 32 -32.34 -12.89 -6.41
CA TYR B 32 -32.52 -13.47 -7.72
C TYR B 32 -33.28 -12.52 -8.64
N LYS B 33 -32.79 -12.40 -9.87
CA LYS B 33 -33.53 -11.68 -10.90
C LYS B 33 -34.69 -12.54 -11.41
N MET B 34 -35.81 -11.91 -11.70
CA MET B 34 -37.02 -12.59 -12.13
C MET B 34 -37.43 -12.12 -13.51
N ASP B 35 -38.02 -13.03 -14.29
CA ASP B 35 -38.35 -12.79 -15.68
C ASP B 35 -39.76 -13.28 -15.99
N TRP B 36 -40.35 -12.71 -17.04
CA TRP B 36 -41.59 -13.20 -17.62
C TRP B 36 -41.29 -13.69 -19.04
N VAL B 37 -41.70 -14.91 -19.35
CA VAL B 37 -41.56 -15.48 -20.69
C VAL B 37 -42.92 -15.99 -21.13
N ARG B 38 -43.32 -15.65 -22.35
CA ARG B 38 -44.61 -16.05 -22.89
C ARG B 38 -44.41 -16.88 -24.15
N GLN B 39 -45.36 -17.77 -24.41
CA GLN B 39 -45.28 -18.63 -25.58
C GLN B 39 -46.68 -18.75 -26.17
N ALA B 40 -46.86 -18.23 -27.38
CA ALA B 40 -48.15 -18.28 -28.05
C ALA B 40 -48.46 -19.71 -28.48
N PRO B 41 -49.74 -20.05 -28.61
CA PRO B 41 -50.11 -21.43 -28.99
C PRO B 41 -49.49 -21.85 -30.31
N GLY B 42 -48.71 -22.93 -30.26
CA GLY B 42 -48.08 -23.48 -31.44
C GLY B 42 -46.85 -22.74 -31.92
N LYS B 43 -46.28 -21.87 -31.08
CA LYS B 43 -45.13 -21.06 -31.45
C LYS B 43 -44.06 -21.25 -30.38
N GLY B 44 -43.00 -20.44 -30.47
CA GLY B 44 -41.86 -20.56 -29.59
C GLY B 44 -41.94 -19.65 -28.39
N LEU B 45 -40.86 -19.62 -27.62
CA LEU B 45 -40.74 -18.79 -26.44
C LEU B 45 -40.32 -17.38 -26.82
N GLU B 46 -40.91 -16.40 -26.13
CA GLU B 46 -40.54 -15.00 -26.30
C GLU B 46 -40.31 -14.39 -24.93
N TRP B 47 -39.14 -13.78 -24.74
CA TRP B 47 -38.86 -13.07 -23.50
C TRP B 47 -39.69 -11.79 -23.44
N VAL B 48 -40.29 -11.54 -22.28
CA VAL B 48 -41.22 -10.42 -22.08
C VAL B 48 -40.55 -9.29 -21.31
N SER B 49 -40.12 -9.55 -20.08
CA SER B 49 -39.59 -8.52 -19.23
C SER B 49 -38.71 -9.15 -18.16
N SER B 50 -37.90 -8.31 -17.52
CA SER B 50 -37.05 -8.75 -16.42
C SER B 50 -36.95 -7.62 -15.39
N ILE B 51 -36.72 -8.01 -14.14
CA ILE B 51 -36.50 -7.05 -13.05
C ILE B 51 -35.38 -7.62 -12.17
N SER B 52 -34.43 -6.76 -11.80
CA SER B 52 -33.29 -7.20 -11.02
C SER B 52 -33.72 -7.62 -9.62
N ALA B 53 -32.75 -8.10 -8.85
CA ALA B 53 -33.04 -8.67 -7.53
C ALA B 53 -33.69 -7.65 -6.59
N SER B 54 -33.24 -6.41 -6.63
CA SER B 54 -33.80 -5.36 -5.78
C SER B 54 -34.64 -4.35 -6.55
N GLY B 55 -34.93 -4.62 -7.82
CA GLY B 55 -35.79 -3.75 -8.60
C GLY B 55 -35.14 -2.53 -9.20
N SER B 56 -33.81 -2.42 -9.13
CA SER B 56 -33.13 -1.25 -9.67
C SER B 56 -33.14 -1.23 -11.19
N TYR B 57 -33.12 -2.39 -11.83
CA TYR B 57 -33.02 -2.48 -13.28
C TYR B 57 -34.22 -3.24 -13.82
N ILE B 58 -34.89 -2.66 -14.82
CA ILE B 58 -36.08 -3.23 -15.40
C ILE B 58 -35.94 -3.18 -16.91
N ASN B 59 -36.22 -4.31 -17.58
CA ASN B 59 -36.04 -4.41 -19.02
C ASN B 59 -37.32 -4.94 -19.66
N TYR B 60 -37.63 -4.44 -20.86
CA TYR B 60 -38.80 -4.85 -21.61
C TYR B 60 -38.42 -5.16 -23.04
N ALA B 61 -39.11 -6.13 -23.62
CA ALA B 61 -39.06 -6.30 -25.07
C ALA B 61 -39.82 -5.17 -25.74
N ASP B 62 -39.40 -4.84 -26.97
CA ASP B 62 -40.05 -3.77 -27.71
C ASP B 62 -41.52 -4.07 -28.01
N SER B 63 -41.89 -5.34 -28.08
CA SER B 63 -43.27 -5.69 -28.39
C SER B 63 -44.22 -5.33 -27.26
N VAL B 64 -43.73 -5.24 -26.03
CA VAL B 64 -44.58 -4.96 -24.87
C VAL B 64 -44.24 -3.63 -24.21
N LYS B 65 -43.23 -2.92 -24.69
CA LYS B 65 -42.81 -1.67 -24.05
C LYS B 65 -43.90 -0.62 -24.16
N GLY B 66 -44.13 0.09 -23.05
CA GLY B 66 -45.19 1.08 -22.98
C GLY B 66 -46.55 0.54 -22.61
N ARG B 67 -46.70 -0.77 -22.51
CA ARG B 67 -47.98 -1.40 -22.17
C ARG B 67 -47.89 -2.39 -21.03
N PHE B 68 -46.71 -2.91 -20.72
CA PHE B 68 -46.50 -3.87 -19.64
C PHE B 68 -45.59 -3.23 -18.60
N THR B 69 -45.85 -3.48 -17.32
CA THR B 69 -45.04 -2.92 -16.24
C THR B 69 -44.73 -3.99 -15.19
N ILE B 70 -43.54 -4.59 -15.29
CA ILE B 70 -43.11 -5.57 -14.30
C ILE B 70 -42.84 -4.88 -12.97
N SER B 71 -43.08 -5.61 -11.89
CA SER B 71 -42.76 -5.14 -10.55
C SER B 71 -42.60 -6.36 -9.65
N ARG B 72 -41.96 -6.15 -8.51
CA ARG B 72 -41.83 -7.20 -7.51
C ARG B 72 -41.95 -6.60 -6.13
N ASP B 73 -42.37 -7.42 -5.17
CA ASP B 73 -42.38 -7.02 -3.77
C ASP B 73 -41.65 -8.10 -2.99
N ASN B 74 -40.43 -7.78 -2.56
CA ASN B 74 -39.54 -8.77 -1.98
C ASN B 74 -40.06 -9.31 -0.65
N ALA B 75 -40.93 -8.55 0.04
CA ALA B 75 -41.46 -9.01 1.31
C ALA B 75 -42.35 -10.24 1.16
N LYS B 76 -43.21 -10.26 0.15
CA LYS B 76 -44.10 -11.39 -0.12
C LYS B 76 -43.56 -12.37 -1.14
N ASN B 77 -42.34 -12.17 -1.64
CA ASN B 77 -41.74 -13.06 -2.65
C ASN B 77 -42.64 -13.18 -3.88
N SER B 78 -43.09 -12.04 -4.38
CA SER B 78 -44.07 -12.00 -5.47
C SER B 78 -43.55 -11.21 -6.65
N LEU B 79 -43.96 -11.64 -7.84
CA LEU B 79 -43.73 -10.96 -9.10
C LEU B 79 -45.07 -10.61 -9.74
N TYR B 80 -45.16 -9.42 -10.33
CA TYR B 80 -46.36 -8.97 -11.00
C TYR B 80 -46.03 -8.46 -12.40
N LEU B 81 -47.01 -8.53 -13.30
CA LEU B 81 -46.81 -8.09 -14.67
C LEU B 81 -47.64 -6.86 -15.04
N GLN B 82 -48.95 -6.88 -14.80
CA GLN B 82 -49.80 -5.71 -15.01
C GLN B 82 -49.72 -5.21 -16.46
N MET B 83 -50.30 -6.01 -17.36
CA MET B 83 -50.36 -5.60 -18.75
C MET B 83 -51.57 -4.71 -19.00
N LYS B 84 -51.43 -3.78 -19.94
CA LYS B 84 -52.52 -2.91 -20.35
C LYS B 84 -52.58 -2.86 -21.87
N SER B 85 -53.74 -2.48 -22.38
CA SER B 85 -53.97 -2.35 -23.83
C SER B 85 -53.63 -3.65 -24.56
N LEU B 86 -54.26 -4.73 -24.11
CA LEU B 86 -53.99 -6.04 -24.68
C LEU B 86 -54.54 -6.14 -26.10
N ARG B 87 -53.76 -6.76 -26.99
CA ARG B 87 -54.16 -6.98 -28.37
C ARG B 87 -54.24 -8.48 -28.64
N ALA B 88 -54.66 -8.81 -29.88
CA ALA B 88 -54.82 -10.21 -30.25
C ALA B 88 -53.49 -10.95 -30.25
N ASP B 89 -52.39 -10.26 -30.55
CA ASP B 89 -51.07 -10.88 -30.52
C ASP B 89 -50.61 -11.21 -29.11
N ASP B 90 -51.32 -10.75 -28.09
CA ASP B 90 -50.87 -10.87 -26.71
C ASP B 90 -51.30 -12.19 -26.06
N THR B 91 -52.12 -12.99 -26.73
CA THR B 91 -52.57 -14.25 -26.13
C THR B 91 -51.44 -15.27 -26.15
N ALA B 92 -51.17 -15.86 -24.99
CA ALA B 92 -50.06 -16.80 -24.83
C ALA B 92 -50.16 -17.40 -23.43
N VAL B 93 -49.28 -18.36 -23.18
CA VAL B 93 -49.06 -18.89 -21.84
C VAL B 93 -47.87 -18.15 -21.26
N TYR B 94 -48.06 -17.53 -20.09
CA TYR B 94 -47.04 -16.68 -19.49
C TYR B 94 -46.36 -17.44 -18.35
N PHE B 95 -45.04 -17.55 -18.43
CA PHE B 95 -44.22 -18.18 -17.41
C PHE B 95 -43.43 -17.13 -16.65
N CYS B 96 -43.42 -17.24 -15.32
CA CYS B 96 -42.44 -16.54 -14.52
C CYS B 96 -41.24 -17.45 -14.34
N ALA B 97 -40.05 -16.93 -14.62
CA ALA B 97 -38.84 -17.72 -14.62
C ALA B 97 -37.79 -17.06 -13.74
N ARG B 98 -37.01 -17.90 -13.06
CA ARG B 98 -35.94 -17.44 -12.19
C ARG B 98 -34.61 -17.93 -12.76
N ASP B 99 -33.62 -17.04 -12.80
CA ASP B 99 -32.31 -17.37 -13.34
C ASP B 99 -31.42 -18.02 -12.28
N GLY B 100 -30.13 -18.19 -12.60
CA GLY B 100 -29.19 -18.84 -11.73
C GLY B 100 -28.49 -17.96 -10.72
N GLY B 101 -28.90 -16.70 -10.59
CA GLY B 101 -28.31 -15.79 -9.64
C GLY B 101 -27.14 -14.99 -10.14
N ARG B 102 -26.72 -15.19 -11.39
CA ARG B 102 -25.71 -14.36 -12.02
C ARG B 102 -26.29 -13.81 -13.32
N GLU B 103 -25.54 -12.89 -13.94
CA GLU B 103 -26.15 -11.98 -14.90
C GLU B 103 -26.63 -12.69 -16.17
N LEU B 104 -25.81 -13.57 -16.73
CA LEU B 104 -26.14 -14.18 -18.01
C LEU B 104 -26.48 -15.66 -17.88
N SER B 105 -26.95 -16.07 -16.71
CA SER B 105 -27.30 -17.46 -16.46
C SER B 105 -28.63 -17.82 -17.13
N PRO B 106 -28.85 -19.09 -17.44
CA PRO B 106 -30.13 -19.52 -17.99
C PRO B 106 -31.21 -19.62 -16.93
N PHE B 107 -32.46 -19.69 -17.39
CA PHE B 107 -33.58 -19.92 -16.48
C PHE B 107 -33.59 -21.37 -16.02
N GLU B 108 -33.67 -21.57 -14.71
CA GLU B 108 -33.70 -22.91 -14.15
C GLU B 108 -34.92 -23.20 -13.29
N LYS B 109 -35.71 -22.19 -12.93
CA LYS B 109 -36.95 -22.37 -12.19
C LYS B 109 -38.06 -21.69 -12.96
N TRP B 110 -39.05 -22.46 -13.37
CA TRP B 110 -40.16 -21.96 -14.17
C TRP B 110 -41.47 -22.18 -13.42
N GLY B 111 -42.42 -21.28 -13.66
CA GLY B 111 -43.77 -21.54 -13.23
C GLY B 111 -44.45 -22.52 -14.16
N GLN B 112 -45.64 -22.98 -13.76
CA GLN B 112 -46.38 -23.90 -14.61
C GLN B 112 -46.96 -23.22 -15.83
N GLY B 113 -47.12 -21.90 -15.79
CA GLY B 113 -47.67 -21.14 -16.89
C GLY B 113 -49.17 -20.96 -16.76
N ILE B 114 -49.64 -19.78 -17.17
CA ILE B 114 -51.05 -19.45 -17.13
C ILE B 114 -51.44 -18.80 -18.46
N LEU B 115 -52.61 -19.18 -18.98
CA LEU B 115 -53.07 -18.67 -20.25
C LEU B 115 -53.72 -17.30 -20.10
N VAL B 116 -53.43 -16.43 -21.07
CA VAL B 116 -54.09 -15.14 -21.22
C VAL B 116 -54.69 -15.12 -22.61
N THR B 117 -55.98 -14.82 -22.72
CA THR B 117 -56.69 -14.85 -24.00
C THR B 117 -57.25 -13.46 -24.29
N VAL B 118 -56.90 -12.91 -25.44
CA VAL B 118 -57.38 -11.61 -25.88
C VAL B 118 -58.13 -11.84 -27.19
N SER B 119 -59.46 -11.78 -27.13
CA SER B 119 -60.28 -12.00 -28.31
C SER B 119 -61.57 -11.19 -28.19
N SER B 120 -62.19 -10.93 -29.34
CA SER B 120 -63.44 -10.19 -29.39
C SER B 120 -64.64 -11.14 -29.44
N GLN C 1 -29.72 -8.59 -36.55
CA GLN C 1 -31.02 -9.23 -36.41
C GLN C 1 -31.11 -10.02 -35.10
N SER C 2 -32.13 -9.71 -34.29
CA SER C 2 -32.36 -10.40 -33.04
C SER C 2 -33.12 -11.69 -33.30
N VAL C 3 -32.43 -12.62 -33.99
CA VAL C 3 -33.04 -13.86 -34.44
C VAL C 3 -32.04 -14.98 -34.24
N LEU C 4 -32.51 -16.12 -33.73
CA LEU C 4 -31.77 -17.37 -33.74
C LEU C 4 -32.49 -18.34 -34.66
N THR C 5 -31.76 -18.88 -35.63
CA THR C 5 -32.35 -19.73 -36.66
C THR C 5 -32.12 -21.19 -36.34
N GLN C 6 -33.20 -21.96 -36.28
CA GLN C 6 -33.20 -23.36 -35.91
C GLN C 6 -33.94 -24.15 -36.98
N PRO C 7 -33.52 -25.40 -37.23
CA PRO C 7 -34.29 -26.26 -38.13
C PRO C 7 -35.68 -26.51 -37.58
N PRO C 8 -36.70 -26.46 -38.44
CA PRO C 8 -38.07 -26.72 -37.96
C PRO C 8 -38.21 -28.03 -37.22
N SER C 9 -37.54 -29.10 -37.66
CA SER C 9 -37.67 -30.40 -37.03
C SER C 9 -36.46 -31.25 -37.38
N VAL C 10 -36.22 -32.26 -36.56
CA VAL C 10 -35.13 -33.21 -36.77
C VAL C 10 -35.61 -34.57 -36.31
N SER C 11 -35.11 -35.63 -36.94
CA SER C 11 -35.51 -36.99 -36.63
C SER C 11 -34.29 -37.88 -36.54
N GLY C 12 -34.43 -38.98 -35.81
CA GLY C 12 -33.36 -39.94 -35.69
C GLY C 12 -33.83 -41.28 -35.12
N ALA C 13 -33.15 -42.35 -35.50
CA ALA C 13 -33.42 -43.66 -34.95
C ALA C 13 -32.81 -43.79 -33.55
N PRO C 14 -33.39 -44.63 -32.69
CA PRO C 14 -32.80 -44.82 -31.35
C PRO C 14 -31.36 -45.33 -31.45
N GLY C 15 -30.49 -44.72 -30.65
CA GLY C 15 -29.08 -45.03 -30.66
C GLY C 15 -28.26 -44.18 -31.62
N GLN C 16 -28.90 -43.38 -32.46
CA GLN C 16 -28.21 -42.52 -33.42
C GLN C 16 -27.96 -41.15 -32.81
N ARG C 17 -26.83 -40.55 -33.18
CA ARG C 17 -26.47 -39.21 -32.72
C ARG C 17 -27.13 -38.18 -33.64
N VAL C 18 -28.05 -37.40 -33.10
CA VAL C 18 -28.69 -36.30 -33.82
C VAL C 18 -28.01 -35.00 -33.43
N THR C 19 -28.06 -34.02 -34.34
CA THR C 19 -27.50 -32.70 -34.11
C THR C 19 -28.53 -31.64 -34.44
N ILE C 20 -28.66 -30.66 -33.55
CA ILE C 20 -29.57 -29.53 -33.75
C ILE C 20 -28.74 -28.26 -33.82
N SER C 21 -28.87 -27.52 -34.91
CA SER C 21 -28.07 -26.35 -35.16
C SER C 21 -28.79 -25.08 -34.71
N CYS C 22 -28.00 -24.08 -34.31
CA CYS C 22 -28.54 -22.79 -33.88
C CYS C 22 -27.59 -21.71 -34.40
N THR C 23 -27.92 -21.12 -35.54
CA THR C 23 -27.09 -20.09 -36.15
C THR C 23 -27.61 -18.70 -35.79
N GLY C 24 -26.71 -17.85 -35.32
CA GLY C 24 -27.08 -16.53 -34.86
C GLY C 24 -26.51 -15.40 -35.71
N THR C 25 -26.63 -14.18 -35.21
CA THR C 25 -26.18 -13.01 -35.95
C THR C 25 -25.09 -12.26 -35.19
N ASN C 26 -24.66 -11.12 -35.71
CA ASN C 26 -23.66 -10.30 -35.04
C ASN C 26 -24.13 -9.77 -33.70
N SER C 27 -25.44 -9.64 -33.49
CA SER C 27 -25.98 -9.22 -32.21
C SER C 27 -26.13 -10.37 -31.23
N ASN C 28 -25.91 -11.61 -31.66
CA ASN C 28 -26.04 -12.77 -30.80
C ASN C 28 -24.72 -13.47 -30.51
N ILE C 29 -24.09 -14.01 -31.55
CA ILE C 29 -22.91 -14.84 -31.35
C ILE C 29 -21.68 -14.10 -31.84
N GLY C 30 -21.85 -13.20 -32.80
CA GLY C 30 -20.76 -12.35 -33.23
C GLY C 30 -20.40 -11.26 -32.24
N THR C 31 -21.25 -11.04 -31.23
CA THR C 31 -20.93 -10.16 -30.13
C THR C 31 -20.18 -10.87 -29.02
N GLY C 32 -20.43 -12.16 -28.81
CA GLY C 32 -19.69 -12.95 -27.84
C GLY C 32 -20.55 -13.63 -26.79
N TYR C 33 -21.86 -13.67 -27.01
CA TYR C 33 -22.76 -14.27 -26.04
C TYR C 33 -22.80 -15.79 -26.20
N ASP C 34 -23.00 -16.47 -25.08
CA ASP C 34 -23.11 -17.92 -25.06
C ASP C 34 -24.54 -18.37 -25.36
N VAL C 35 -24.69 -19.66 -25.61
CA VAL C 35 -25.97 -20.26 -26.00
C VAL C 35 -26.40 -21.24 -24.92
N HIS C 36 -27.65 -21.13 -24.49
CA HIS C 36 -28.28 -22.10 -23.60
C HIS C 36 -29.30 -22.91 -24.39
N TRP C 37 -29.53 -24.14 -23.94
CA TRP C 37 -30.44 -25.06 -24.61
C TRP C 37 -31.53 -25.51 -23.66
N TYR C 38 -32.75 -25.58 -24.17
CA TYR C 38 -33.93 -25.92 -23.38
C TYR C 38 -34.67 -27.07 -24.03
N GLN C 39 -35.19 -27.97 -23.20
CA GLN C 39 -36.01 -29.08 -23.63
C GLN C 39 -37.40 -28.90 -23.05
N GLN C 40 -38.42 -28.86 -23.91
CA GLN C 40 -39.78 -28.64 -23.47
C GLN C 40 -40.69 -29.73 -23.99
N LEU C 41 -41.47 -30.32 -23.09
CA LEU C 41 -42.52 -31.27 -23.39
C LEU C 41 -43.82 -30.53 -23.69
N PRO C 42 -44.76 -31.16 -24.39
CA PRO C 42 -45.92 -30.40 -24.92
C PRO C 42 -46.72 -29.65 -23.86
N GLY C 43 -46.91 -30.23 -22.67
CA GLY C 43 -47.72 -29.62 -21.66
C GLY C 43 -46.99 -28.93 -20.53
N THR C 44 -45.66 -28.98 -20.51
CA THR C 44 -44.87 -28.54 -19.37
C THR C 44 -44.06 -27.30 -19.74
N ALA C 45 -43.36 -26.76 -18.74
CA ALA C 45 -42.46 -25.64 -18.91
C ALA C 45 -41.13 -26.13 -19.48
N PRO C 46 -40.36 -25.26 -20.13
CA PRO C 46 -39.04 -25.66 -20.61
C PRO C 46 -38.09 -25.98 -19.46
N LYS C 47 -37.16 -26.90 -19.74
CA LYS C 47 -36.14 -27.31 -18.79
C LYS C 47 -34.78 -27.19 -19.46
N VAL C 48 -33.84 -26.55 -18.77
CA VAL C 48 -32.54 -26.30 -19.36
C VAL C 48 -31.73 -27.59 -19.38
N VAL C 49 -31.24 -27.96 -20.56
CA VAL C 49 -30.40 -29.14 -20.71
C VAL C 49 -28.95 -28.79 -21.04
N LEU C 50 -28.65 -27.52 -21.32
CA LEU C 50 -27.30 -27.10 -21.65
C LEU C 50 -27.19 -25.60 -21.44
N PHE C 51 -26.02 -25.15 -21.00
CA PHE C 51 -25.78 -23.72 -20.83
C PHE C 51 -24.29 -23.45 -21.04
N ASP C 52 -23.97 -22.21 -21.35
CA ASP C 52 -22.61 -21.78 -21.68
C ASP C 52 -22.02 -22.59 -22.83
N ASN C 53 -22.91 -23.05 -23.72
CA ASN C 53 -22.65 -23.77 -24.97
C ASN C 53 -22.17 -25.21 -24.77
N ASN C 54 -21.70 -25.56 -23.58
CA ASN C 54 -21.24 -26.93 -23.38
C ASN C 54 -21.44 -27.47 -21.97
N ASN C 55 -22.04 -26.72 -21.05
CA ASN C 55 -22.13 -27.12 -19.66
C ASN C 55 -23.46 -27.81 -19.39
N ARG C 56 -23.39 -28.94 -18.73
CA ARG C 56 -24.53 -29.79 -18.46
C ARG C 56 -25.09 -29.52 -17.07
N PRO C 57 -26.37 -29.22 -16.94
CA PRO C 57 -26.97 -29.08 -15.60
C PRO C 57 -27.03 -30.42 -14.89
N SER C 58 -27.17 -30.34 -13.57
CA SER C 58 -27.31 -31.55 -12.77
C SER C 58 -28.57 -32.31 -13.15
N GLY C 59 -28.44 -33.63 -13.28
CA GLY C 59 -29.54 -34.48 -13.67
C GLY C 59 -29.69 -34.70 -15.16
N VAL C 60 -28.84 -34.09 -15.98
CA VAL C 60 -28.90 -34.24 -17.43
C VAL C 60 -27.87 -35.28 -17.85
N PRO C 61 -28.26 -36.32 -18.60
CA PRO C 61 -27.31 -37.35 -18.98
C PRO C 61 -26.24 -36.84 -19.93
N ASP C 62 -25.08 -37.50 -19.91
CA ASP C 62 -23.91 -37.09 -20.68
C ASP C 62 -24.12 -37.23 -22.18
N ARG C 63 -25.32 -37.65 -22.59
CA ARG C 63 -25.61 -37.77 -24.01
C ARG C 63 -25.67 -36.40 -24.70
N PHE C 64 -26.06 -35.36 -23.97
CA PHE C 64 -26.10 -34.01 -24.51
C PHE C 64 -24.71 -33.40 -24.40
N SER C 65 -24.16 -32.91 -25.51
CA SER C 65 -22.79 -32.42 -25.54
C SER C 65 -22.70 -30.93 -25.81
N GLY C 66 -23.19 -30.46 -26.94
CA GLY C 66 -23.16 -29.05 -27.27
C GLY C 66 -21.79 -28.46 -27.57
N SER C 67 -21.76 -27.42 -28.40
CA SER C 67 -20.54 -26.73 -28.78
C SER C 67 -20.91 -25.47 -29.53
N LYS C 68 -20.02 -24.48 -29.47
CA LYS C 68 -20.17 -23.24 -30.22
C LYS C 68 -18.92 -22.98 -31.04
N SER C 69 -19.11 -22.52 -32.27
CA SER C 69 -18.00 -22.18 -33.15
C SER C 69 -18.45 -21.06 -34.07
N GLY C 70 -17.63 -20.01 -34.19
CA GLY C 70 -17.94 -18.90 -35.05
C GLY C 70 -19.19 -18.14 -34.64
N THR C 71 -20.25 -18.25 -35.45
CA THR C 71 -21.50 -17.54 -35.19
C THR C 71 -22.69 -18.49 -35.08
N SER C 72 -22.43 -19.78 -34.84
CA SER C 72 -23.47 -20.78 -34.72
C SER C 72 -23.16 -21.72 -33.57
N ALA C 73 -24.19 -22.41 -33.09
CA ALA C 73 -24.06 -23.37 -32.01
C ALA C 73 -24.83 -24.63 -32.37
N ALA C 74 -24.40 -25.75 -31.80
CA ALA C 74 -25.01 -27.04 -32.09
C ALA C 74 -25.25 -27.81 -30.80
N LEU C 75 -26.37 -28.53 -30.75
CA LEU C 75 -26.68 -29.42 -29.65
C LEU C 75 -26.74 -30.86 -30.18
N ALA C 76 -25.93 -31.74 -29.60
CA ALA C 76 -25.83 -33.12 -30.05
C ALA C 76 -26.34 -34.07 -28.98
N ILE C 77 -27.05 -35.10 -29.41
CA ILE C 77 -27.66 -36.08 -28.52
C ILE C 77 -27.24 -37.47 -29.00
N THR C 78 -26.22 -38.04 -28.36
CA THR C 78 -25.79 -39.40 -28.68
C THR C 78 -26.71 -40.42 -28.01
N GLY C 79 -26.87 -41.57 -28.65
CA GLY C 79 -27.66 -42.63 -28.08
C GLY C 79 -29.12 -42.24 -27.87
N LEU C 80 -29.77 -41.83 -28.96
CA LEU C 80 -31.10 -41.26 -28.89
C LEU C 80 -32.08 -42.23 -28.22
N GLN C 81 -32.92 -41.68 -27.35
CA GLN C 81 -33.87 -42.46 -26.56
C GLN C 81 -35.26 -41.90 -26.76
N ALA C 82 -36.27 -42.73 -26.46
CA ALA C 82 -37.66 -42.32 -26.64
C ALA C 82 -38.03 -41.17 -25.72
N GLU C 83 -37.39 -41.07 -24.55
CA GLU C 83 -37.65 -39.98 -23.63
C GLU C 83 -37.08 -38.65 -24.10
N ASP C 84 -36.25 -38.66 -25.14
CA ASP C 84 -35.60 -37.44 -25.61
C ASP C 84 -36.44 -36.64 -26.61
N GLU C 85 -37.54 -37.19 -27.09
CA GLU C 85 -38.31 -36.49 -28.13
C GLU C 85 -39.06 -35.33 -27.49
N ALA C 86 -38.84 -34.13 -28.00
CA ALA C 86 -39.40 -32.89 -27.47
C ALA C 86 -39.09 -31.79 -28.48
N VAL C 87 -39.45 -30.56 -28.13
CA VAL C 87 -39.05 -29.37 -28.86
C VAL C 87 -37.87 -28.76 -28.13
N TYR C 88 -36.80 -28.46 -28.86
CA TYR C 88 -35.58 -27.95 -28.27
C TYR C 88 -35.39 -26.50 -28.70
N TYR C 89 -35.03 -25.66 -27.75
CA TYR C 89 -34.86 -24.23 -27.96
C TYR C 89 -33.44 -23.82 -27.57
N CYS C 90 -32.81 -23.01 -28.42
CA CYS C 90 -31.59 -22.32 -28.05
C CYS C 90 -31.94 -20.87 -27.71
N GLN C 91 -31.22 -20.29 -26.75
CA GLN C 91 -31.42 -18.90 -26.42
C GLN C 91 -30.09 -18.19 -26.31
N SER C 92 -30.10 -16.89 -26.61
CA SER C 92 -28.93 -16.06 -26.50
C SER C 92 -29.37 -14.65 -26.15
N TYR C 93 -28.47 -13.90 -25.53
CA TYR C 93 -28.70 -12.48 -25.28
C TYR C 93 -28.40 -11.66 -26.53
N ASP C 94 -29.15 -10.58 -26.70
CA ASP C 94 -28.92 -9.59 -27.75
C ASP C 94 -28.66 -8.22 -27.14
N LYS C 95 -27.65 -7.53 -27.65
CA LYS C 95 -27.49 -6.12 -27.35
C LYS C 95 -28.56 -5.29 -28.06
N SER C 96 -29.06 -5.77 -29.19
CA SER C 96 -30.07 -5.02 -29.94
C SER C 96 -31.45 -5.14 -29.30
N LEU C 97 -31.88 -6.37 -28.99
CA LEU C 97 -33.19 -6.57 -28.38
C LEU C 97 -33.17 -6.20 -26.90
N GLY C 98 -32.00 -6.15 -26.29
CA GLY C 98 -31.90 -5.86 -24.87
C GLY C 98 -32.49 -6.93 -23.98
N GLY C 99 -32.37 -8.19 -24.38
CA GLY C 99 -32.97 -9.28 -23.66
C GLY C 99 -32.61 -10.60 -24.31
N TRP C 100 -33.42 -11.63 -24.09
CA TRP C 100 -33.13 -12.96 -24.62
C TRP C 100 -33.97 -13.21 -25.85
N VAL C 101 -33.33 -13.70 -26.91
CA VAL C 101 -34.04 -14.27 -28.04
C VAL C 101 -33.93 -15.78 -27.95
N PHE C 102 -35.03 -16.46 -28.21
CA PHE C 102 -35.06 -17.91 -28.29
C PHE C 102 -34.99 -18.33 -29.74
N GLY C 103 -34.58 -19.58 -29.96
CA GLY C 103 -34.67 -20.15 -31.28
C GLY C 103 -36.11 -20.40 -31.65
N GLY C 104 -36.33 -20.72 -32.93
CA GLY C 104 -37.66 -21.02 -33.40
C GLY C 104 -38.24 -22.29 -32.82
N GLY C 105 -37.39 -23.18 -32.32
CA GLY C 105 -37.81 -24.46 -31.77
C GLY C 105 -37.56 -25.55 -32.80
N THR C 106 -36.95 -26.64 -32.35
CA THR C 106 -36.67 -27.78 -33.20
C THR C 106 -37.30 -29.01 -32.58
N LYS C 107 -38.38 -29.49 -33.17
CA LYS C 107 -39.02 -30.71 -32.68
C LYS C 107 -38.17 -31.92 -33.06
N LEU C 108 -37.81 -32.72 -32.06
CA LEU C 108 -37.03 -33.93 -32.26
C LEU C 108 -37.95 -35.14 -32.21
N THR C 109 -37.92 -35.93 -33.28
CA THR C 109 -38.73 -37.13 -33.39
C THR C 109 -37.84 -38.36 -33.26
N VAL C 110 -38.25 -39.30 -32.42
CA VAL C 110 -37.55 -40.56 -32.26
C VAL C 110 -38.33 -41.61 -33.05
N LEU C 111 -37.69 -42.20 -34.06
CA LEU C 111 -38.35 -43.16 -34.93
C LEU C 111 -38.48 -44.52 -34.26
N GLN D 26 15.51 18.82 18.80
CA GLN D 26 16.61 18.97 19.73
C GLN D 26 17.68 17.90 19.49
N ASN D 27 18.37 17.51 20.56
CA ASN D 27 19.47 16.56 20.45
C ASN D 27 18.95 15.13 20.65
N ILE D 28 19.20 14.28 19.66
CA ILE D 28 18.71 12.91 19.70
C ILE D 28 19.69 12.05 20.48
N THR D 29 19.18 11.28 21.43
CA THR D 29 19.96 10.31 22.19
C THR D 29 19.27 8.96 22.09
N GLU D 30 20.03 7.89 22.32
CA GLU D 30 19.48 6.56 22.27
C GLU D 30 20.02 5.73 23.41
N GLU D 31 19.18 4.86 23.95
CA GLU D 31 19.52 3.99 25.06
C GLU D 31 19.15 2.56 24.68
N PHE D 32 20.12 1.66 24.74
CA PHE D 32 19.89 0.25 24.43
C PHE D 32 19.87 -0.56 25.72
N TYR D 33 18.83 -1.36 25.90
CA TYR D 33 18.67 -2.19 27.09
C TYR D 33 18.97 -3.62 26.72
N GLN D 34 20.01 -4.18 27.33
CA GLN D 34 20.44 -5.55 27.05
C GLN D 34 19.50 -6.59 27.65
N SER D 35 18.83 -6.25 28.76
CA SER D 35 17.96 -7.21 29.43
C SER D 35 16.76 -7.58 28.56
N THR D 36 16.16 -6.59 27.88
CA THR D 36 14.96 -6.83 27.09
C THR D 36 15.20 -6.66 25.60
N CYS D 37 16.45 -6.47 25.19
CA CYS D 37 16.83 -6.44 23.77
C CYS D 37 16.07 -5.35 23.02
N SER D 38 15.99 -4.17 23.64
CA SER D 38 15.20 -3.08 23.10
C SER D 38 15.97 -1.78 23.21
N ALA D 39 15.66 -0.85 22.32
CA ALA D 39 16.30 0.46 22.28
C ALA D 39 15.25 1.55 22.24
N VAL D 40 15.53 2.65 22.94
CA VAL D 40 14.68 3.83 22.93
C VAL D 40 15.50 5.02 22.44
N SER D 41 14.99 5.72 21.43
CA SER D 41 15.58 6.96 20.96
C SER D 41 14.69 8.12 21.38
N LYS D 42 15.28 9.08 22.09
CA LYS D 42 14.58 10.22 22.65
C LYS D 42 15.03 11.50 21.95
N GLY D 43 14.49 12.63 22.40
CA GLY D 43 14.85 13.93 21.89
C GLY D 43 13.94 14.47 20.81
N TYR D 44 12.93 13.70 20.39
CA TYR D 44 12.06 14.13 19.32
C TYR D 44 10.96 15.06 19.84
N LEU D 45 10.34 15.78 18.90
CA LEU D 45 9.31 16.76 19.21
C LEU D 45 8.03 16.42 18.43
N SER D 46 6.90 16.65 19.06
CA SER D 46 5.61 16.15 18.56
C SER D 46 4.97 17.15 17.60
N ALA D 47 4.33 16.61 16.57
CA ALA D 47 3.37 17.34 15.74
C ALA D 47 2.23 16.36 15.45
N LEU D 48 1.25 16.34 16.35
CA LEU D 48 0.20 15.33 16.32
C LEU D 48 -1.04 15.89 15.64
N ARG D 49 -1.51 15.22 14.59
CA ARG D 49 -2.75 15.63 13.95
C ARG D 49 -3.92 15.16 14.78
N THR D 50 -4.63 16.12 15.37
CA THR D 50 -5.76 15.82 16.23
C THR D 50 -7.10 16.24 15.65
N GLY D 51 -7.10 17.01 14.58
CA GLY D 51 -8.33 17.51 14.01
C GLY D 51 -8.25 17.74 12.51
N TRP D 52 -9.32 18.27 11.95
CA TRP D 52 -9.40 18.56 10.53
C TRP D 52 -9.94 19.97 10.32
N TYR D 53 -9.45 20.61 9.26
CA TYR D 53 -10.04 21.84 8.78
C TYR D 53 -10.41 21.66 7.32
N THR D 54 -11.65 22.02 6.97
CA THR D 54 -12.16 21.86 5.63
C THR D 54 -12.24 23.22 4.95
N SER D 55 -11.66 23.32 3.75
CA SER D 55 -11.69 24.54 2.96
C SER D 55 -12.26 24.23 1.59
N VAL D 56 -12.87 25.24 0.98
CA VAL D 56 -13.55 25.09 -0.31
C VAL D 56 -12.74 25.83 -1.37
N ILE D 57 -12.41 25.13 -2.44
CA ILE D 57 -11.59 25.67 -3.53
C ILE D 57 -12.42 25.68 -4.80
N THR D 58 -12.48 26.84 -5.44
CA THR D 58 -13.45 27.15 -6.47
C THR D 58 -12.77 27.48 -7.79
N ILE D 59 -13.27 26.91 -8.88
CA ILE D 59 -12.91 27.28 -10.24
C ILE D 59 -14.17 27.72 -10.96
N GLU D 60 -14.13 28.91 -11.56
CA GLU D 60 -15.25 29.41 -12.35
C GLU D 60 -15.15 28.87 -13.78
N LEU D 61 -16.26 28.41 -14.31
CA LEU D 61 -16.32 27.84 -15.64
C LEU D 61 -17.18 28.69 -16.56
N SER D 62 -17.07 28.43 -17.86
CA SER D 62 -17.84 29.12 -18.87
C SER D 62 -18.98 28.23 -19.35
N ASN D 63 -20.04 28.87 -19.86
CA ASN D 63 -21.20 28.19 -20.40
C ASN D 63 -21.19 28.14 -21.93
N ILE D 64 -20.00 28.17 -22.54
CA ILE D 64 -19.87 28.22 -24.00
C ILE D 64 -20.58 27.06 -24.67
N LYS D 65 -21.15 27.32 -25.85
CA LYS D 65 -21.89 26.33 -26.63
C LYS D 65 -23.01 25.71 -25.82
N ASP D 73 -9.00 27.65 -40.77
CA ASP D 73 -7.60 28.00 -40.56
C ASP D 73 -6.99 27.05 -39.53
N ALA D 74 -5.67 26.86 -39.62
CA ALA D 74 -4.98 25.94 -38.72
C ALA D 74 -5.01 26.42 -37.28
N LYS D 75 -4.91 27.73 -37.05
CA LYS D 75 -4.96 28.25 -35.69
C LYS D 75 -6.32 28.05 -35.04
N VAL D 76 -7.40 28.21 -35.81
CA VAL D 76 -8.74 27.97 -35.27
C VAL D 76 -8.94 26.50 -34.95
N LYS D 77 -8.32 25.61 -35.75
CA LYS D 77 -8.42 24.18 -35.48
C LYS D 77 -7.77 23.83 -34.14
N LEU D 78 -6.67 24.50 -33.80
CA LEU D 78 -6.01 24.25 -32.52
C LEU D 78 -6.87 24.75 -31.35
N ILE D 79 -7.50 25.91 -31.51
CA ILE D 79 -8.36 26.45 -30.45
C ILE D 79 -9.56 25.53 -30.22
N LYS D 80 -10.19 25.06 -31.29
CA LYS D 80 -11.33 24.17 -31.16
C LYS D 80 -10.94 22.87 -30.46
N GLN D 81 -9.74 22.35 -30.73
CA GLN D 81 -9.28 21.16 -30.06
C GLN D 81 -9.10 21.39 -28.56
N GLU D 82 -8.51 22.53 -28.19
CA GLU D 82 -8.36 22.85 -26.78
C GLU D 82 -9.70 23.11 -26.13
N LEU D 83 -10.63 23.75 -26.84
CA LEU D 83 -11.96 24.01 -26.30
C LEU D 83 -12.71 22.71 -26.07
N ASP D 84 -12.58 21.73 -26.97
CA ASP D 84 -13.22 20.44 -26.77
C ASP D 84 -12.63 19.73 -25.56
N LYS D 85 -11.33 19.89 -25.33
CA LYS D 85 -10.70 19.32 -24.15
C LYS D 85 -11.25 19.93 -22.87
N TYR D 86 -11.53 21.24 -22.89
CA TYR D 86 -12.13 21.89 -21.74
C TYR D 86 -13.55 21.38 -21.50
N LYS D 87 -14.34 21.25 -22.57
CA LYS D 87 -15.72 20.77 -22.43
C LYS D 87 -15.76 19.32 -21.96
N ASN D 88 -14.86 18.48 -22.48
CA ASN D 88 -14.83 17.09 -22.05
C ASN D 88 -14.46 16.97 -20.57
N ALA D 89 -13.54 17.81 -20.09
CA ALA D 89 -13.16 17.78 -18.69
C ALA D 89 -14.33 18.15 -17.78
N VAL D 90 -15.12 19.14 -18.19
CA VAL D 90 -16.33 19.48 -17.44
C VAL D 90 -17.31 18.32 -17.45
N THR D 91 -17.50 17.70 -18.62
CA THR D 91 -18.41 16.55 -18.72
C THR D 91 -17.91 15.38 -17.87
N GLU D 92 -16.61 15.11 -17.90
CA GLU D 92 -16.06 14.01 -17.12
C GLU D 92 -16.23 14.25 -15.62
N LEU D 93 -16.03 15.49 -15.17
CA LEU D 93 -16.22 15.81 -13.76
C LEU D 93 -17.69 15.77 -13.37
N GLN D 94 -18.58 16.18 -14.28
CA GLN D 94 -20.01 16.05 -14.01
C GLN D 94 -20.42 14.58 -13.92
N LEU D 95 -19.85 13.75 -14.79
CA LEU D 95 -20.13 12.32 -14.72
C LEU D 95 -19.63 11.71 -13.41
N LEU D 96 -18.51 12.23 -12.88
CA LEU D 96 -18.01 11.77 -11.60
C LEU D 96 -19.01 12.04 -10.48
N MET D 97 -19.62 13.23 -10.49
CA MET D 97 -20.51 13.65 -9.40
C MET D 97 -21.96 13.29 -9.68
N PHE D 137 3.48 -4.27 15.97
CA PHE D 137 2.87 -5.56 16.28
C PHE D 137 1.41 -5.40 16.71
N LEU D 138 1.10 -4.26 17.33
CA LEU D 138 -0.16 -4.06 18.04
C LEU D 138 -1.17 -3.25 17.23
N GLY D 139 -1.06 -3.26 15.91
CA GLY D 139 -1.99 -2.50 15.08
C GLY D 139 -3.41 -3.03 15.10
N PHE D 140 -3.62 -4.28 15.51
CA PHE D 140 -4.97 -4.83 15.58
C PHE D 140 -5.77 -4.24 16.74
N LEU D 141 -5.11 -3.62 17.71
CA LEU D 141 -5.79 -3.01 18.83
C LEU D 141 -6.39 -1.64 18.50
N LEU D 142 -6.09 -1.09 17.33
CA LEU D 142 -6.56 0.25 17.00
C LEU D 142 -8.05 0.23 16.67
N GLY D 143 -8.67 1.41 16.83
CA GLY D 143 -10.03 1.60 16.39
C GLY D 143 -10.10 1.87 14.91
N VAL D 144 -11.31 2.10 14.42
CA VAL D 144 -11.56 2.36 13.01
C VAL D 144 -12.24 3.70 12.87
N GLY D 145 -11.64 4.60 12.09
CA GLY D 145 -12.19 5.91 11.84
C GLY D 145 -12.53 6.08 10.36
N SER D 146 -13.28 7.15 10.08
CA SER D 146 -13.59 7.58 8.73
C SER D 146 -12.80 8.84 8.45
N ALA D 147 -11.77 8.74 7.60
CA ALA D 147 -10.78 9.80 7.47
C ALA D 147 -11.38 11.06 6.84
N ILE D 148 -12.28 10.90 5.87
CA ILE D 148 -12.78 12.07 5.13
C ILE D 148 -14.22 12.35 5.51
N ALA D 149 -14.63 11.92 6.70
CA ALA D 149 -16.01 12.16 7.15
C ALA D 149 -16.28 13.66 7.29
N SER D 150 -15.32 14.41 7.85
CA SER D 150 -15.53 15.85 8.00
C SER D 150 -15.59 16.55 6.65
N GLY D 151 -14.72 16.15 5.70
CA GLY D 151 -14.75 16.76 4.38
C GLY D 151 -16.00 16.40 3.59
N VAL D 152 -16.44 15.14 3.69
CA VAL D 152 -17.64 14.70 2.96
C VAL D 152 -18.87 15.41 3.52
N ALA D 153 -18.90 15.66 4.82
CA ALA D 153 -20.02 16.35 5.44
C ALA D 153 -20.16 17.77 4.89
N VAL D 154 -19.04 18.45 4.65
CA VAL D 154 -19.08 19.79 4.07
C VAL D 154 -19.61 19.73 2.64
N CYS D 155 -19.25 18.67 1.91
CA CYS D 155 -19.70 18.49 0.53
C CYS D 155 -21.23 18.41 0.46
N LYS D 156 -21.85 17.71 1.42
CA LYS D 156 -23.30 17.65 1.47
C LYS D 156 -23.91 19.01 1.75
N VAL D 157 -23.26 19.82 2.58
CA VAL D 157 -23.76 21.16 2.87
C VAL D 157 -23.76 22.01 1.60
N LEU D 158 -22.71 21.88 0.79
CA LEU D 158 -22.62 22.67 -0.44
C LEU D 158 -23.68 22.29 -1.47
N HIS D 159 -24.33 21.14 -1.30
CA HIS D 159 -25.39 20.71 -2.21
C HIS D 159 -26.73 21.35 -1.89
N LEU D 160 -26.86 22.01 -0.75
CA LEU D 160 -28.11 22.68 -0.41
C LEU D 160 -28.31 23.93 -1.26
N GLU D 161 -29.57 24.29 -1.45
CA GLU D 161 -29.90 25.41 -2.33
C GLU D 161 -29.39 26.72 -1.75
N GLY D 162 -28.76 27.53 -2.60
CA GLY D 162 -28.22 28.81 -2.21
C GLY D 162 -26.84 28.78 -1.60
N GLU D 163 -26.28 27.59 -1.36
CA GLU D 163 -24.94 27.51 -0.78
C GLU D 163 -23.86 27.86 -1.80
N VAL D 164 -23.99 27.34 -3.02
CA VAL D 164 -23.03 27.65 -4.06
C VAL D 164 -23.07 29.13 -4.40
N ASN D 165 -24.28 29.70 -4.50
CA ASN D 165 -24.41 31.12 -4.83
C ASN D 165 -23.79 31.99 -3.75
N LYS D 166 -23.90 31.58 -2.48
CA LYS D 166 -23.27 32.34 -1.40
C LYS D 166 -21.76 32.39 -1.58
N ILE D 167 -21.16 31.27 -1.99
CA ILE D 167 -19.72 31.22 -2.19
C ILE D 167 -19.32 32.04 -3.42
N LYS D 168 -20.12 31.97 -4.50
CA LYS D 168 -19.85 32.80 -5.66
C LYS D 168 -19.95 34.29 -5.32
N SER D 169 -20.97 34.66 -4.54
CA SER D 169 -21.13 36.06 -4.16
C SER D 169 -20.01 36.55 -3.27
N ALA D 170 -19.49 35.70 -2.38
CA ALA D 170 -18.39 36.11 -1.52
C ALA D 170 -17.08 36.25 -2.30
N LEU D 171 -16.93 35.50 -3.38
CA LEU D 171 -15.70 35.50 -4.17
C LEU D 171 -15.82 36.34 -5.44
N LEU D 172 -16.82 37.22 -5.51
CA LEU D 172 -17.03 38.01 -6.72
C LEU D 172 -15.89 39.01 -6.94
N SER D 173 -15.52 39.74 -5.89
CA SER D 173 -14.50 40.78 -5.99
C SER D 173 -13.19 40.37 -5.34
N THR D 174 -13.12 39.19 -4.71
CA THR D 174 -11.90 38.73 -4.06
C THR D 174 -11.73 37.25 -4.37
N ASN D 175 -10.47 36.80 -4.32
CA ASN D 175 -10.15 35.40 -4.54
C ASN D 175 -10.13 34.59 -3.24
N LYS D 176 -10.35 35.23 -2.10
CA LYS D 176 -10.29 34.52 -0.82
C LYS D 176 -11.26 35.20 0.15
N ALA D 177 -12.05 34.39 0.84
CA ALA D 177 -13.01 34.91 1.79
C ALA D 177 -13.39 33.81 2.77
N VAL D 178 -13.94 34.22 3.91
CA VAL D 178 -14.50 33.31 4.90
C VAL D 178 -16.01 33.33 4.74
N VAL D 179 -16.60 32.17 4.48
CA VAL D 179 -18.02 32.05 4.19
C VAL D 179 -18.68 31.25 5.30
N SER D 180 -19.82 31.74 5.78
CA SER D 180 -20.60 31.04 6.79
C SER D 180 -21.65 30.20 6.09
N LEU D 181 -21.65 28.89 6.35
CA LEU D 181 -22.59 27.99 5.72
C LEU D 181 -23.92 28.00 6.47
N SER D 182 -24.87 27.19 5.97
CA SER D 182 -26.19 27.15 6.59
C SER D 182 -26.14 26.59 8.00
N ASN D 183 -25.31 25.56 8.22
CA ASN D 183 -25.21 24.90 9.51
C ASN D 183 -24.36 25.67 10.51
N GLY D 184 -23.95 26.90 10.19
CA GLY D 184 -23.21 27.72 11.12
C GLY D 184 -21.70 27.59 11.03
N VAL D 185 -21.18 26.71 10.18
CA VAL D 185 -19.75 26.53 10.04
C VAL D 185 -19.19 27.58 9.09
N SER D 186 -18.10 28.21 9.50
CA SER D 186 -17.36 29.13 8.64
C SER D 186 -16.16 28.40 8.03
N VAL D 187 -15.99 28.54 6.72
CA VAL D 187 -14.90 27.91 5.99
C VAL D 187 -14.22 28.95 5.12
N LEU D 188 -12.91 28.81 4.95
CA LEU D 188 -12.20 29.62 3.97
C LEU D 188 -12.52 29.11 2.57
N THR D 189 -12.81 30.05 1.66
CA THR D 189 -13.09 29.74 0.27
C THR D 189 -12.08 30.45 -0.60
N PHE D 190 -11.55 29.74 -1.59
CA PHE D 190 -10.47 30.23 -2.43
C PHE D 190 -10.82 29.99 -3.89
N LYS D 191 -10.71 31.03 -4.71
CA LYS D 191 -10.83 30.89 -6.16
C LYS D 191 -9.43 30.84 -6.75
N VAL D 192 -9.03 29.66 -7.23
CA VAL D 192 -7.69 29.45 -7.73
C VAL D 192 -7.59 29.55 -9.25
N LEU D 193 -8.70 29.36 -9.96
CA LEU D 193 -8.72 29.41 -11.41
C LEU D 193 -9.94 30.17 -11.86
N ASP D 194 -9.77 31.04 -12.86
CA ASP D 194 -10.86 31.80 -13.44
C ASP D 194 -10.82 31.57 -14.94
N LEU D 195 -11.41 30.46 -15.37
CA LEU D 195 -11.54 30.17 -16.80
C LEU D 195 -12.75 30.82 -17.42
N LYS D 196 -13.69 31.30 -16.61
CA LYS D 196 -14.88 31.96 -17.14
C LYS D 196 -14.53 33.27 -17.82
N ASN D 197 -13.68 34.08 -17.18
CA ASN D 197 -13.32 35.38 -17.76
C ASN D 197 -12.48 35.22 -19.03
N TYR D 198 -11.50 34.31 -19.00
CA TYR D 198 -10.62 34.16 -20.16
C TYR D 198 -11.41 33.70 -21.39
N ILE D 199 -12.29 32.71 -21.20
CA ILE D 199 -13.04 32.20 -22.34
C ILE D 199 -14.06 33.22 -22.81
N ASP D 200 -14.68 33.95 -21.87
CA ASP D 200 -15.72 34.91 -22.24
C ASP D 200 -15.15 36.15 -22.90
N LYS D 201 -13.97 36.62 -22.47
CA LYS D 201 -13.43 37.89 -22.93
C LYS D 201 -12.34 37.75 -23.98
N GLN D 202 -11.34 36.90 -23.72
CA GLN D 202 -10.21 36.79 -24.62
C GLN D 202 -10.40 35.76 -25.73
N LEU D 203 -11.50 35.00 -25.70
CA LEU D 203 -11.68 33.91 -26.65
C LEU D 203 -13.03 33.92 -27.36
N LEU D 204 -14.05 34.56 -26.81
CA LEU D 204 -15.36 34.60 -27.45
C LEU D 204 -15.42 35.65 -28.57
N PRO D 205 -14.99 36.90 -28.35
CA PRO D 205 -15.06 37.88 -29.44
C PRO D 205 -14.28 37.49 -30.68
N ILE D 206 -13.09 36.89 -30.51
CA ILE D 206 -12.29 36.49 -31.66
C ILE D 206 -12.92 35.35 -32.43
N LEU D 207 -13.82 34.60 -31.80
CA LEU D 207 -14.55 33.55 -32.50
C LEU D 207 -15.59 34.16 -33.42
N CYS D 212 -14.71 32.83 -37.67
CA CYS D 212 -13.61 32.22 -36.93
C CYS D 212 -12.28 32.41 -37.66
N SER D 213 -11.58 33.49 -37.33
CA SER D 213 -10.28 33.79 -37.89
C SER D 213 -9.33 34.19 -36.77
N ILE D 214 -8.29 33.39 -36.56
CA ILE D 214 -7.27 33.67 -35.56
C ILE D 214 -6.04 34.20 -36.28
N SER D 215 -5.50 35.32 -35.80
CA SER D 215 -4.39 35.99 -36.46
C SER D 215 -3.06 35.82 -35.75
N ASN D 216 -3.05 35.25 -34.54
CA ASN D 216 -1.82 35.11 -33.79
C ASN D 216 -1.83 33.78 -33.05
N ILE D 217 -0.71 33.07 -33.08
CA ILE D 217 -0.58 31.79 -32.39
C ILE D 217 -0.50 31.94 -30.88
N GLU D 218 -0.28 33.17 -30.39
CA GLU D 218 -0.08 33.38 -28.96
C GLU D 218 -1.33 33.02 -28.16
N THR D 219 -2.51 33.34 -28.68
CA THR D 219 -3.74 33.03 -27.96
C THR D 219 -3.95 31.53 -27.82
N VAL D 220 -3.45 30.74 -28.77
CA VAL D 220 -3.55 29.29 -28.66
C VAL D 220 -2.69 28.76 -27.52
N ILE D 221 -1.45 29.23 -27.44
CA ILE D 221 -0.54 28.77 -26.38
C ILE D 221 -1.02 29.27 -25.02
N GLU D 222 -1.46 30.53 -24.95
CA GLU D 222 -1.93 31.09 -23.70
C GLU D 222 -3.20 30.38 -23.21
N PHE D 223 -4.07 29.97 -24.13
CA PHE D 223 -5.22 29.16 -23.76
C PHE D 223 -4.79 27.79 -23.23
N GLN D 224 -3.77 27.19 -23.86
CA GLN D 224 -3.31 25.88 -23.40
C GLN D 224 -2.81 25.92 -21.97
N GLN D 225 -2.08 27.00 -21.61
CA GLN D 225 -1.54 27.11 -20.26
C GLN D 225 -2.64 27.26 -19.22
N LYS D 226 -3.68 28.04 -19.53
CA LYS D 226 -4.74 28.28 -18.56
C LYS D 226 -5.60 27.04 -18.35
N ASN D 227 -5.90 26.31 -19.42
CA ASN D 227 -6.80 25.17 -19.32
C ASN D 227 -6.08 23.93 -18.81
N ASN D 228 -4.75 23.93 -18.79
CA ASN D 228 -4.00 22.74 -18.44
C ASN D 228 -4.25 22.31 -16.99
N ARG D 229 -4.31 23.28 -16.07
CA ARG D 229 -4.52 22.93 -14.67
C ARG D 229 -5.86 22.25 -14.45
N LEU D 230 -6.90 22.72 -15.14
CA LEU D 230 -8.20 22.06 -15.05
C LEU D 230 -8.13 20.62 -15.55
N LEU D 231 -7.43 20.39 -16.66
CA LEU D 231 -7.30 19.03 -17.18
C LEU D 231 -6.50 18.14 -16.22
N GLU D 232 -5.45 18.68 -15.62
CA GLU D 232 -4.67 17.90 -14.67
C GLU D 232 -5.47 17.55 -13.43
N ILE D 233 -6.29 18.49 -12.94
CA ILE D 233 -7.15 18.21 -11.80
C ILE D 233 -8.16 17.12 -12.15
N THR D 234 -8.76 17.22 -13.34
CA THR D 234 -9.73 16.22 -13.77
C THR D 234 -9.09 14.84 -13.89
N ARG D 235 -7.88 14.79 -14.44
CA ARG D 235 -7.19 13.51 -14.60
C ARG D 235 -6.90 12.89 -13.24
N GLU D 236 -6.48 13.70 -12.27
CA GLU D 236 -6.20 13.19 -10.94
C GLU D 236 -7.47 12.68 -10.24
N PHE D 237 -8.58 13.41 -10.37
CA PHE D 237 -9.83 12.97 -9.76
C PHE D 237 -10.40 11.74 -10.44
N SER D 238 -10.10 11.53 -11.71
CA SER D 238 -10.69 10.41 -12.45
C SER D 238 -10.07 9.07 -12.08
N VAL D 239 -8.80 9.06 -11.66
CA VAL D 239 -8.12 7.83 -11.28
C VAL D 239 -8.11 7.63 -9.77
N ASN D 240 -8.88 8.43 -9.03
CA ASN D 240 -8.95 8.31 -7.59
C ASN D 240 -10.38 8.31 -7.07
N ALA D 241 -11.37 8.19 -7.96
CA ALA D 241 -12.79 8.19 -7.59
C ALA D 241 -13.18 9.45 -6.83
N GLY D 242 -12.56 10.57 -7.21
CA GLY D 242 -12.90 11.86 -6.63
C GLY D 242 -12.26 12.20 -5.30
N VAL D 243 -11.42 11.31 -4.75
CA VAL D 243 -10.74 11.57 -3.48
C VAL D 243 -9.25 11.29 -3.67
N THR D 244 -8.43 12.32 -3.50
CA THR D 244 -6.99 12.19 -3.70
C THR D 244 -6.24 12.52 -2.41
N THR D 245 -5.18 11.76 -2.14
CA THR D 245 -4.25 12.02 -1.06
C THR D 245 -2.95 11.37 -1.49
N PRO D 246 -1.80 12.07 -1.40
CA PRO D 246 -1.62 13.45 -0.91
C PRO D 246 -2.20 14.51 -1.84
N VAL D 247 -2.38 15.71 -1.32
CA VAL D 247 -2.90 16.83 -2.11
C VAL D 247 -1.76 17.37 -2.96
N SER D 248 -1.92 17.31 -4.28
CA SER D 248 -0.88 17.69 -5.20
C SER D 248 -0.86 19.21 -5.39
N THR D 249 0.17 19.68 -6.08
CA THR D 249 0.28 21.10 -6.41
C THR D 249 -0.67 21.53 -7.51
N TYR D 250 -1.28 20.58 -8.22
CA TYR D 250 -2.32 20.95 -9.18
C TYR D 250 -3.60 21.33 -8.48
N MET D 251 -3.93 20.63 -7.38
CA MET D 251 -5.10 21.00 -6.59
C MET D 251 -4.85 22.26 -5.77
N LEU D 252 -3.62 22.40 -5.25
CA LEU D 252 -3.28 23.52 -4.39
C LEU D 252 -1.80 23.84 -4.57
N THR D 253 -1.49 25.02 -5.09
CA THR D 253 -0.10 25.40 -5.24
C THR D 253 0.51 25.75 -3.89
N ASN D 254 1.84 25.85 -3.87
CA ASN D 254 2.53 26.21 -2.64
C ASN D 254 2.10 27.59 -2.13
N SER D 255 1.98 28.55 -3.05
CA SER D 255 1.52 29.89 -2.66
C SER D 255 0.08 29.86 -2.15
N GLU D 256 -0.77 29.03 -2.76
CA GLU D 256 -2.15 28.93 -2.29
C GLU D 256 -2.22 28.27 -0.92
N LEU D 257 -1.45 27.19 -0.71
CA LEU D 257 -1.49 26.48 0.56
C LEU D 257 -0.96 27.35 1.69
N LEU D 258 0.13 28.08 1.45
CA LEU D 258 0.64 29.00 2.46
C LEU D 258 -0.37 30.09 2.77
N SER D 259 -1.08 30.55 1.74
CA SER D 259 -2.14 31.54 1.95
C SER D 259 -3.28 30.96 2.79
N LEU D 260 -3.65 29.70 2.56
CA LEU D 260 -4.69 29.06 3.34
C LEU D 260 -4.28 28.91 4.80
N ILE D 261 -3.02 28.53 5.04
CA ILE D 261 -2.56 28.32 6.41
C ILE D 261 -2.59 29.63 7.19
N ASN D 262 -2.20 30.73 6.54
CA ASN D 262 -2.14 32.02 7.21
C ASN D 262 -3.52 32.53 7.63
N ASP D 263 -4.59 32.11 6.94
CA ASP D 263 -5.94 32.55 7.27
C ASP D 263 -6.73 31.54 8.10
N MET D 264 -6.13 30.41 8.45
CA MET D 264 -6.82 29.38 9.20
C MET D 264 -6.97 29.80 10.66
N PRO D 265 -8.07 29.41 11.31
CA PRO D 265 -8.24 29.77 12.74
C PRO D 265 -7.36 28.91 13.65
N ILE D 266 -6.06 29.12 13.54
CA ILE D 266 -5.06 28.40 14.31
C ILE D 266 -4.14 29.41 14.98
N THR D 267 -3.38 28.93 15.96
CA THR D 267 -2.42 29.78 16.65
C THR D 267 -1.25 30.11 15.74
N ASN D 268 -0.44 31.07 16.17
CA ASN D 268 0.79 31.39 15.44
C ASN D 268 1.77 30.23 15.44
N ASP D 269 1.84 29.47 16.54
CA ASP D 269 2.73 28.33 16.58
C ASP D 269 2.34 27.29 15.54
N GLN D 270 1.04 27.04 15.38
CA GLN D 270 0.58 26.11 14.37
C GLN D 270 0.90 26.60 12.97
N LYS D 271 0.83 27.92 12.77
CA LYS D 271 1.12 28.48 11.44
C LYS D 271 2.57 28.28 11.05
N LYS D 272 3.51 28.48 11.98
CA LYS D 272 4.92 28.25 11.66
C LYS D 272 5.17 26.77 11.38
N LEU D 273 4.56 25.89 12.18
CA LEU D 273 4.79 24.47 11.99
C LEU D 273 4.28 23.99 10.63
N MET D 274 3.09 24.44 10.22
CA MET D 274 2.56 24.05 8.91
C MET D 274 3.32 24.72 7.78
N SER D 275 3.71 25.99 7.95
CA SER D 275 4.37 26.72 6.89
C SER D 275 5.76 26.17 6.60
N ASN D 276 6.46 25.68 7.61
CA ASN D 276 7.79 25.13 7.44
C ASN D 276 7.78 23.67 7.04
N ASN D 277 6.62 23.02 7.02
CA ASN D 277 6.51 21.60 6.71
C ASN D 277 5.34 21.35 5.77
N VAL D 278 5.20 22.18 4.74
CA VAL D 278 4.05 22.05 3.84
C VAL D 278 4.05 20.70 3.13
N GLN D 279 5.22 20.10 2.92
CA GLN D 279 5.26 18.79 2.28
C GLN D 279 4.65 17.71 3.18
N ILE D 280 4.81 17.83 4.50
CA ILE D 280 4.13 16.92 5.41
C ILE D 280 2.64 17.23 5.44
N VAL D 281 2.28 18.51 5.40
CA VAL D 281 0.87 18.89 5.36
C VAL D 281 0.18 18.28 4.15
N ARG D 282 0.87 18.29 2.99
CA ARG D 282 0.29 17.72 1.78
C ARG D 282 0.02 16.23 1.92
N GLN D 283 0.95 15.50 2.56
CA GLN D 283 0.80 14.06 2.68
C GLN D 283 -0.33 13.67 3.62
N GLN D 284 -0.75 14.58 4.49
CA GLN D 284 -1.79 14.30 5.48
C GLN D 284 -3.09 15.04 5.20
N SER D 285 -3.29 15.51 3.97
CA SER D 285 -4.51 16.21 3.57
C SER D 285 -5.19 15.47 2.43
N TYR D 286 -6.48 15.80 2.24
CA TYR D 286 -7.29 15.17 1.22
C TYR D 286 -7.89 16.24 0.31
N SER D 287 -8.13 15.87 -0.94
CA SER D 287 -8.86 16.69 -1.89
C SER D 287 -10.09 15.91 -2.33
N ILE D 288 -11.27 16.45 -2.04
CA ILE D 288 -12.53 15.76 -2.26
C ILE D 288 -13.33 16.54 -3.29
N MET D 289 -13.52 15.94 -4.47
CA MET D 289 -14.37 16.55 -5.49
C MET D 289 -15.79 16.64 -4.99
N CYS D 290 -16.39 17.84 -5.12
CA CYS D 290 -17.66 18.10 -4.45
C CYS D 290 -18.82 18.31 -5.41
N ILE D 291 -18.75 19.30 -6.30
CA ILE D 291 -19.94 19.72 -7.04
C ILE D 291 -19.52 20.57 -8.24
N ILE D 292 -20.30 20.47 -9.31
CA ILE D 292 -20.28 21.41 -10.43
C ILE D 292 -21.71 21.91 -10.60
N LYS D 293 -21.90 23.21 -10.42
CA LYS D 293 -23.26 23.76 -10.37
C LYS D 293 -23.19 25.27 -10.58
N GLU D 294 -23.92 25.76 -11.58
CA GLU D 294 -24.00 27.20 -11.87
C GLU D 294 -22.64 27.79 -12.21
N GLU D 295 -21.95 27.14 -13.15
CA GLU D 295 -20.69 27.61 -13.74
C GLU D 295 -19.56 27.75 -12.72
N VAL D 296 -19.63 27.06 -11.59
CA VAL D 296 -18.53 27.03 -10.64
C VAL D 296 -18.22 25.59 -10.27
N LEU D 297 -16.94 25.25 -10.33
CA LEU D 297 -16.42 23.97 -9.87
C LEU D 297 -15.89 24.14 -8.46
N ALA D 298 -16.27 23.24 -7.56
CA ALA D 298 -15.83 23.30 -6.18
C ALA D 298 -15.36 21.93 -5.72
N TYR D 299 -14.21 21.90 -5.05
CA TYR D 299 -13.76 20.72 -4.33
C TYR D 299 -13.27 21.13 -2.95
N VAL D 300 -13.32 20.20 -2.01
CA VAL D 300 -13.00 20.45 -0.62
C VAL D 300 -11.62 19.86 -0.32
N VAL D 301 -10.73 20.67 0.24
CA VAL D 301 -9.45 20.19 0.72
C VAL D 301 -9.53 20.11 2.23
N GLN D 302 -9.32 18.92 2.77
CA GLN D 302 -9.40 18.66 4.20
C GLN D 302 -7.98 18.76 4.75
N LEU D 303 -7.72 19.81 5.54
CA LEU D 303 -6.37 20.03 5.99
C LEU D 303 -6.19 19.57 7.43
N PRO D 304 -5.00 19.06 7.76
CA PRO D 304 -4.75 18.57 9.12
C PRO D 304 -4.64 19.70 10.14
N LEU D 305 -5.17 19.45 11.33
CA LEU D 305 -5.05 20.35 12.47
C LEU D 305 -4.12 19.70 13.49
N TYR D 306 -2.97 20.32 13.73
CA TYR D 306 -1.97 19.80 14.65
C TYR D 306 -2.16 20.46 16.01
N GLY D 307 -2.91 19.78 16.88
CA GLY D 307 -3.29 20.35 18.16
C GLY D 307 -2.31 20.11 19.30
N VAL D 308 -1.55 19.02 19.24
CA VAL D 308 -0.58 18.68 20.28
C VAL D 308 0.82 18.83 19.68
N ILE D 309 1.51 19.90 20.10
CA ILE D 309 2.72 20.37 19.43
C ILE D 309 3.84 20.46 20.46
N ASP D 310 5.05 20.08 20.03
CA ASP D 310 6.30 20.32 20.77
C ASP D 310 6.43 19.50 22.03
N THR D 311 5.67 18.43 22.20
CA THR D 311 5.87 17.60 23.37
C THR D 311 6.92 16.54 23.10
N PRO D 312 7.55 16.00 24.14
CA PRO D 312 8.55 14.95 23.93
C PRO D 312 7.97 13.71 23.27
N CYS D 313 8.71 13.16 22.31
CA CYS D 313 8.38 11.91 21.65
C CYS D 313 9.59 10.98 21.72
N TRP D 314 9.32 9.67 21.73
CA TRP D 314 10.39 8.70 21.67
C TRP D 314 9.93 7.48 20.88
N LYS D 315 10.89 6.76 20.32
CA LYS D 315 10.63 5.60 19.49
C LYS D 315 11.23 4.36 20.13
N LEU D 316 10.43 3.29 20.19
CA LEU D 316 10.85 2.01 20.75
C LEU D 316 11.15 1.03 19.63
N HIS D 317 12.36 0.46 19.66
CA HIS D 317 12.78 -0.60 18.76
C HIS D 317 12.97 -1.86 19.59
N THR D 318 12.39 -2.97 19.13
CA THR D 318 12.50 -4.25 19.82
C THR D 318 13.00 -5.30 18.86
N SER D 319 13.67 -6.30 19.41
CA SER D 319 14.18 -7.44 18.66
C SER D 319 13.98 -8.70 19.48
N PRO D 320 13.87 -9.85 18.82
CA PRO D 320 13.69 -11.10 19.57
C PRO D 320 14.90 -11.39 20.47
N LEU D 321 14.61 -11.91 21.66
CA LEU D 321 15.62 -12.25 22.64
C LEU D 321 15.46 -13.73 22.98
N CYS D 322 16.46 -14.53 22.60
CA CYS D 322 16.40 -15.98 22.71
C CYS D 322 17.55 -16.51 23.54
N THR D 323 17.38 -17.73 24.04
CA THR D 323 18.48 -18.47 24.63
C THR D 323 19.39 -19.02 23.53
N THR D 324 20.63 -19.32 23.92
CA THR D 324 21.64 -19.69 22.94
C THR D 324 22.18 -21.11 23.13
N ASN D 325 21.30 -22.08 23.33
CA ASN D 325 21.72 -23.47 23.37
C ASN D 325 22.05 -23.97 21.97
N THR D 326 23.03 -24.88 21.89
CA THR D 326 23.50 -25.38 20.60
C THR D 326 22.48 -26.28 19.91
N LYS D 327 21.60 -26.93 20.67
CA LYS D 327 20.59 -27.78 20.05
C LYS D 327 19.60 -26.91 19.27
N GLU D 328 19.16 -27.40 18.12
CA GLU D 328 18.47 -26.55 17.15
C GLU D 328 17.16 -26.02 17.70
N GLY D 329 16.30 -26.90 18.21
CA GLY D 329 14.97 -26.51 18.62
C GLY D 329 14.75 -26.44 20.11
N SER D 330 15.82 -26.25 20.87
CA SER D 330 15.75 -26.27 22.33
C SER D 330 15.69 -24.89 22.95
N ASN D 331 15.52 -23.85 22.15
CA ASN D 331 15.61 -22.48 22.65
C ASN D 331 14.23 -21.83 22.73
N ILE D 332 14.08 -20.95 23.71
CA ILE D 332 12.87 -20.17 23.90
C ILE D 332 13.18 -18.72 23.59
N CYS D 333 12.18 -17.99 23.09
CA CYS D 333 12.34 -16.62 22.67
C CYS D 333 11.22 -15.75 23.24
N LEU D 334 11.53 -14.47 23.43
CA LEU D 334 10.50 -13.48 23.69
C LEU D 334 10.89 -12.17 23.01
N THR D 335 9.87 -11.43 22.58
CA THR D 335 10.06 -10.12 21.98
C THR D 335 9.04 -9.15 22.57
N ARG D 336 9.49 -7.94 22.87
CA ARG D 336 8.55 -6.88 23.24
C ARG D 336 7.76 -6.46 22.00
N THR D 337 6.44 -6.44 22.12
CA THR D 337 5.56 -6.17 20.99
C THR D 337 5.09 -4.73 20.93
N ASP D 338 5.49 -3.90 21.89
CA ASP D 338 5.02 -2.52 21.99
C ASP D 338 5.92 -1.54 21.23
N ARG D 339 6.57 -1.99 20.16
CA ARG D 339 7.39 -1.12 19.34
C ARG D 339 6.54 -0.08 18.62
N GLY D 340 7.10 1.11 18.46
CA GLY D 340 6.42 2.19 17.78
C GLY D 340 6.83 3.53 18.37
N TRP D 341 6.00 4.53 18.09
CA TRP D 341 6.22 5.89 18.56
C TRP D 341 5.39 6.18 19.79
N TYR D 342 5.94 6.95 20.71
CA TYR D 342 5.27 7.39 21.93
C TYR D 342 5.47 8.89 22.08
N CYS D 343 4.38 9.62 22.31
CA CYS D 343 4.46 11.05 22.57
C CYS D 343 3.60 11.43 23.77
N ASP D 344 4.14 12.34 24.58
CA ASP D 344 3.41 12.86 25.72
C ASP D 344 2.24 13.70 25.25
N ASN D 345 1.08 13.52 25.89
CA ASN D 345 -0.14 14.19 25.44
C ASN D 345 -1.01 14.46 26.68
N ALA D 346 -0.91 15.69 27.19
CA ALA D 346 -1.78 16.21 28.25
C ALA D 346 -1.87 15.26 29.44
N GLY D 347 -0.70 14.89 29.96
CA GLY D 347 -0.63 13.99 31.08
C GLY D 347 -0.73 12.52 30.73
N SER D 348 -0.93 12.18 29.46
CA SER D 348 -0.95 10.80 29.01
C SER D 348 0.07 10.58 27.91
N VAL D 349 0.08 9.40 27.32
CA VAL D 349 1.03 9.06 26.26
C VAL D 349 0.24 8.57 25.05
N SER D 350 0.55 9.11 23.88
CA SER D 350 -0.01 8.64 22.62
C SER D 350 0.93 7.58 22.05
N PHE D 351 0.42 6.37 21.85
CA PHE D 351 1.19 5.27 21.28
C PHE D 351 0.76 5.02 19.85
N PHE D 352 1.75 4.90 18.95
CA PHE D 352 1.50 4.68 17.53
C PHE D 352 2.21 3.40 17.10
N PRO D 353 1.54 2.25 17.15
CA PRO D 353 2.21 0.98 16.84
C PRO D 353 2.71 0.86 15.41
N GLN D 354 2.01 1.44 14.44
CA GLN D 354 2.36 1.24 13.04
C GLN D 354 3.41 2.26 12.58
N ALA D 355 4.03 1.97 11.45
CA ALA D 355 5.13 2.76 10.93
C ALA D 355 4.72 3.73 9.82
N GLU D 356 3.66 3.43 9.08
CA GLU D 356 3.18 4.35 8.07
C GLU D 356 2.51 5.57 8.68
N THR D 357 1.94 5.43 9.88
CA THR D 357 1.13 6.47 10.48
C THR D 357 1.94 7.66 10.97
N CYS D 358 3.26 7.55 11.06
CA CYS D 358 4.08 8.62 11.60
C CYS D 358 5.17 8.99 10.60
N LYS D 359 5.24 10.27 10.25
CA LYS D 359 6.26 10.81 9.37
C LYS D 359 7.22 11.68 10.17
N VAL D 360 8.51 11.45 9.96
CA VAL D 360 9.55 12.15 10.71
C VAL D 360 10.25 13.10 9.76
N GLN D 361 10.12 14.39 10.02
CA GLN D 361 10.74 15.44 9.21
C GLN D 361 11.78 16.10 10.11
N SER D 362 13.04 15.67 9.96
CA SER D 362 14.15 16.12 10.78
C SER D 362 13.99 15.61 12.20
N ASN D 363 13.67 16.52 13.12
CA ASN D 363 13.48 16.20 14.53
C ASN D 363 12.00 16.14 14.91
N ARG D 364 11.11 16.59 14.03
CA ARG D 364 9.69 16.67 14.31
C ARG D 364 9.00 15.39 13.84
N VAL D 365 8.12 14.85 14.67
CA VAL D 365 7.40 13.62 14.37
C VAL D 365 5.94 13.97 14.13
N PHE D 366 5.45 13.64 12.94
CA PHE D 366 4.08 13.93 12.52
C PHE D 366 3.27 12.63 12.58
N CYS D 367 2.54 12.45 13.67
CA CYS D 367 1.79 11.24 13.93
C CYS D 367 0.30 11.53 13.90
N ASP D 368 -0.46 10.67 13.23
CA ASP D 368 -1.92 10.82 13.16
C ASP D 368 -2.55 10.15 14.38
N THR D 369 -3.25 10.94 15.19
CA THR D 369 -3.90 10.43 16.40
C THR D 369 -4.99 9.41 16.10
N MET D 370 -5.45 9.32 14.85
CA MET D 370 -6.44 8.32 14.49
C MET D 370 -5.89 6.91 14.68
N ASN D 371 -4.62 6.70 14.31
CA ASN D 371 -3.97 5.40 14.48
C ASN D 371 -3.17 5.36 15.77
N SER D 372 -3.81 5.66 16.90
CA SER D 372 -3.10 5.77 18.16
C SER D 372 -3.94 5.20 19.28
N LEU D 373 -3.26 4.78 20.33
CA LEU D 373 -3.87 4.39 21.59
C LEU D 373 -3.48 5.39 22.65
N THR D 374 -4.39 5.64 23.58
CA THR D 374 -4.13 6.50 24.73
C THR D 374 -3.74 5.61 25.91
N LEU D 375 -2.54 5.82 26.44
CA LEU D 375 -2.02 5.00 27.52
C LEU D 375 -1.57 5.88 28.67
N PRO D 376 -1.58 5.35 29.90
CA PRO D 376 -1.03 6.11 31.02
C PRO D 376 0.47 6.33 30.86
N SER D 377 0.96 7.36 31.54
CA SER D 377 2.37 7.72 31.46
C SER D 377 3.27 6.62 32.01
N GLU D 378 2.71 5.67 32.77
CA GLU D 378 3.45 4.58 33.36
C GLU D 378 3.88 3.53 32.33
N VAL D 379 3.43 3.65 31.08
CA VAL D 379 3.89 2.74 30.03
C VAL D 379 5.40 2.88 29.82
N ASN D 380 5.97 4.04 30.12
CA ASN D 380 7.41 4.23 30.00
C ASN D 380 8.18 3.40 31.01
N LEU D 381 7.53 2.94 32.08
CA LEU D 381 8.21 2.15 33.09
C LEU D 381 8.72 0.83 32.55
N CYS D 382 8.16 0.36 31.44
CA CYS D 382 8.60 -0.92 30.85
C CYS D 382 9.99 -0.80 30.26
N ASN D 383 10.43 0.41 29.92
CA ASN D 383 11.75 0.60 29.35
C ASN D 383 12.85 0.50 30.40
N VAL D 384 12.57 0.95 31.63
CA VAL D 384 13.59 0.98 32.67
C VAL D 384 13.47 -0.26 33.54
N ASP D 385 12.28 -0.86 33.59
CA ASP D 385 12.06 -2.07 34.36
C ASP D 385 10.87 -2.81 33.77
N ILE D 386 11.14 -3.87 33.00
CA ILE D 386 10.07 -4.64 32.38
C ILE D 386 9.23 -5.40 33.39
N PHE D 387 9.71 -5.54 34.62
CA PHE D 387 9.04 -6.34 35.64
C PHE D 387 8.32 -5.48 36.66
N ASN D 388 8.11 -4.21 36.35
CA ASN D 388 7.50 -3.28 37.29
C ASN D 388 6.02 -3.63 37.52
N PRO D 389 5.50 -3.36 38.73
CA PRO D 389 4.11 -3.74 39.02
C PRO D 389 3.08 -2.73 38.53
N LYS D 390 3.48 -1.49 38.24
CA LYS D 390 2.53 -0.48 37.81
C LYS D 390 1.95 -0.76 36.43
N TYR D 391 2.76 -1.24 35.49
CA TYR D 391 2.32 -1.46 34.12
C TYR D 391 2.71 -2.86 33.67
N ASP D 392 1.83 -3.49 32.90
CA ASP D 392 2.05 -4.83 32.37
C ASP D 392 2.58 -4.73 30.94
N CYS D 393 3.84 -5.07 30.76
CA CYS D 393 4.50 -4.91 29.47
C CYS D 393 4.11 -6.04 28.50
N LYS D 394 3.77 -5.65 27.28
CA LYS D 394 3.31 -6.59 26.28
C LYS D 394 4.47 -7.31 25.62
N ILE D 395 4.39 -8.64 25.54
CA ILE D 395 5.44 -9.47 24.95
C ILE D 395 4.80 -10.58 24.12
N MET D 396 5.61 -11.16 23.26
CA MET D 396 5.25 -12.37 22.53
C MET D 396 6.37 -13.39 22.72
N THR D 397 5.99 -14.67 22.77
CA THR D 397 6.92 -15.75 22.99
C THR D 397 6.84 -16.75 21.84
N SER D 398 7.95 -17.45 21.60
CA SER D 398 8.00 -18.44 20.53
C SER D 398 9.20 -19.35 20.75
N LYS D 399 9.42 -20.24 19.79
CA LYS D 399 10.60 -21.09 19.73
C LYS D 399 11.39 -20.90 18.45
N THR D 400 10.99 -19.95 17.61
CA THR D 400 11.67 -19.68 16.34
C THR D 400 12.79 -18.67 16.62
N ASP D 401 14.01 -19.17 16.78
CA ASP D 401 15.17 -18.32 17.02
C ASP D 401 15.89 -18.09 15.70
N VAL D 402 15.40 -17.10 14.95
CA VAL D 402 16.00 -16.71 13.70
C VAL D 402 16.82 -15.44 13.93
N SER D 403 17.80 -15.22 13.05
CA SER D 403 18.66 -14.05 13.14
C SER D 403 18.10 -12.90 12.32
N SER D 404 18.24 -11.69 12.84
CA SER D 404 17.78 -10.49 12.15
C SER D 404 18.47 -9.28 12.78
N SER D 405 18.16 -8.10 12.24
CA SER D 405 18.66 -6.84 12.78
C SER D 405 17.57 -5.80 12.72
N VAL D 406 17.57 -4.90 13.71
CA VAL D 406 16.69 -3.74 13.71
C VAL D 406 17.56 -2.49 13.68
N ILE D 407 17.34 -1.66 12.67
CA ILE D 407 18.10 -0.42 12.53
C ILE D 407 17.37 0.66 13.31
N THR D 408 18.01 1.20 14.33
CA THR D 408 17.42 2.22 15.18
C THR D 408 17.83 3.60 14.67
N SER D 409 17.50 4.65 15.42
CA SER D 409 17.85 6.00 14.99
C SER D 409 19.35 6.22 14.99
N LEU D 410 20.06 5.70 16.00
CA LEU D 410 21.48 5.99 16.19
C LEU D 410 22.33 4.73 16.23
N GLY D 411 21.81 3.61 15.76
CA GLY D 411 22.57 2.37 15.81
C GLY D 411 21.82 1.18 15.27
N ALA D 412 22.19 -0.02 15.72
CA ALA D 412 21.58 -1.24 15.21
C ALA D 412 21.54 -2.28 16.32
N ILE D 413 20.40 -2.93 16.45
CA ILE D 413 20.27 -4.12 17.28
C ILE D 413 20.47 -5.33 16.39
N VAL D 414 21.34 -6.25 16.83
CA VAL D 414 21.63 -7.46 16.09
C VAL D 414 21.28 -8.65 16.96
N SER D 415 20.35 -9.48 16.49
CA SER D 415 20.01 -10.74 17.13
C SER D 415 20.63 -11.87 16.30
N CYS D 416 21.68 -12.48 16.82
CA CYS D 416 22.41 -13.53 16.12
C CYS D 416 22.21 -14.85 16.84
N TYR D 417 21.67 -15.85 16.13
CA TYR D 417 21.39 -17.14 16.71
C TYR D 417 21.76 -18.25 15.72
N GLY D 418 22.07 -19.42 16.27
CA GLY D 418 22.43 -20.55 15.42
C GLY D 418 23.80 -20.38 14.80
N LYS D 419 23.91 -20.80 13.54
CA LYS D 419 25.16 -20.74 12.81
C LYS D 419 25.30 -19.48 11.97
N THR D 420 24.38 -18.53 12.11
CA THR D 420 24.44 -17.31 11.34
C THR D 420 25.67 -16.47 11.72
N LYS D 421 26.29 -15.87 10.71
CA LYS D 421 27.44 -14.99 10.89
C LYS D 421 26.95 -13.55 10.91
N CYS D 422 27.28 -12.82 11.98
CA CYS D 422 26.84 -11.44 12.15
C CYS D 422 28.06 -10.57 12.43
N THR D 423 28.21 -9.49 11.65
CA THR D 423 29.35 -8.60 11.78
C THR D 423 28.90 -7.16 11.66
N ALA D 424 29.75 -6.26 12.12
CA ALA D 424 29.60 -4.82 11.92
C ALA D 424 30.89 -4.29 11.30
N SER D 425 30.75 -3.31 10.42
CA SER D 425 31.90 -2.84 9.66
C SER D 425 31.72 -1.37 9.33
N ASN D 426 32.83 -0.73 8.95
CA ASN D 426 32.81 0.60 8.37
C ASN D 426 33.64 0.59 7.09
N LYS D 427 33.39 1.58 6.24
CA LYS D 427 33.90 1.53 4.87
C LYS D 427 35.42 1.67 4.81
N ASN D 428 36.03 2.38 5.74
CA ASN D 428 37.46 2.65 5.66
C ASN D 428 38.31 1.65 6.44
N ARG D 429 37.70 0.76 7.21
CA ARG D 429 38.46 -0.17 8.05
C ARG D 429 37.98 -1.60 7.97
N GLY D 430 36.84 -1.88 7.35
CA GLY D 430 36.37 -3.24 7.25
C GLY D 430 35.63 -3.70 8.49
N ILE D 431 35.61 -5.02 8.68
CA ILE D 431 34.92 -5.60 9.83
C ILE D 431 35.61 -5.13 11.10
N ILE D 432 34.85 -4.45 11.95
CA ILE D 432 35.38 -3.94 13.21
C ILE D 432 34.74 -4.60 14.43
N LYS D 433 33.68 -5.39 14.23
CA LYS D 433 33.05 -6.11 15.32
C LYS D 433 32.42 -7.39 14.77
N THR D 434 32.64 -8.50 15.48
CA THR D 434 32.01 -9.77 15.18
C THR D 434 31.06 -10.11 16.33
N PHE D 435 29.79 -10.32 16.00
CA PHE D 435 28.78 -10.59 17.01
C PHE D 435 28.80 -12.07 17.40
N SER D 436 28.69 -12.33 18.69
CA SER D 436 28.46 -13.67 19.19
C SER D 436 26.96 -13.95 19.29
N ASN D 437 26.62 -15.18 19.67
CA ASN D 437 25.22 -15.55 19.80
C ASN D 437 24.57 -14.77 20.93
N GLY D 438 23.32 -14.38 20.72
CA GLY D 438 22.60 -13.48 21.59
C GLY D 438 22.13 -12.29 20.79
N CYS D 439 21.65 -11.26 21.47
CA CYS D 439 21.31 -10.02 20.81
C CYS D 439 22.14 -8.90 21.40
N ASP D 440 22.79 -8.13 20.54
CA ASP D 440 23.74 -7.11 20.93
C ASP D 440 23.40 -5.82 20.20
N TYR D 441 24.14 -4.76 20.51
CA TYR D 441 23.92 -3.46 19.92
C TYR D 441 25.25 -2.82 19.57
N VAL D 442 25.25 -2.04 18.49
CA VAL D 442 26.40 -1.26 18.09
C VAL D 442 25.92 0.14 17.71
N SER D 443 26.73 1.14 18.04
CA SER D 443 26.42 2.52 17.70
C SER D 443 26.85 2.83 16.28
N ASN D 444 26.34 3.94 15.75
CA ASN D 444 26.63 4.36 14.38
C ASN D 444 27.85 5.28 14.28
N LYS D 445 28.56 5.50 15.38
CA LYS D 445 29.73 6.38 15.34
C LYS D 445 30.84 5.81 14.47
N GLY D 446 31.18 4.54 14.68
CA GLY D 446 32.23 3.92 13.90
C GLY D 446 31.75 2.87 12.93
N VAL D 447 30.44 2.77 12.73
CA VAL D 447 29.84 1.70 11.94
C VAL D 447 29.04 2.31 10.80
N ASP D 448 29.26 1.80 9.59
CA ASP D 448 28.41 2.12 8.44
C ASP D 448 27.44 1.01 8.08
N THR D 449 27.84 -0.25 8.22
CA THR D 449 27.01 -1.37 7.77
C THR D 449 26.99 -2.46 8.82
N VAL D 450 25.93 -3.25 8.78
CA VAL D 450 25.75 -4.43 9.62
C VAL D 450 25.33 -5.59 8.73
N SER D 451 25.98 -6.73 8.89
CA SER D 451 25.66 -7.94 8.14
C SER D 451 25.12 -8.99 9.09
N VAL D 452 23.94 -9.51 8.79
CA VAL D 452 23.33 -10.62 9.52
C VAL D 452 23.06 -11.70 8.48
N GLY D 453 23.87 -12.75 8.47
CA GLY D 453 23.73 -13.78 7.46
C GLY D 453 23.95 -13.27 6.07
N ASN D 454 22.95 -13.41 5.21
CA ASN D 454 23.02 -12.96 3.83
C ASN D 454 22.50 -11.55 3.63
N THR D 455 22.14 -10.83 4.69
CA THR D 455 21.56 -9.51 4.59
C THR D 455 22.52 -8.45 5.08
N LEU D 456 22.67 -7.39 4.29
CA LEU D 456 23.49 -6.25 4.65
C LEU D 456 22.59 -5.05 4.93
N TYR D 457 22.79 -4.42 6.08
CA TYR D 457 22.01 -3.26 6.51
C TYR D 457 22.91 -2.03 6.54
N TYR D 458 22.44 -0.93 5.97
CA TYR D 458 23.08 0.36 6.19
C TYR D 458 22.44 1.02 7.40
N VAL D 459 23.27 1.53 8.29
CA VAL D 459 22.77 2.18 9.50
C VAL D 459 22.56 3.66 9.21
N ASN D 460 21.66 4.28 9.95
CA ASN D 460 21.45 5.71 9.84
C ASN D 460 22.65 6.47 10.38
N LYS D 461 23.06 7.51 9.66
CA LYS D 461 24.23 8.30 10.03
C LYS D 461 23.85 9.59 10.75
N GLN D 462 22.68 9.64 11.37
CA GLN D 462 22.26 10.81 12.12
C GLN D 462 23.15 11.02 13.35
N GLU D 463 23.42 12.28 13.66
CA GLU D 463 24.22 12.61 14.82
C GLU D 463 23.44 12.41 16.11
N GLY D 464 24.09 11.87 17.12
CA GLY D 464 23.45 11.69 18.41
C GLY D 464 24.30 10.83 19.33
N LYS D 465 23.87 10.78 20.58
CA LYS D 465 24.58 10.07 21.62
C LYS D 465 23.85 8.77 21.93
N SER D 466 24.60 7.67 22.00
CA SER D 466 24.05 6.36 22.30
C SER D 466 24.59 5.86 23.64
N LEU D 467 23.72 5.22 24.42
CA LEU D 467 24.10 4.66 25.70
C LEU D 467 23.76 3.17 25.73
N TYR D 468 24.73 2.37 26.13
CA TYR D 468 24.55 0.93 26.30
C TYR D 468 24.31 0.64 27.78
N VAL D 469 23.15 0.08 28.09
CA VAL D 469 22.77 -0.24 29.46
C VAL D 469 22.94 -1.73 29.64
N LYS D 470 23.95 -2.13 30.40
CA LYS D 470 24.24 -3.54 30.63
C LYS D 470 23.20 -4.15 31.56
N GLY D 471 22.82 -5.38 31.25
CA GLY D 471 21.82 -6.08 32.03
C GLY D 471 21.65 -7.52 31.60
N GLU D 472 21.30 -8.40 32.52
CA GLU D 472 21.17 -9.80 32.18
C GLU D 472 19.86 -10.04 31.42
N PRO D 473 19.91 -10.67 30.25
CA PRO D 473 18.67 -10.90 29.48
C PRO D 473 17.64 -11.65 30.30
N ILE D 474 16.39 -11.17 30.23
CA ILE D 474 15.32 -11.73 31.05
C ILE D 474 14.83 -13.08 30.59
N ILE D 475 15.21 -13.51 29.38
CA ILE D 475 14.86 -14.84 28.91
C ILE D 475 15.54 -15.92 29.75
N ASN D 476 16.64 -15.57 30.42
CA ASN D 476 17.36 -16.51 31.28
C ASN D 476 16.66 -16.77 32.61
N PHE D 477 15.67 -15.98 32.97
CA PHE D 477 14.94 -16.16 34.23
C PHE D 477 13.82 -17.19 34.13
N TYR D 478 13.62 -17.78 32.97
CA TYR D 478 12.46 -18.63 32.71
C TYR D 478 12.90 -20.09 32.63
N ASP D 479 12.13 -20.95 33.29
CA ASP D 479 12.38 -22.39 33.20
C ASP D 479 11.85 -22.91 31.87
N PRO D 480 12.71 -23.46 31.00
CA PRO D 480 12.23 -23.89 29.68
C PRO D 480 11.20 -24.99 29.72
N LEU D 481 11.11 -25.75 30.82
CA LEU D 481 10.17 -26.86 30.86
C LEU D 481 8.72 -26.38 30.95
N VAL D 482 8.48 -25.25 31.61
CA VAL D 482 7.12 -24.73 31.81
C VAL D 482 6.89 -23.42 31.07
N PHE D 483 7.80 -23.05 30.16
CA PHE D 483 7.65 -21.79 29.45
C PHE D 483 6.57 -21.88 28.40
N PRO D 484 5.58 -20.97 28.39
CA PRO D 484 4.62 -20.91 27.29
C PRO D 484 5.26 -20.23 26.09
N SER D 485 5.42 -20.98 25.00
CA SER D 485 6.19 -20.53 23.85
C SER D 485 5.31 -20.45 22.60
N ASP D 486 4.03 -20.11 22.78
CA ASP D 486 3.13 -19.96 21.65
C ASP D 486 2.16 -18.80 21.84
N GLU D 487 2.62 -17.71 22.46
CA GLU D 487 1.77 -16.56 22.76
C GLU D 487 2.08 -15.43 21.78
N PHE D 488 1.05 -14.99 21.07
CA PHE D 488 1.21 -13.91 20.10
C PHE D 488 0.99 -12.54 20.72
N ASP D 489 0.06 -12.42 21.66
CA ASP D 489 -0.31 -11.13 22.23
C ASP D 489 -0.38 -11.27 23.75
N ALA D 490 0.71 -11.75 24.34
CA ALA D 490 0.74 -11.95 25.77
C ALA D 490 1.30 -10.71 26.47
N SER D 491 1.57 -10.84 27.77
CA SER D 491 2.26 -9.82 28.54
C SER D 491 3.08 -10.52 29.61
N ILE D 492 3.78 -9.73 30.41
CA ILE D 492 4.61 -10.30 31.46
C ILE D 492 3.75 -11.06 32.46
N SER D 493 2.63 -10.45 32.87
CA SER D 493 1.75 -11.08 33.84
C SER D 493 1.08 -12.33 33.28
N GLN D 494 0.66 -12.27 32.02
CA GLN D 494 0.00 -13.42 31.41
C GLN D 494 0.94 -14.61 31.29
N VAL D 495 2.19 -14.35 30.91
CA VAL D 495 3.19 -15.42 30.90
C VAL D 495 3.45 -15.94 32.30
N ASN D 496 3.55 -15.03 33.28
CA ASN D 496 3.83 -15.43 34.65
C ASN D 496 2.67 -16.22 35.23
N GLU D 497 1.43 -15.83 34.90
CA GLU D 497 0.27 -16.54 35.41
C GLU D 497 0.16 -17.93 34.79
N LYS D 498 0.62 -18.10 33.54
CA LYS D 498 0.64 -19.43 32.94
C LYS D 498 1.73 -20.29 33.57
N ILE D 499 2.86 -19.69 33.92
CA ILE D 499 3.90 -20.42 34.65
C ILE D 499 3.38 -20.85 36.02
N ASN D 500 2.55 -20.01 36.65
CA ASN D 500 1.95 -20.38 37.93
C ASN D 500 1.18 -21.70 37.82
N GLN D 501 0.36 -21.83 36.78
CA GLN D 501 -0.56 -22.96 36.69
C GLN D 501 0.19 -24.27 36.45
N SER D 502 1.11 -24.27 35.49
CA SER D 502 1.87 -25.48 35.19
C SER D 502 2.70 -25.90 36.40
N LEU D 503 3.33 -24.94 37.07
CA LEU D 503 4.10 -25.25 38.26
C LEU D 503 3.21 -25.78 39.37
N ALA D 504 2.01 -25.22 39.52
CA ALA D 504 1.06 -25.72 40.51
C ALA D 504 0.58 -27.12 40.17
N PHE D 505 0.34 -27.39 38.87
CA PHE D 505 -0.17 -28.70 38.49
C PHE D 505 0.79 -29.82 38.87
N ILE D 506 2.09 -29.60 38.65
CA ILE D 506 3.07 -30.61 39.09
C ILE D 506 3.21 -30.59 40.60
N ARG D 507 2.96 -29.44 41.24
CA ARG D 507 3.08 -29.36 42.69
C ARG D 507 1.94 -30.08 43.38
N LYS D 508 0.71 -29.90 42.89
CA LYS D 508 -0.43 -30.60 43.48
C LYS D 508 -0.31 -32.10 43.28
N SER D 509 0.11 -32.54 42.09
CA SER D 509 0.28 -33.96 41.83
C SER D 509 1.38 -34.56 42.70
N ASP D 510 2.48 -33.83 42.89
CA ASP D 510 3.55 -34.32 43.76
C ASP D 510 3.07 -34.47 45.20
N GLU D 511 2.31 -33.48 45.68
CA GLU D 511 1.75 -33.59 47.03
C GLU D 511 0.76 -34.75 47.14
N LEU D 512 -0.06 -34.95 46.10
CA LEU D 512 -0.98 -36.08 46.10
C LEU D 512 -0.23 -37.41 46.07
N LEU D 513 0.84 -37.49 45.29
CA LEU D 513 1.65 -38.69 45.22
C LEU D 513 2.40 -38.94 46.53
N GLU E 1 -3.72 18.81 42.56
CA GLU E 1 -2.41 18.70 43.20
C GLU E 1 -1.40 19.62 42.52
N VAL E 2 -1.86 20.38 41.54
CA VAL E 2 -1.01 21.33 40.85
C VAL E 2 -0.77 22.55 41.74
N GLN E 3 0.50 22.97 41.84
CA GLN E 3 0.87 24.14 42.63
C GLN E 3 1.89 24.94 41.82
N VAL E 4 1.40 25.97 41.12
CA VAL E 4 2.27 26.91 40.44
C VAL E 4 2.39 28.16 41.31
N VAL E 5 3.62 28.50 41.68
CA VAL E 5 3.88 29.58 42.62
C VAL E 5 4.88 30.54 41.99
N GLU E 6 4.56 31.84 42.03
CA GLU E 6 5.41 32.86 41.46
C GLU E 6 6.24 33.54 42.54
N SER E 7 7.29 34.23 42.11
CA SER E 7 8.18 34.94 43.02
C SER E 7 9.04 35.90 42.19
N GLY E 8 9.65 36.85 42.88
CA GLY E 8 10.59 37.76 42.24
C GLY E 8 10.03 39.09 41.79
N GLY E 9 8.88 39.50 42.30
CA GLY E 9 8.28 40.77 41.90
C GLY E 9 8.23 41.74 43.07
N GLY E 10 8.49 43.01 42.79
CA GLY E 10 8.49 44.05 43.82
C GLY E 10 8.36 45.42 43.20
N LEU E 11 9.12 46.37 43.74
CA LEU E 11 9.11 47.75 43.28
C LEU E 11 10.38 48.04 42.49
N VAL E 12 10.24 48.64 41.32
CA VAL E 12 11.36 48.98 40.47
C VAL E 12 11.15 50.38 39.92
N LYS E 13 12.25 51.07 39.64
CA LYS E 13 12.17 52.37 38.99
C LYS E 13 11.84 52.21 37.52
N PRO E 14 11.27 53.24 36.88
CA PRO E 14 11.12 53.19 35.42
C PRO E 14 12.45 53.00 34.73
N GLY E 15 12.46 52.15 33.71
CA GLY E 15 13.67 51.75 33.05
C GLY E 15 14.45 50.66 33.76
N GLY E 16 13.98 50.19 34.91
CA GLY E 16 14.64 49.14 35.64
C GLY E 16 14.31 47.77 35.08
N SER E 17 14.77 46.74 35.80
CA SER E 17 14.61 45.37 35.36
C SER E 17 14.21 44.48 36.53
N LEU E 18 13.46 43.43 36.22
CA LEU E 18 13.09 42.41 37.19
C LEU E 18 13.04 41.06 36.48
N ARG E 19 13.12 40.00 37.27
CA ARG E 19 13.02 38.63 36.76
C ARG E 19 11.96 37.89 37.57
N LEU E 20 10.94 37.40 36.88
CA LEU E 20 9.87 36.65 37.52
C LEU E 20 10.12 35.16 37.35
N SER E 21 9.78 34.39 38.39
CA SER E 21 9.95 32.95 38.39
C SER E 21 8.64 32.30 38.81
N CYS E 22 8.26 31.23 38.12
CA CYS E 22 7.07 30.47 38.48
C CYS E 22 7.42 28.99 38.43
N ALA E 23 7.22 28.29 39.53
CA ALA E 23 7.61 26.89 39.67
C ALA E 23 6.38 26.00 39.80
N ALA E 24 6.32 24.96 38.98
CA ALA E 24 5.21 24.02 38.96
C ALA E 24 5.60 22.72 39.65
N SER E 25 4.62 22.03 40.20
CA SER E 25 4.95 20.87 41.03
C SER E 25 4.21 19.59 40.65
N GLY E 26 2.95 19.68 40.27
CA GLY E 26 2.14 18.46 40.20
C GLY E 26 1.60 18.04 38.84
N PHE E 27 2.39 18.13 37.78
CA PHE E 27 1.97 17.67 36.47
C PHE E 27 3.21 17.51 35.60
N PRO E 28 3.08 16.85 34.43
CA PRO E 28 4.22 16.74 33.51
C PRO E 28 4.53 18.05 32.80
N PHE E 29 5.37 18.86 33.45
CA PHE E 29 5.65 20.23 33.01
C PHE E 29 6.05 20.30 31.54
N SER E 30 6.86 19.36 31.07
CA SER E 30 7.40 19.41 29.72
C SER E 30 6.35 19.09 28.65
N SER E 31 5.12 18.76 29.06
CA SER E 31 4.06 18.42 28.13
C SER E 31 3.03 19.54 27.98
N TYR E 32 3.35 20.74 28.46
CA TYR E 32 2.38 21.82 28.53
C TYR E 32 3.00 23.14 28.10
N LYS E 33 2.21 23.95 27.42
CA LYS E 33 2.59 25.32 27.13
C LYS E 33 2.28 26.22 28.32
N MET E 34 3.18 27.16 28.60
CA MET E 34 3.06 28.07 29.73
C MET E 34 2.93 29.50 29.24
N ASP E 35 2.14 30.29 29.96
CA ASP E 35 1.84 31.66 29.58
C ASP E 35 1.99 32.59 30.78
N TRP E 36 2.19 33.87 30.49
CA TRP E 36 2.12 34.94 31.47
C TRP E 36 0.94 35.83 31.14
N VAL E 37 0.10 36.09 32.14
CA VAL E 37 -1.03 37.00 32.01
C VAL E 37 -0.94 38.01 33.14
N ARG E 38 -1.11 39.29 32.81
CA ARG E 38 -1.04 40.35 33.81
C ARG E 38 -2.35 41.11 33.89
N GLN E 39 -2.63 41.63 35.08
CA GLN E 39 -3.85 42.40 35.36
C GLN E 39 -3.47 43.67 36.11
N ALA E 40 -3.52 44.81 35.41
CA ALA E 40 -3.29 46.07 36.07
C ALA E 40 -4.39 46.34 37.09
N PRO E 41 -4.07 47.01 38.20
CA PRO E 41 -5.08 47.23 39.25
C PRO E 41 -6.28 47.99 38.72
N GLY E 42 -7.46 47.38 38.87
CA GLY E 42 -8.70 47.95 38.40
C GLY E 42 -9.04 47.66 36.96
N LYS E 43 -8.18 46.97 36.23
CA LYS E 43 -8.34 46.71 34.80
C LYS E 43 -8.60 45.21 34.59
N GLY E 44 -8.63 44.82 33.32
CA GLY E 44 -8.88 43.45 32.93
C GLY E 44 -7.60 42.66 32.72
N LEU E 45 -7.77 41.47 32.17
CA LEU E 45 -6.65 40.58 31.91
C LEU E 45 -6.00 40.91 30.57
N GLU E 46 -4.67 40.88 30.55
CA GLU E 46 -3.90 41.09 29.33
C GLU E 46 -2.90 39.96 29.18
N TRP E 47 -2.95 39.28 28.03
CA TRP E 47 -1.97 38.23 27.74
C TRP E 47 -0.60 38.85 27.46
N VAL E 48 0.43 38.28 28.06
CA VAL E 48 1.78 38.83 27.99
C VAL E 48 2.65 38.03 27.02
N SER E 49 2.87 36.75 27.30
CA SER E 49 3.82 35.97 26.54
C SER E 49 3.47 34.49 26.67
N SER E 50 4.03 33.69 25.77
CA SER E 50 3.78 32.25 25.76
C SER E 50 5.04 31.55 25.26
N ILE E 51 5.26 30.35 25.77
CA ILE E 51 6.37 29.49 25.35
C ILE E 51 5.84 28.06 25.25
N SER E 52 6.18 27.37 24.16
CA SER E 52 5.66 26.03 23.92
C SER E 52 6.26 25.04 24.92
N ALA E 53 5.84 23.78 24.79
CA ALA E 53 6.21 22.76 25.76
C ALA E 53 7.71 22.55 25.83
N SER E 54 8.39 22.61 24.68
CA SER E 54 9.83 22.40 24.63
C SER E 54 10.60 23.66 24.27
N GLY E 55 9.93 24.82 24.24
CA GLY E 55 10.61 26.08 24.00
C GLY E 55 10.87 26.41 22.55
N SER E 56 10.33 25.63 21.61
CA SER E 56 10.55 25.90 20.20
C SER E 56 9.84 27.17 19.76
N TYR E 57 8.68 27.45 20.33
CA TYR E 57 7.82 28.53 19.89
C TYR E 57 7.61 29.51 21.03
N ILE E 58 7.86 30.79 20.76
CA ILE E 58 7.77 31.84 21.77
C ILE E 58 6.99 33.00 21.17
N ASN E 59 6.03 33.53 21.95
CA ASN E 59 5.17 34.60 21.48
C ASN E 59 5.12 35.71 22.52
N TYR E 60 5.01 36.95 22.04
CA TYR E 60 4.87 38.12 22.91
C TYR E 60 3.74 39.00 22.40
N ALA E 61 3.12 39.71 23.33
CA ALA E 61 2.26 40.82 22.95
C ALA E 61 3.12 42.00 22.50
N ASP E 62 2.56 42.82 21.60
CA ASP E 62 3.30 43.94 21.06
C ASP E 62 3.68 44.95 22.14
N SER E 63 2.90 45.02 23.22
CA SER E 63 3.20 45.97 24.29
C SER E 63 4.51 45.65 24.99
N VAL E 64 4.90 44.37 25.04
CA VAL E 64 6.12 43.96 25.72
C VAL E 64 7.17 43.39 24.77
N LYS E 65 6.88 43.34 23.47
CA LYS E 65 7.79 42.69 22.54
C LYS E 65 9.10 43.48 22.40
N GLY E 66 10.21 42.74 22.33
CA GLY E 66 11.53 43.33 22.30
C GLY E 66 12.01 43.80 23.65
N ARG E 67 11.23 43.58 24.70
CA ARG E 67 11.54 44.10 26.02
C ARG E 67 11.35 43.06 27.12
N PHE E 68 10.53 42.04 26.92
CA PHE E 68 10.34 40.94 27.86
C PHE E 68 10.92 39.69 27.22
N THR E 69 11.38 38.74 28.04
CA THR E 69 12.02 37.53 27.52
C THR E 69 11.53 36.31 28.31
N ILE E 70 10.54 35.60 27.76
CA ILE E 70 10.06 34.39 28.41
C ILE E 70 11.07 33.27 28.20
N SER E 71 11.15 32.38 29.18
CA SER E 71 12.00 31.20 29.09
C SER E 71 11.50 30.16 30.07
N ARG E 72 11.97 28.93 29.90
CA ARG E 72 11.60 27.85 30.80
C ARG E 72 12.75 26.87 30.92
N ASP E 73 12.75 26.13 32.02
CA ASP E 73 13.72 25.07 32.26
C ASP E 73 12.92 23.85 32.69
N ASN E 74 12.76 22.89 31.77
CA ASN E 74 11.93 21.73 32.02
C ASN E 74 12.50 20.82 33.10
N ALA E 75 13.81 20.86 33.34
CA ALA E 75 14.40 20.05 34.40
C ALA E 75 13.94 20.55 35.77
N LYS E 76 13.84 21.85 35.95
CA LYS E 76 13.41 22.44 37.22
C LYS E 76 11.91 22.73 37.27
N ASN E 77 11.17 22.48 36.19
CA ASN E 77 9.74 22.77 36.10
C ASN E 77 9.46 24.24 36.40
N SER E 78 10.27 25.12 35.81
CA SER E 78 10.21 26.54 36.13
C SER E 78 9.99 27.38 34.87
N LEU E 79 9.32 28.51 35.07
CA LEU E 79 9.05 29.50 34.03
C LEU E 79 9.59 30.85 34.47
N TYR E 80 10.14 31.60 33.51
CA TYR E 80 10.77 32.89 33.79
C TYR E 80 10.27 33.95 32.82
N LEU E 81 10.32 35.21 33.24
CA LEU E 81 9.84 36.31 32.41
C LEU E 81 10.92 37.34 32.08
N GLN E 82 11.72 37.78 33.04
CA GLN E 82 12.88 38.63 32.77
C GLN E 82 12.48 39.93 32.05
N MET E 83 11.76 40.78 32.78
CA MET E 83 11.44 42.09 32.25
C MET E 83 12.65 43.02 32.34
N LYS E 84 12.78 43.89 31.34
CA LYS E 84 13.81 44.93 31.33
C LYS E 84 13.17 46.25 30.93
N SER E 85 13.81 47.34 31.35
CA SER E 85 13.40 48.71 31.01
C SER E 85 11.90 48.90 31.19
N LEU E 86 11.44 48.71 32.43
CA LEU E 86 10.03 48.77 32.73
C LEU E 86 9.52 50.21 32.78
N ARG E 87 8.26 50.40 32.39
CA ARG E 87 7.60 51.69 32.47
C ARG E 87 6.42 51.60 33.43
N ALA E 88 5.74 52.75 33.61
CA ALA E 88 4.61 52.80 34.53
C ALA E 88 3.46 51.92 34.08
N ASP E 89 3.30 51.72 32.77
CA ASP E 89 2.26 50.85 32.24
C ASP E 89 2.46 49.38 32.61
N ASP E 90 3.64 49.00 33.10
CA ASP E 90 3.92 47.61 33.42
C ASP E 90 3.49 47.21 34.83
N THR E 91 2.95 48.14 35.61
CA THR E 91 2.49 47.82 36.95
C THR E 91 1.22 46.98 36.86
N ALA E 92 1.28 45.76 37.40
CA ALA E 92 0.17 44.83 37.31
C ALA E 92 0.46 43.65 38.23
N VAL E 93 -0.53 42.77 38.36
CA VAL E 93 -0.36 41.46 38.99
C VAL E 93 -0.12 40.45 37.87
N TYR E 94 0.99 39.72 37.95
CA TYR E 94 1.38 38.80 36.90
C TYR E 94 1.06 37.37 37.32
N PHE E 95 0.28 36.68 36.48
CA PHE E 95 -0.04 35.27 36.69
C PHE E 95 0.70 34.42 35.67
N CYS E 96 1.31 33.33 36.14
CA CYS E 96 1.75 32.27 35.24
C CYS E 96 0.60 31.29 35.09
N ALA E 97 0.27 30.93 33.85
CA ALA E 97 -0.89 30.13 33.56
C ALA E 97 -0.52 28.92 32.71
N ARG E 98 -1.19 27.81 32.96
CA ARG E 98 -1.03 26.59 32.18
C ARG E 98 -2.33 26.30 31.45
N ASP E 99 -2.22 25.93 30.18
CA ASP E 99 -3.37 25.64 29.35
C ASP E 99 -3.80 24.17 29.53
N GLY E 100 -4.67 23.69 28.66
CA GLY E 100 -5.17 22.33 28.72
C GLY E 100 -4.33 21.29 28.01
N GLY E 101 -3.16 21.65 27.51
CA GLY E 101 -2.30 20.71 26.83
C GLY E 101 -2.47 20.61 25.33
N ARG E 102 -3.45 21.31 24.77
CA ARG E 102 -3.64 21.39 23.34
C ARG E 102 -3.60 22.86 22.93
N GLU E 103 -3.66 23.11 21.62
CA GLU E 103 -3.19 24.39 21.10
C GLU E 103 -4.08 25.55 21.49
N LEU E 104 -5.40 25.42 21.34
CA LEU E 104 -6.32 26.53 21.56
C LEU E 104 -7.16 26.34 22.80
N SER E 105 -6.66 25.59 23.77
CA SER E 105 -7.38 25.33 25.01
C SER E 105 -7.29 26.53 25.95
N PRO E 106 -8.25 26.68 26.86
CA PRO E 106 -8.18 27.76 27.85
C PRO E 106 -7.17 27.48 28.95
N PHE E 107 -6.82 28.54 29.67
CA PHE E 107 -5.97 28.41 30.85
C PHE E 107 -6.72 27.67 31.95
N GLU E 108 -6.16 26.55 32.38
CA GLU E 108 -6.79 25.72 33.41
C GLU E 108 -6.11 25.83 34.77
N LYS E 109 -4.85 26.23 34.82
CA LYS E 109 -4.11 26.31 36.08
C LYS E 109 -3.48 27.69 36.16
N TRP E 110 -3.70 28.38 37.27
CA TRP E 110 -3.18 29.72 37.45
C TRP E 110 -2.35 29.77 38.72
N GLY E 111 -1.38 30.67 38.73
CA GLY E 111 -0.71 31.02 39.97
C GLY E 111 -1.52 32.03 40.75
N GLN E 112 -1.07 32.30 41.97
CA GLN E 112 -1.76 33.28 42.79
C GLN E 112 -1.54 34.71 42.29
N GLY E 113 -0.44 34.96 41.61
CA GLY E 113 -0.10 36.27 41.09
C GLY E 113 0.80 37.05 42.02
N ILE E 114 1.69 37.85 41.42
CA ILE E 114 2.60 38.70 42.16
C ILE E 114 2.54 40.11 41.60
N LEU E 115 2.65 41.09 42.49
CA LEU E 115 2.64 42.50 42.10
C LEU E 115 4.00 42.93 41.59
N VAL E 116 3.99 43.73 40.53
CA VAL E 116 5.16 44.45 40.05
C VAL E 116 4.77 45.92 40.01
N THR E 117 5.53 46.76 40.70
CA THR E 117 5.26 48.19 40.77
C THR E 117 6.39 48.95 40.10
N VAL E 118 6.05 49.80 39.16
CA VAL E 118 7.00 50.65 38.45
C VAL E 118 6.56 52.10 38.65
N SER E 119 7.23 52.80 39.56
CA SER E 119 6.87 54.19 39.86
C SER E 119 8.14 55.00 40.08
N SER E 120 8.03 56.30 39.83
CA SER E 120 9.15 57.21 39.99
C SER E 120 9.29 57.64 41.45
N GLN F 1 -9.82 44.62 14.36
CA GLN F 1 -9.58 45.10 15.71
C GLN F 1 -9.37 43.94 16.67
N SER F 2 -8.29 43.99 17.43
CA SER F 2 -7.98 42.95 18.42
C SER F 2 -8.62 43.30 19.76
N VAL F 3 -9.96 43.34 19.76
CA VAL F 3 -10.74 43.78 20.90
C VAL F 3 -11.93 42.85 21.06
N LEU F 4 -12.26 42.50 22.30
CA LEU F 4 -13.51 41.86 22.65
C LEU F 4 -14.33 42.83 23.50
N THR F 5 -15.59 43.04 23.12
CA THR F 5 -16.42 44.05 23.75
C THR F 5 -17.44 43.37 24.67
N GLN F 6 -17.46 43.80 25.92
CA GLN F 6 -18.33 43.28 26.96
C GLN F 6 -19.11 44.43 27.60
N PRO F 7 -20.32 44.16 28.09
CA PRO F 7 -21.02 45.16 28.90
C PRO F 7 -20.21 45.48 30.14
N PRO F 8 -20.13 46.76 30.53
CA PRO F 8 -19.33 47.11 31.72
C PRO F 8 -19.81 46.45 32.99
N SER F 9 -21.13 46.24 33.12
CA SER F 9 -21.68 45.57 34.29
C SER F 9 -23.01 44.95 33.92
N VAL F 10 -23.40 43.94 34.68
CA VAL F 10 -24.68 43.26 34.51
C VAL F 10 -25.26 43.00 35.89
N SER F 11 -26.55 43.31 36.03
CA SER F 11 -27.26 43.08 37.28
C SER F 11 -28.45 42.15 37.01
N GLY F 12 -28.78 41.34 38.01
CA GLY F 12 -29.90 40.44 37.91
C GLY F 12 -30.39 40.03 39.27
N ALA F 13 -31.69 39.78 39.37
CA ALA F 13 -32.27 39.32 40.61
C ALA F 13 -31.99 37.83 40.80
N PRO F 14 -31.93 37.36 42.04
CA PRO F 14 -31.70 35.94 42.29
C PRO F 14 -32.78 35.08 41.65
N GLY F 15 -32.36 33.98 41.04
CA GLY F 15 -33.26 33.08 40.35
C GLY F 15 -33.52 33.43 38.90
N GLN F 16 -33.17 34.65 38.47
CA GLN F 16 -33.37 35.06 37.10
C GLN F 16 -32.26 34.52 36.20
N ARG F 17 -32.48 34.65 34.89
CA ARG F 17 -31.49 34.29 33.88
C ARG F 17 -30.85 35.57 33.35
N VAL F 18 -29.55 35.71 33.55
CA VAL F 18 -28.81 36.85 33.05
C VAL F 18 -27.93 36.39 31.90
N THR F 19 -27.62 37.34 31.01
CA THR F 19 -26.79 37.08 29.85
C THR F 19 -25.71 38.14 29.76
N ILE F 20 -24.49 37.70 29.44
CA ILE F 20 -23.37 38.61 29.20
C ILE F 20 -22.90 38.39 27.76
N SER F 21 -22.87 39.47 26.99
CA SER F 21 -22.50 39.42 25.59
C SER F 21 -21.01 39.67 25.41
N CYS F 22 -20.46 39.11 24.35
CA CYS F 22 -19.05 39.33 24.00
C CYS F 22 -18.99 39.42 22.48
N THR F 23 -18.95 40.65 21.96
CA THR F 23 -18.92 40.88 20.53
C THR F 23 -17.48 41.01 20.05
N GLY F 24 -17.14 40.24 19.02
CA GLY F 24 -15.80 40.23 18.47
C GLY F 24 -15.73 40.89 17.11
N THR F 25 -14.54 40.79 16.52
CA THR F 25 -14.25 41.38 15.23
C THR F 25 -13.81 40.29 14.25
N ASN F 26 -13.47 40.70 13.03
CA ASN F 26 -13.00 39.75 12.01
C ASN F 26 -11.64 39.17 12.33
N SER F 27 -10.91 39.73 13.29
CA SER F 27 -9.59 39.22 13.63
C SER F 27 -9.64 38.10 14.67
N ASN F 28 -10.68 38.03 15.48
CA ASN F 28 -10.81 36.97 16.48
C ASN F 28 -12.02 36.06 16.23
N ILE F 29 -13.24 36.59 16.25
CA ILE F 29 -14.40 35.70 16.17
C ILE F 29 -14.88 35.55 14.73
N GLY F 30 -14.75 36.61 13.93
CA GLY F 30 -15.04 36.49 12.51
C GLY F 30 -14.06 35.64 11.74
N THR F 31 -12.91 35.32 12.33
CA THR F 31 -11.94 34.41 11.73
C THR F 31 -12.31 32.95 11.96
N GLY F 32 -12.96 32.64 13.08
CA GLY F 32 -13.38 31.28 13.35
C GLY F 32 -12.89 30.75 14.69
N TYR F 33 -12.38 31.63 15.53
CA TYR F 33 -11.87 31.23 16.84
C TYR F 33 -13.02 31.09 17.84
N ASP F 34 -12.82 30.22 18.82
CA ASP F 34 -13.81 29.96 19.85
C ASP F 34 -13.62 30.93 21.02
N VAL F 35 -14.62 30.95 21.91
CA VAL F 35 -14.63 31.85 23.06
C VAL F 35 -14.59 31.02 24.33
N HIS F 36 -13.70 31.40 25.24
CA HIS F 36 -13.65 30.87 26.60
C HIS F 36 -14.11 31.94 27.58
N TRP F 37 -14.66 31.50 28.70
CA TRP F 37 -15.22 32.38 29.71
C TRP F 37 -14.56 32.12 31.05
N TYR F 38 -14.17 33.18 31.75
CA TYR F 38 -13.52 33.08 33.05
C TYR F 38 -14.32 33.82 34.11
N GLN F 39 -14.32 33.27 35.32
CA GLN F 39 -14.95 33.88 36.48
C GLN F 39 -13.86 34.28 37.46
N GLN F 40 -13.82 35.56 37.82
CA GLN F 40 -12.75 36.09 38.63
C GLN F 40 -13.30 36.82 39.85
N LEU F 41 -12.81 36.44 41.03
CA LEU F 41 -13.07 37.10 42.29
C LEU F 41 -12.01 38.17 42.55
N PRO F 42 -12.31 39.16 43.40
CA PRO F 42 -11.41 40.32 43.50
C PRO F 42 -9.98 39.99 43.88
N GLY F 43 -9.77 39.02 44.76
CA GLY F 43 -8.43 38.71 45.22
C GLY F 43 -7.79 37.48 44.64
N THR F 44 -8.50 36.71 43.82
CA THR F 44 -8.04 35.42 43.34
C THR F 44 -7.78 35.46 41.85
N ALA F 45 -7.27 34.34 41.33
CA ALA F 45 -6.99 34.18 39.92
C ALA F 45 -8.26 33.81 39.16
N PRO F 46 -8.29 34.06 37.85
CA PRO F 46 -9.46 33.65 37.06
C PRO F 46 -9.64 32.15 37.06
N LYS F 47 -10.90 31.74 36.95
CA LYS F 47 -11.27 30.33 36.84
C LYS F 47 -12.18 30.15 35.64
N VAL F 48 -11.85 29.18 34.79
CA VAL F 48 -12.61 29.00 33.56
C VAL F 48 -13.95 28.34 33.90
N VAL F 49 -15.03 28.92 33.39
CA VAL F 49 -16.37 28.37 33.56
C VAL F 49 -16.98 27.93 32.24
N LEU F 50 -16.35 28.23 31.11
CA LEU F 50 -16.84 27.82 29.80
C LEU F 50 -15.71 27.88 28.81
N PHE F 51 -15.68 26.92 27.88
CA PHE F 51 -14.69 26.90 26.82
C PHE F 51 -15.32 26.33 25.56
N ASP F 52 -14.74 26.69 24.41
CA ASP F 52 -15.28 26.32 23.10
C ASP F 52 -16.73 26.77 22.94
N ASN F 53 -17.05 27.91 23.56
CA ASN F 53 -18.30 28.65 23.51
C ASN F 53 -19.48 27.97 24.23
N ASN F 54 -19.38 26.69 24.50
CA ASN F 54 -20.50 26.02 25.17
C ASN F 54 -20.10 24.87 26.07
N ASN F 55 -18.83 24.57 26.26
CA ASN F 55 -18.40 23.37 26.98
C ASN F 55 -18.09 23.73 28.44
N ARG F 56 -18.58 22.92 29.34
CA ARG F 56 -18.50 23.20 30.77
C ARG F 56 -17.35 22.43 31.41
N PRO F 57 -16.46 23.10 32.13
CA PRO F 57 -15.43 22.38 32.88
C PRO F 57 -16.03 21.60 34.03
N SER F 58 -15.28 20.59 34.49
CA SER F 58 -15.71 19.80 35.63
C SER F 58 -15.81 20.68 36.87
N GLY F 59 -16.88 20.49 37.64
CA GLY F 59 -17.11 21.28 38.83
C GLY F 59 -17.92 22.54 38.61
N VAL F 60 -18.40 22.78 37.40
CA VAL F 60 -19.20 23.97 37.07
C VAL F 60 -20.65 23.53 36.92
N PRO F 61 -21.60 24.16 37.61
CA PRO F 61 -23.01 23.75 37.49
C PRO F 61 -23.57 24.06 36.12
N ASP F 62 -24.60 23.29 35.75
CA ASP F 62 -25.22 23.41 34.44
C ASP F 62 -25.95 24.73 34.23
N ARG F 63 -25.93 25.62 35.22
CA ARG F 63 -26.54 26.94 35.04
C ARG F 63 -25.84 27.76 33.97
N PHE F 64 -24.55 27.50 33.73
CA PHE F 64 -23.79 28.19 32.70
C PHE F 64 -23.95 27.44 31.39
N SER F 65 -24.42 28.14 30.34
CA SER F 65 -24.71 27.51 29.07
C SER F 65 -23.81 28.02 27.94
N GLY F 66 -23.85 29.32 27.65
CA GLY F 66 -23.04 29.89 26.60
C GLY F 66 -23.42 29.49 25.19
N SER F 67 -23.16 30.37 24.23
CA SER F 67 -23.40 30.12 22.82
C SER F 67 -22.61 31.12 22.00
N LYS F 68 -22.27 30.73 20.77
CA LYS F 68 -21.59 31.61 19.83
C LYS F 68 -22.35 31.59 18.52
N SER F 69 -22.59 32.77 17.96
CA SER F 69 -23.27 32.90 16.68
C SER F 69 -22.75 34.13 15.97
N GLY F 70 -22.38 33.95 14.70
CA GLY F 70 -21.86 35.04 13.90
C GLY F 70 -20.54 35.58 14.41
N THR F 71 -20.55 36.83 14.88
CA THR F 71 -19.35 37.49 15.38
C THR F 71 -19.48 37.86 16.86
N SER F 72 -20.43 37.27 17.56
CA SER F 72 -20.67 37.57 18.96
C SER F 72 -20.88 36.27 19.73
N ALA F 73 -20.61 36.33 21.03
CA ALA F 73 -20.79 35.20 21.92
C ALA F 73 -21.46 35.68 23.20
N ALA F 74 -22.17 34.77 23.85
CA ALA F 74 -22.94 35.14 25.04
C ALA F 74 -22.77 34.06 26.11
N LEU F 75 -22.78 34.48 27.36
CA LEU F 75 -22.72 33.58 28.51
C LEU F 75 -23.97 33.78 29.34
N ALA F 76 -24.71 32.69 29.58
CA ALA F 76 -25.99 32.74 30.27
C ALA F 76 -25.91 31.96 31.58
N ILE F 77 -26.48 32.54 32.64
CA ILE F 77 -26.47 31.95 33.97
C ILE F 77 -27.90 31.90 34.48
N THR F 78 -28.54 30.73 34.36
CA THR F 78 -29.87 30.56 34.92
C THR F 78 -29.79 30.37 36.43
N GLY F 79 -30.87 30.76 37.11
CA GLY F 79 -30.95 30.59 38.55
C GLY F 79 -29.86 31.31 39.31
N LEU F 80 -29.80 32.63 39.14
CA LEU F 80 -28.74 33.44 39.73
C LEU F 80 -28.62 33.20 41.23
N GLN F 81 -27.39 33.06 41.70
CA GLN F 81 -27.11 32.80 43.09
C GLN F 81 -26.08 33.81 43.59
N ALA F 82 -25.95 33.89 44.92
CA ALA F 82 -25.02 34.83 45.52
C ALA F 82 -23.57 34.45 45.21
N GLU F 83 -23.30 33.16 45.05
CA GLU F 83 -21.96 32.70 44.71
C GLU F 83 -21.53 33.09 43.31
N ASP F 84 -22.46 33.52 42.45
CA ASP F 84 -22.15 33.90 41.08
C ASP F 84 -21.64 35.33 40.97
N GLU F 85 -21.64 36.10 42.06
CA GLU F 85 -21.22 37.50 42.02
C GLU F 85 -19.72 37.57 41.81
N ALA F 86 -19.31 37.90 40.60
CA ALA F 86 -17.89 37.99 40.25
C ALA F 86 -17.74 38.87 39.01
N VAL F 87 -16.52 38.99 38.53
CA VAL F 87 -16.22 39.65 37.26
C VAL F 87 -15.97 38.57 36.23
N TYR F 88 -16.66 38.66 35.09
CA TYR F 88 -16.60 37.64 34.05
C TYR F 88 -15.87 38.18 32.83
N TYR F 89 -14.94 37.38 32.31
CA TYR F 89 -14.12 37.74 31.17
C TYR F 89 -14.35 36.74 30.05
N CYS F 90 -14.51 37.24 28.84
CA CYS F 90 -14.52 36.40 27.64
C CYS F 90 -13.14 36.46 27.00
N GLN F 91 -12.71 35.34 26.43
CA GLN F 91 -11.38 35.22 25.86
C GLN F 91 -11.47 34.57 24.49
N SER F 92 -10.64 35.05 23.56
CA SER F 92 -10.53 34.47 22.24
C SER F 92 -9.10 34.64 21.75
N TYR F 93 -8.73 33.82 20.78
CA TYR F 93 -7.48 34.03 20.08
C TYR F 93 -7.67 35.07 18.97
N ASP F 94 -6.68 35.93 18.82
CA ASP F 94 -6.70 36.99 17.81
C ASP F 94 -5.52 36.79 16.87
N LYS F 95 -5.79 36.78 15.56
CA LYS F 95 -4.74 36.53 14.60
C LYS F 95 -3.84 37.75 14.40
N SER F 96 -4.40 38.95 14.45
CA SER F 96 -3.58 40.15 14.29
C SER F 96 -2.75 40.41 15.54
N LEU F 97 -3.31 40.16 16.72
CA LEU F 97 -2.52 40.28 17.95
C LEU F 97 -1.54 39.13 18.09
N GLY F 98 -1.81 38.00 17.45
CA GLY F 98 -0.97 36.83 17.57
C GLY F 98 -0.97 36.23 18.96
N GLY F 99 -2.11 36.24 19.63
CA GLY F 99 -2.20 35.77 20.99
C GLY F 99 -3.62 35.82 21.50
N TRP F 100 -3.79 35.86 22.81
CA TRP F 100 -5.11 35.83 23.42
C TRP F 100 -5.59 37.24 23.72
N VAL F 101 -6.81 37.54 23.29
CA VAL F 101 -7.49 38.79 23.63
C VAL F 101 -8.54 38.48 24.68
N PHE F 102 -8.56 39.25 25.74
CA PHE F 102 -9.59 39.14 26.77
C PHE F 102 -10.63 40.23 26.59
N GLY F 103 -11.85 39.94 27.03
CA GLY F 103 -12.86 40.96 27.10
C GLY F 103 -12.53 41.98 28.18
N GLY F 104 -13.22 43.11 28.12
CA GLY F 104 -13.01 44.16 29.10
C GLY F 104 -13.36 43.77 30.52
N GLY F 105 -14.22 42.77 30.68
CA GLY F 105 -14.65 42.34 32.00
C GLY F 105 -16.04 42.85 32.33
N THR F 106 -16.90 41.97 32.82
CA THR F 106 -18.27 42.33 33.17
C THR F 106 -18.51 41.96 34.62
N LYS F 107 -18.82 42.96 35.44
CA LYS F 107 -19.17 42.74 36.85
C LYS F 107 -20.62 42.29 36.94
N LEU F 108 -20.84 41.08 37.43
CA LEU F 108 -22.19 40.56 37.64
C LEU F 108 -22.59 40.84 39.08
N THR F 109 -23.63 41.64 39.25
CA THR F 109 -24.16 41.98 40.56
C THR F 109 -25.47 41.25 40.79
N VAL F 110 -25.59 40.58 41.93
CA VAL F 110 -26.80 39.87 42.31
C VAL F 110 -27.60 40.81 43.20
N LEU F 111 -28.67 41.38 42.65
CA LEU F 111 -29.51 42.31 43.40
C LEU F 111 -30.28 41.61 44.49
N GLN G 26 14.93 -20.07 -16.59
CA GLN G 26 15.18 -21.30 -17.33
C GLN G 26 13.88 -21.95 -17.79
N ASN G 27 13.68 -23.18 -17.37
CA ASN G 27 12.51 -23.96 -17.76
C ASN G 27 11.74 -24.37 -16.50
N ILE G 28 10.45 -24.06 -16.47
CA ILE G 28 9.71 -24.05 -15.21
C ILE G 28 9.02 -25.40 -15.02
N THR G 29 9.21 -25.98 -13.84
CA THR G 29 8.56 -27.22 -13.46
C THR G 29 7.84 -27.02 -12.15
N GLU G 30 6.82 -27.84 -11.93
CA GLU G 30 6.00 -27.73 -10.73
C GLU G 30 5.77 -29.12 -10.15
N GLU G 31 5.81 -29.22 -8.83
CA GLU G 31 5.55 -30.46 -8.12
C GLU G 31 4.53 -30.19 -7.03
N PHE G 32 3.42 -30.91 -7.05
CA PHE G 32 2.37 -30.78 -6.04
C PHE G 32 2.44 -31.96 -5.10
N TYR G 33 2.39 -31.69 -3.81
CA TYR G 33 2.46 -32.71 -2.78
C TYR G 33 1.07 -32.86 -2.15
N GLN G 34 0.47 -34.03 -2.33
CA GLN G 34 -0.87 -34.28 -1.82
C GLN G 34 -0.86 -34.51 -0.32
N SER G 35 0.29 -34.95 0.23
CA SER G 35 0.39 -35.20 1.66
C SER G 35 0.27 -33.92 2.48
N THR G 36 0.85 -32.82 1.99
CA THR G 36 0.85 -31.57 2.74
C THR G 36 0.15 -30.42 2.03
N CYS G 37 -0.57 -30.68 0.94
CA CYS G 37 -1.36 -29.67 0.22
C CYS G 37 -0.48 -28.48 -0.17
N SER G 38 0.70 -28.78 -0.69
CA SER G 38 1.68 -27.75 -1.02
C SER G 38 2.27 -28.03 -2.39
N ALA G 39 2.68 -26.96 -3.06
CA ALA G 39 3.27 -27.05 -4.39
C ALA G 39 4.57 -26.27 -4.43
N VAL G 40 5.53 -26.78 -5.18
CA VAL G 40 6.81 -26.10 -5.40
C VAL G 40 7.00 -25.93 -6.89
N SER G 41 7.30 -24.71 -7.32
CA SER G 41 7.65 -24.42 -8.70
C SER G 41 9.13 -24.05 -8.75
N LYS G 42 9.87 -24.78 -9.58
CA LYS G 42 11.32 -24.64 -9.69
C LYS G 42 11.68 -24.11 -11.07
N GLY G 43 12.99 -23.94 -11.30
CA GLY G 43 13.50 -23.48 -12.57
C GLY G 43 13.73 -22.00 -12.67
N TYR G 44 13.54 -21.25 -11.59
CA TYR G 44 13.74 -19.81 -11.60
C TYR G 44 15.19 -19.45 -11.28
N LEU G 45 15.56 -18.21 -11.59
CA LEU G 45 16.92 -17.71 -11.43
C LEU G 45 16.91 -16.41 -10.63
N SER G 46 17.91 -16.23 -9.79
CA SER G 46 17.91 -15.13 -8.83
C SER G 46 18.46 -13.85 -9.43
N ALA G 47 17.93 -12.73 -8.95
CA ALA G 47 18.60 -11.43 -9.03
C ALA G 47 18.31 -10.75 -7.69
N LEU G 48 19.18 -10.99 -6.72
CA LEU G 48 18.95 -10.58 -5.34
C LEU G 48 19.63 -9.24 -5.08
N ARG G 49 18.85 -8.24 -4.67
CA ARG G 49 19.42 -6.95 -4.29
C ARG G 49 20.07 -7.10 -2.92
N THR G 50 21.39 -6.97 -2.88
CA THR G 50 22.15 -7.14 -1.66
C THR G 50 22.82 -5.86 -1.18
N GLY G 51 22.94 -4.86 -2.04
CA GLY G 51 23.58 -3.61 -1.67
C GLY G 51 23.02 -2.41 -2.40
N TRP G 52 23.64 -1.26 -2.18
CA TRP G 52 23.18 -0.02 -2.79
C TRP G 52 24.35 0.71 -3.41
N TYR G 53 24.09 1.39 -4.52
CA TYR G 53 25.03 2.33 -5.11
C TYR G 53 24.36 3.69 -5.19
N THR G 54 25.05 4.73 -4.74
CA THR G 54 24.53 6.08 -4.72
C THR G 54 25.21 6.92 -5.78
N SER G 55 24.41 7.58 -6.61
CA SER G 55 24.89 8.49 -7.63
C SER G 55 24.26 9.86 -7.41
N VAL G 56 24.96 10.90 -7.85
CA VAL G 56 24.51 12.28 -7.70
C VAL G 56 24.08 12.78 -9.07
N ILE G 57 22.83 13.22 -9.17
CA ILE G 57 22.25 13.78 -10.40
C ILE G 57 22.16 15.29 -10.22
N THR G 58 22.70 16.02 -11.19
CA THR G 58 22.90 17.46 -11.05
C THR G 58 22.15 18.20 -12.14
N ILE G 59 21.44 19.26 -11.75
CA ILE G 59 20.85 20.21 -12.68
C ILE G 59 21.47 21.58 -12.40
N GLU G 60 21.96 22.23 -13.43
CA GLU G 60 22.63 23.52 -13.29
C GLU G 60 21.60 24.64 -13.47
N LEU G 61 21.55 25.53 -12.49
CA LEU G 61 20.53 26.56 -12.44
C LEU G 61 21.13 27.94 -12.72
N SER G 62 20.26 28.88 -13.07
CA SER G 62 20.63 30.26 -13.32
C SER G 62 19.97 31.17 -12.30
N ASN G 63 20.64 32.28 -11.97
CA ASN G 63 20.12 33.24 -11.00
C ASN G 63 19.77 34.53 -11.72
N ILE G 64 18.48 34.70 -11.99
CA ILE G 64 17.97 35.90 -12.63
C ILE G 64 17.54 36.90 -11.56
N LYS G 65 18.02 38.14 -11.70
CA LYS G 65 17.61 39.23 -10.81
C LYS G 65 16.18 39.69 -11.13
N ASP G 73 4.09 43.25 -25.43
CA ASP G 73 4.19 42.15 -26.39
C ASP G 73 3.64 40.88 -25.76
N ALA G 74 2.84 40.13 -26.54
CA ALA G 74 2.25 38.90 -26.04
C ALA G 74 3.30 37.81 -25.83
N LYS G 75 4.31 37.75 -26.69
CA LYS G 75 5.36 36.73 -26.55
C LYS G 75 6.24 36.99 -25.34
N VAL G 76 6.49 38.26 -25.01
CA VAL G 76 7.26 38.57 -23.80
C VAL G 76 6.46 38.18 -22.56
N LYS G 77 5.15 38.38 -22.59
CA LYS G 77 4.31 37.97 -21.48
C LYS G 77 4.31 36.45 -21.30
N LEU G 78 4.42 35.71 -22.40
CA LEU G 78 4.52 34.26 -22.32
C LEU G 78 5.84 33.80 -21.72
N ILE G 79 6.94 34.48 -22.04
CA ILE G 79 8.23 34.15 -21.45
C ILE G 79 8.25 34.51 -19.98
N LYS G 80 7.62 35.63 -19.61
CA LYS G 80 7.58 36.05 -18.21
C LYS G 80 6.84 35.01 -17.36
N GLN G 81 5.75 34.45 -17.89
CA GLN G 81 5.01 33.43 -17.18
C GLN G 81 5.86 32.17 -16.99
N GLU G 82 6.61 31.78 -18.03
CA GLU G 82 7.42 30.58 -17.93
C GLU G 82 8.61 30.78 -17.00
N LEU G 83 9.16 32.01 -16.97
CA LEU G 83 10.26 32.30 -16.06
C LEU G 83 9.80 32.27 -14.61
N ASP G 84 8.60 32.77 -14.33
CA ASP G 84 8.07 32.71 -12.98
C ASP G 84 7.86 31.27 -12.54
N LYS G 85 7.41 30.41 -13.46
CA LYS G 85 7.27 29.00 -13.13
C LYS G 85 8.62 28.38 -12.80
N TYR G 86 9.67 28.78 -13.51
CA TYR G 86 11.02 28.29 -13.20
C TYR G 86 11.48 28.78 -11.83
N LYS G 87 11.25 30.06 -11.53
CA LYS G 87 11.66 30.60 -10.24
C LYS G 87 10.87 29.98 -9.10
N ASN G 88 9.58 29.74 -9.29
CA ASN G 88 8.77 29.13 -8.24
C ASN G 88 9.21 27.69 -7.97
N ALA G 89 9.66 26.97 -9.00
CA ALA G 89 10.16 25.62 -8.79
C ALA G 89 11.43 25.62 -7.97
N VAL G 90 12.31 26.60 -8.20
CA VAL G 90 13.53 26.72 -7.39
C VAL G 90 13.18 27.05 -5.94
N THR G 91 12.25 27.99 -5.74
CA THR G 91 11.83 28.34 -4.39
C THR G 91 11.13 27.17 -3.71
N GLU G 92 10.27 26.46 -4.45
CA GLU G 92 9.57 25.32 -3.87
C GLU G 92 10.54 24.21 -3.47
N LEU G 93 11.59 24.00 -4.28
CA LEU G 93 12.57 22.98 -3.94
C LEU G 93 13.46 23.44 -2.78
N GLN G 94 13.77 24.74 -2.72
CA GLN G 94 14.51 25.27 -1.58
C GLN G 94 13.70 25.14 -0.29
N LEU G 95 12.40 25.44 -0.36
CA LEU G 95 11.55 25.31 0.81
C LEU G 95 11.45 23.86 1.29
N LEU G 96 11.57 22.90 0.36
CA LEU G 96 11.58 21.49 0.75
C LEU G 96 12.77 21.18 1.66
N MET G 97 13.93 21.70 1.32
CA MET G 97 15.15 21.41 2.08
C MET G 97 15.32 22.33 3.29
N PHE G 137 2.96 -15.64 5.46
CA PHE G 137 2.49 -15.83 6.82
C PHE G 137 3.53 -15.38 7.83
N LEU G 138 4.80 -15.49 7.46
CA LEU G 138 5.92 -15.36 8.39
C LEU G 138 6.62 -14.01 8.27
N GLY G 139 5.92 -12.98 7.80
CA GLY G 139 6.53 -11.67 7.67
C GLY G 139 6.87 -11.00 8.99
N PHE G 140 6.27 -11.44 10.08
CA PHE G 140 6.58 -10.88 11.39
C PHE G 140 7.96 -11.28 11.91
N LEU G 141 8.57 -12.30 11.31
CA LEU G 141 9.91 -12.72 11.72
C LEU G 141 11.01 -11.86 11.11
N LEU G 142 10.68 -11.00 10.16
CA LEU G 142 11.71 -10.20 9.51
C LEU G 142 12.25 -9.12 10.45
N GLY G 143 13.46 -8.65 10.13
CA GLY G 143 14.01 -7.50 10.80
C GLY G 143 13.48 -6.21 10.22
N VAL G 144 14.01 -5.10 10.74
CA VAL G 144 13.63 -3.77 10.28
C VAL G 144 14.88 -3.05 9.78
N GLY G 145 14.85 -2.61 8.53
CA GLY G 145 15.96 -1.92 7.93
C GLY G 145 15.59 -0.47 7.59
N SER G 146 16.61 0.30 7.24
CA SER G 146 16.47 1.68 6.80
C SER G 146 16.82 1.71 5.31
N ALA G 147 15.81 1.84 4.47
CA ALA G 147 15.98 1.60 3.03
C ALA G 147 16.85 2.66 2.37
N ILE G 148 16.77 3.92 2.83
CA ILE G 148 17.49 5.00 2.16
C ILE G 148 18.60 5.54 3.05
N ALA G 149 19.07 4.73 4.00
CA ALA G 149 20.15 5.17 4.87
C ALA G 149 21.42 5.48 4.09
N SER G 150 21.76 4.63 3.12
CA SER G 150 22.97 4.86 2.33
C SER G 150 22.86 6.12 1.48
N GLY G 151 21.69 6.35 0.87
CA GLY G 151 21.51 7.56 0.08
C GLY G 151 21.47 8.82 0.93
N VAL G 152 20.81 8.76 2.09
CA VAL G 152 20.73 9.92 2.98
C VAL G 152 22.10 10.25 3.54
N ALA G 153 22.93 9.23 3.78
CA ALA G 153 24.29 9.46 4.27
C ALA G 153 25.11 10.24 3.26
N VAL G 154 24.97 9.93 1.97
CA VAL G 154 25.68 10.68 0.93
C VAL G 154 25.16 12.11 0.86
N CYS G 155 23.86 12.31 1.12
CA CYS G 155 23.30 13.65 1.12
C CYS G 155 23.94 14.53 2.19
N LYS G 156 24.20 13.96 3.37
CA LYS G 156 24.87 14.73 4.42
C LYS G 156 26.29 15.12 4.00
N VAL G 157 26.99 14.22 3.33
CA VAL G 157 28.35 14.51 2.87
C VAL G 157 28.33 15.67 1.89
N LEU G 158 27.30 15.76 1.06
CA LEU G 158 27.23 16.82 0.07
C LEU G 158 27.01 18.18 0.69
N HIS G 159 26.59 18.24 1.95
CA HIS G 159 26.35 19.51 2.64
C HIS G 159 27.61 20.11 3.23
N LEU G 160 28.74 19.38 3.19
CA LEU G 160 29.99 19.90 3.71
C LEU G 160 30.56 20.96 2.76
N GLU G 161 31.40 21.82 3.30
CA GLU G 161 31.91 22.95 2.53
C GLU G 161 32.85 22.48 1.43
N GLY G 162 32.59 22.93 0.21
CA GLY G 162 33.40 22.59 -0.94
C GLY G 162 32.96 21.36 -1.70
N GLU G 163 32.03 20.56 -1.16
CA GLU G 163 31.62 19.34 -1.84
C GLU G 163 30.88 19.64 -3.14
N VAL G 164 29.97 20.61 -3.11
CA VAL G 164 29.24 20.97 -4.32
C VAL G 164 30.19 21.57 -5.34
N ASN G 165 31.18 22.34 -4.88
CA ASN G 165 32.16 22.93 -5.79
C ASN G 165 32.99 21.86 -6.49
N LYS G 166 33.35 20.79 -5.76
CA LYS G 166 34.11 19.71 -6.39
C LYS G 166 33.29 19.05 -7.50
N ILE G 167 32.00 18.83 -7.26
CA ILE G 167 31.14 18.25 -8.28
C ILE G 167 30.95 19.22 -9.44
N LYS G 168 30.84 20.51 -9.15
CA LYS G 168 30.73 21.50 -10.22
C LYS G 168 31.98 21.51 -11.08
N SER G 169 33.16 21.48 -10.46
CA SER G 169 34.40 21.51 -11.23
C SER G 169 34.61 20.20 -12.01
N ALA G 170 34.13 19.08 -11.47
CA ALA G 170 34.24 17.82 -12.19
C ALA G 170 33.32 17.75 -13.41
N LEU G 171 32.20 18.47 -13.38
CA LEU G 171 31.20 18.43 -14.44
C LEU G 171 31.25 19.67 -15.33
N LEU G 172 32.35 20.44 -15.28
CA LEU G 172 32.43 21.67 -16.05
C LEU G 172 32.47 21.39 -17.55
N SER G 173 33.33 20.46 -17.97
CA SER G 173 33.50 20.15 -19.38
C SER G 173 32.85 18.83 -19.79
N THR G 174 32.27 18.10 -18.83
CA THR G 174 31.69 16.80 -19.11
C THR G 174 30.38 16.66 -18.34
N ASN G 175 29.48 15.84 -18.88
CA ASN G 175 28.21 15.56 -18.24
C ASN G 175 28.27 14.37 -17.29
N LYS G 176 29.40 13.65 -17.26
CA LYS G 176 29.54 12.46 -16.45
C LYS G 176 30.96 12.39 -15.91
N ALA G 177 31.09 12.12 -14.62
CA ALA G 177 32.40 12.03 -13.98
C ALA G 177 32.27 11.22 -12.71
N VAL G 178 33.42 10.70 -12.26
CA VAL G 178 33.53 10.02 -10.96
C VAL G 178 34.22 10.99 -10.01
N VAL G 179 33.55 11.32 -8.93
CA VAL G 179 34.06 12.28 -7.95
C VAL G 179 34.29 11.57 -6.63
N SER G 180 35.47 11.75 -6.05
CA SER G 180 35.78 11.21 -4.73
C SER G 180 35.39 12.24 -3.68
N LEU G 181 34.54 11.84 -2.75
CA LEU G 181 34.06 12.74 -1.70
C LEU G 181 35.09 12.83 -0.58
N SER G 182 34.80 13.69 0.41
CA SER G 182 35.72 13.89 1.52
C SER G 182 35.87 12.63 2.35
N ASN G 183 34.78 11.90 2.56
CA ASN G 183 34.81 10.67 3.35
C ASN G 183 35.49 9.52 2.62
N GLY G 184 35.99 9.74 1.39
CA GLY G 184 36.71 8.74 0.66
C GLY G 184 35.89 7.95 -0.33
N VAL G 185 34.57 8.16 -0.36
CA VAL G 185 33.70 7.43 -1.27
C VAL G 185 33.70 8.13 -2.63
N SER G 186 33.88 7.34 -3.69
CA SER G 186 33.76 7.83 -5.05
C SER G 186 32.35 7.54 -5.58
N VAL G 187 31.70 8.56 -6.13
CA VAL G 187 30.35 8.44 -6.65
C VAL G 187 30.33 8.89 -8.10
N LEU G 188 29.38 8.35 -8.85
CA LEU G 188 29.14 8.80 -10.22
C LEU G 188 28.31 10.08 -10.19
N THR G 189 28.72 11.07 -10.98
CA THR G 189 28.02 12.34 -11.05
C THR G 189 27.54 12.57 -12.48
N PHE G 190 26.28 12.97 -12.61
CA PHE G 190 25.66 13.22 -13.91
C PHE G 190 25.01 14.59 -13.91
N LYS G 191 25.27 15.35 -14.97
CA LYS G 191 24.54 16.58 -15.24
C LYS G 191 23.52 16.28 -16.33
N VAL G 192 22.26 16.17 -15.95
CA VAL G 192 21.21 15.76 -16.88
C VAL G 192 20.51 16.94 -17.52
N LEU G 193 20.56 18.13 -16.91
CA LEU G 193 19.88 19.30 -17.44
C LEU G 193 20.73 20.52 -17.15
N ASP G 194 20.86 21.38 -18.16
CA ASP G 194 21.66 22.60 -18.05
C ASP G 194 20.75 23.79 -18.34
N LEU G 195 20.06 24.28 -17.31
CA LEU G 195 19.21 25.45 -17.45
C LEU G 195 19.98 26.75 -17.31
N LYS G 196 21.20 26.71 -16.76
CA LYS G 196 22.01 27.92 -16.67
C LYS G 196 22.41 28.40 -18.07
N ASN G 197 22.83 27.48 -18.93
CA ASN G 197 23.31 27.86 -20.25
C ASN G 197 22.19 28.46 -21.11
N TYR G 198 21.05 27.80 -21.16
CA TYR G 198 19.97 28.27 -22.02
C TYR G 198 19.45 29.63 -21.57
N ILE G 199 19.28 29.81 -20.26
CA ILE G 199 18.73 31.06 -19.77
C ILE G 199 19.74 32.20 -19.93
N ASP G 200 21.02 31.92 -19.69
CA ASP G 200 22.03 32.96 -19.74
C ASP G 200 22.39 33.37 -21.17
N LYS G 201 22.37 32.43 -22.11
CA LYS G 201 22.87 32.69 -23.46
C LYS G 201 21.76 32.93 -24.49
N GLN G 202 20.77 32.05 -24.56
CA GLN G 202 19.72 32.18 -25.57
C GLN G 202 18.51 32.98 -25.09
N LEU G 203 18.51 33.45 -23.85
CA LEU G 203 17.36 34.15 -23.30
C LEU G 203 17.67 35.49 -22.66
N LEU G 204 18.93 35.75 -22.27
CA LEU G 204 19.29 37.02 -21.65
C LEU G 204 19.53 38.12 -22.68
N PRO G 205 20.33 37.90 -23.73
CA PRO G 205 20.57 39.00 -24.70
C PRO G 205 19.30 39.51 -25.35
N ILE G 206 18.34 38.63 -25.65
CA ILE G 206 17.11 39.07 -26.31
C ILE G 206 16.26 39.90 -25.38
N LEU G 207 16.18 39.51 -24.11
CA LEU G 207 15.34 40.21 -23.15
C LEU G 207 16.14 41.27 -22.38
N CYS G 212 12.84 44.52 -24.03
CA CYS G 212 12.16 43.23 -24.05
C CYS G 212 11.25 43.11 -25.27
N SER G 213 11.81 42.63 -26.38
CA SER G 213 11.08 42.46 -27.62
C SER G 213 11.42 41.10 -28.21
N ILE G 214 10.47 40.18 -28.19
CA ILE G 214 10.61 38.85 -28.78
C ILE G 214 10.05 38.89 -30.20
N SER G 215 10.81 38.37 -31.16
CA SER G 215 10.42 38.41 -32.55
C SER G 215 9.91 37.08 -33.08
N ASN G 216 10.15 35.98 -32.38
CA ASN G 216 9.80 34.66 -32.87
C ASN G 216 9.17 33.84 -31.75
N ILE G 217 8.07 33.15 -32.06
CA ILE G 217 7.39 32.30 -31.09
C ILE G 217 8.19 31.05 -30.76
N GLU G 218 9.24 30.76 -31.52
CA GLU G 218 10.01 29.53 -31.29
C GLU G 218 10.67 29.53 -29.92
N THR G 219 11.20 30.68 -29.49
CA THR G 219 11.91 30.73 -28.21
C THR G 219 10.97 30.48 -27.03
N VAL G 220 9.70 30.86 -27.15
CA VAL G 220 8.74 30.57 -26.09
C VAL G 220 8.53 29.07 -25.95
N ILE G 221 8.32 28.38 -27.07
CA ILE G 221 8.11 26.94 -27.04
C ILE G 221 9.37 26.21 -26.59
N GLU G 222 10.53 26.63 -27.11
CA GLU G 222 11.78 25.99 -26.75
C GLU G 222 12.09 26.14 -25.27
N PHE G 223 11.76 27.30 -24.69
CA PHE G 223 11.91 27.49 -23.25
C PHE G 223 10.96 26.61 -22.47
N GLN G 224 9.73 26.44 -22.96
CA GLN G 224 8.77 25.57 -22.30
C GLN G 224 9.24 24.12 -22.29
N GLN G 225 9.82 23.66 -23.41
CA GLN G 225 10.33 22.28 -23.47
C GLN G 225 11.46 22.06 -22.48
N LYS G 226 12.39 23.02 -22.38
CA LYS G 226 13.54 22.85 -21.50
C LYS G 226 13.14 22.87 -20.03
N ASN G 227 12.26 23.78 -19.65
CA ASN G 227 11.88 23.96 -18.26
C ASN G 227 10.91 22.89 -17.77
N ASN G 228 10.31 22.10 -18.67
CA ASN G 228 9.31 21.13 -18.27
C ASN G 228 9.87 20.08 -17.32
N ARG G 229 11.06 19.57 -17.61
CA ARG G 229 11.63 18.51 -16.78
C ARG G 229 11.89 18.99 -15.36
N LEU G 230 12.35 20.23 -15.21
CA LEU G 230 12.54 20.78 -13.87
C LEU G 230 11.21 20.87 -13.12
N LEU G 231 10.16 21.33 -13.78
CA LEU G 231 8.86 21.43 -13.13
C LEU G 231 8.30 20.06 -12.78
N GLU G 232 8.49 19.07 -13.67
CA GLU G 232 8.01 17.72 -13.39
C GLU G 232 8.77 17.09 -12.22
N ILE G 233 10.09 17.32 -12.14
CA ILE G 233 10.88 16.79 -11.04
C ILE G 233 10.43 17.43 -9.73
N THR G 234 10.22 18.76 -9.74
CA THR G 234 9.76 19.45 -8.54
C THR G 234 8.39 18.94 -8.10
N ARG G 235 7.52 18.65 -9.07
CA ARG G 235 6.19 18.13 -8.75
C ARG G 235 6.27 16.78 -8.06
N GLU G 236 7.16 15.90 -8.54
CA GLU G 236 7.30 14.59 -7.93
C GLU G 236 7.90 14.68 -6.53
N PHE G 237 8.88 15.55 -6.33
CA PHE G 237 9.51 15.66 -5.02
C PHE G 237 8.58 16.30 -4.01
N SER G 238 7.77 17.27 -4.44
CA SER G 238 6.92 18.00 -3.50
C SER G 238 5.75 17.18 -3.00
N VAL G 239 5.28 16.21 -3.78
CA VAL G 239 4.19 15.34 -3.35
C VAL G 239 4.69 14.06 -2.71
N ASN G 240 6.00 13.86 -2.62
CA ASN G 240 6.58 12.68 -1.99
C ASN G 240 7.49 13.03 -0.83
N ALA G 241 7.47 14.28 -0.37
CA ALA G 241 8.33 14.75 0.73
C ALA G 241 9.82 14.53 0.42
N GLY G 242 10.17 14.70 -0.86
CA GLY G 242 11.55 14.65 -1.29
C GLY G 242 12.14 13.28 -1.53
N VAL G 243 11.36 12.20 -1.36
CA VAL G 243 11.86 10.84 -1.56
C VAL G 243 10.85 10.10 -2.44
N THR G 244 11.28 9.69 -3.63
CA THR G 244 10.41 9.02 -4.59
C THR G 244 10.91 7.61 -4.88
N THR G 245 9.98 6.67 -5.04
CA THR G 245 10.25 5.33 -5.50
C THR G 245 8.95 4.83 -6.11
N PRO G 246 8.96 4.27 -7.32
CA PRO G 246 10.11 4.06 -8.21
C PRO G 246 10.68 5.36 -8.77
N VAL G 247 11.89 5.28 -9.32
CA VAL G 247 12.54 6.42 -9.94
C VAL G 247 11.96 6.59 -11.34
N SER G 248 11.31 7.73 -11.58
CA SER G 248 10.62 7.96 -12.83
C SER G 248 11.61 8.39 -13.92
N THR G 249 11.10 8.45 -15.15
CA THR G 249 11.92 8.86 -16.28
C THR G 249 12.18 10.37 -16.30
N TYR G 250 11.43 11.15 -15.53
CA TYR G 250 11.79 12.56 -15.33
C TYR G 250 13.04 12.67 -14.47
N MET G 251 13.15 11.85 -13.43
CA MET G 251 14.34 11.85 -12.60
C MET G 251 15.54 11.33 -13.37
N LEU G 252 15.34 10.29 -14.17
CA LEU G 252 16.42 9.64 -14.90
C LEU G 252 15.84 9.03 -16.16
N THR G 253 16.28 9.48 -17.32
CA THR G 253 15.80 8.91 -18.57
C THR G 253 16.41 7.52 -18.76
N ASN G 254 15.85 6.78 -19.73
CA ASN G 254 16.39 5.47 -20.06
C ASN G 254 17.83 5.57 -20.54
N SER G 255 18.12 6.59 -21.35
CA SER G 255 19.49 6.81 -21.81
C SER G 255 20.43 7.10 -20.65
N GLU G 256 19.97 7.91 -19.69
CA GLU G 256 20.82 8.27 -18.56
C GLU G 256 21.05 7.09 -17.63
N LEU G 257 20.00 6.29 -17.38
CA LEU G 257 20.13 5.13 -16.50
C LEU G 257 21.07 4.09 -17.09
N LEU G 258 20.96 3.83 -18.40
CA LEU G 258 21.83 2.87 -19.04
C LEU G 258 23.28 3.33 -19.02
N SER G 259 23.50 4.63 -19.23
CA SER G 259 24.85 5.18 -19.12
C SER G 259 25.39 5.05 -17.71
N LEU G 260 24.53 5.28 -16.71
CA LEU G 260 24.93 5.15 -15.31
C LEU G 260 25.28 3.71 -14.97
N ILE G 261 24.53 2.74 -15.50
CA ILE G 261 24.80 1.34 -15.23
C ILE G 261 26.15 0.94 -15.83
N ASN G 262 26.44 1.41 -17.04
CA ASN G 262 27.64 1.00 -17.74
C ASN G 262 28.92 1.50 -17.05
N ASP G 263 28.82 2.57 -16.26
CA ASP G 263 29.99 3.10 -15.55
C ASP G 263 30.00 2.75 -14.07
N MET G 264 29.04 1.95 -13.60
CA MET G 264 29.01 1.53 -12.21
C MET G 264 30.14 0.53 -11.94
N PRO G 265 30.65 0.49 -10.69
CA PRO G 265 31.71 -0.48 -10.37
C PRO G 265 31.16 -1.88 -10.12
N ILE G 266 30.53 -2.44 -11.15
CA ILE G 266 29.93 -3.76 -11.10
C ILE G 266 30.53 -4.61 -12.22
N THR G 267 30.28 -5.91 -12.16
CA THR G 267 30.75 -6.82 -13.19
C THR G 267 29.91 -6.68 -14.45
N ASN G 268 30.39 -7.31 -15.54
CA ASN G 268 29.62 -7.33 -16.77
C ASN G 268 28.33 -8.12 -16.63
N ASP G 269 28.33 -9.20 -15.83
CA ASP G 269 27.11 -9.94 -15.59
C ASP G 269 26.04 -9.05 -14.96
N GLN G 270 26.43 -8.24 -13.97
CA GLN G 270 25.50 -7.31 -13.35
C GLN G 270 25.05 -6.24 -14.34
N LYS G 271 25.93 -5.82 -15.24
CA LYS G 271 25.56 -4.82 -16.24
C LYS G 271 24.54 -5.35 -17.23
N LYS G 272 24.72 -6.58 -17.71
CA LYS G 272 23.73 -7.18 -18.60
C LYS G 272 22.40 -7.39 -17.89
N LEU G 273 22.45 -7.83 -16.63
CA LEU G 273 21.23 -8.06 -15.87
C LEU G 273 20.46 -6.76 -15.67
N MET G 274 21.16 -5.67 -15.35
CA MET G 274 20.50 -4.39 -15.13
C MET G 274 20.02 -3.77 -16.44
N SER G 275 20.84 -3.82 -17.48
CA SER G 275 20.49 -3.18 -18.74
C SER G 275 19.29 -3.83 -19.41
N ASN G 276 19.12 -5.14 -19.22
CA ASN G 276 18.00 -5.85 -19.81
C ASN G 276 16.75 -5.80 -18.94
N ASN G 277 16.85 -5.25 -17.73
CA ASN G 277 15.73 -5.23 -16.78
C ASN G 277 15.62 -3.86 -16.12
N VAL G 278 15.73 -2.79 -16.91
CA VAL G 278 15.77 -1.45 -16.34
C VAL G 278 14.47 -1.10 -15.63
N GLN G 279 13.35 -1.68 -16.05
CA GLN G 279 12.08 -1.39 -15.41
C GLN G 279 12.04 -1.97 -13.99
N ILE G 280 12.69 -3.11 -13.77
CA ILE G 280 12.82 -3.63 -12.41
C ILE G 280 13.79 -2.78 -11.61
N VAL G 281 14.88 -2.34 -12.24
CA VAL G 281 15.85 -1.48 -11.56
C VAL G 281 15.19 -0.19 -11.09
N ARG G 282 14.38 0.43 -11.96
CA ARG G 282 13.66 1.64 -11.58
C ARG G 282 12.77 1.37 -10.37
N GLN G 283 12.12 0.22 -10.35
CA GLN G 283 11.14 -0.08 -9.31
C GLN G 283 11.79 -0.32 -7.96
N GLN G 284 13.09 -0.63 -7.95
CA GLN G 284 13.82 -0.90 -6.72
C GLN G 284 14.84 0.18 -6.39
N SER G 285 14.72 1.36 -6.99
CA SER G 285 15.64 2.47 -6.75
C SER G 285 14.90 3.64 -6.13
N TYR G 286 15.69 4.55 -5.54
CA TYR G 286 15.15 5.71 -4.84
C TYR G 286 15.77 6.99 -5.40
N SER G 287 14.99 8.06 -5.39
CA SER G 287 15.48 9.39 -5.74
C SER G 287 15.26 10.30 -4.54
N ILE G 288 16.36 10.83 -4.00
CA ILE G 288 16.33 11.61 -2.77
C ILE G 288 16.81 13.02 -3.09
N MET G 289 15.91 14.00 -2.95
CA MET G 289 16.30 15.39 -3.12
C MET G 289 17.31 15.77 -2.04
N CYS G 290 18.40 16.42 -2.46
CA CYS G 290 19.54 16.62 -1.56
C CYS G 290 19.78 18.08 -1.20
N ILE G 291 20.03 18.94 -2.18
CA ILE G 291 20.57 20.27 -1.88
C ILE G 291 20.41 21.16 -3.11
N ILE G 292 20.24 22.46 -2.86
CA ILE G 292 20.39 23.51 -3.85
C ILE G 292 21.40 24.50 -3.29
N LYS G 293 22.52 24.67 -3.99
CA LYS G 293 23.60 25.50 -3.48
C LYS G 293 24.51 25.90 -4.63
N GLU G 294 24.83 27.19 -4.70
CA GLU G 294 25.70 27.74 -5.75
C GLU G 294 25.19 27.41 -7.15
N GLU G 295 23.91 27.69 -7.37
CA GLU G 295 23.25 27.51 -8.67
C GLU G 295 23.30 26.07 -9.16
N VAL G 296 23.30 25.11 -8.24
CA VAL G 296 23.31 23.70 -8.58
C VAL G 296 22.20 22.99 -7.82
N LEU G 297 21.35 22.28 -8.55
CA LEU G 297 20.37 21.37 -7.99
C LEU G 297 20.96 19.96 -8.03
N ALA G 298 20.90 19.27 -6.90
CA ALA G 298 21.45 17.92 -6.82
C ALA G 298 20.49 17.01 -6.07
N TYR G 299 20.22 15.83 -6.63
CA TYR G 299 19.49 14.78 -5.93
C TYR G 299 20.25 13.47 -6.11
N VAL G 300 20.07 12.57 -5.16
CA VAL G 300 20.79 11.30 -5.12
C VAL G 300 19.85 10.20 -5.58
N VAL G 301 20.31 9.41 -6.54
CA VAL G 301 19.58 8.23 -6.99
C VAL G 301 20.27 7.01 -6.38
N GLN G 302 19.53 6.26 -5.58
CA GLN G 302 20.05 5.08 -4.88
C GLN G 302 19.69 3.86 -5.73
N LEU G 303 20.69 3.26 -6.35
CA LEU G 303 20.44 2.17 -7.28
C LEU G 303 20.74 0.82 -6.64
N PRO G 304 19.95 -0.19 -6.99
CA PRO G 304 20.17 -1.53 -6.42
C PRO G 304 21.45 -2.17 -6.93
N LEU G 305 22.11 -2.90 -6.03
CA LEU G 305 23.25 -3.75 -6.36
C LEU G 305 22.80 -5.20 -6.26
N TYR G 306 22.80 -5.92 -7.38
CA TYR G 306 22.38 -7.32 -7.40
C TYR G 306 23.62 -8.19 -7.28
N GLY G 307 24.00 -8.51 -6.05
CA GLY G 307 25.21 -9.25 -5.78
C GLY G 307 25.12 -10.75 -5.88
N VAL G 308 23.92 -11.33 -5.75
CA VAL G 308 23.73 -12.77 -5.86
C VAL G 308 22.77 -13.01 -7.02
N ILE G 309 23.29 -13.55 -8.13
CA ILE G 309 22.52 -13.66 -9.37
C ILE G 309 22.68 -15.06 -9.94
N ASP G 310 21.66 -15.46 -10.71
CA ASP G 310 21.69 -16.66 -11.56
C ASP G 310 21.82 -17.95 -10.77
N THR G 311 21.37 -17.95 -9.60
CA THR G 311 21.32 -19.05 -8.65
C THR G 311 19.91 -19.64 -8.63
N PRO G 312 19.74 -20.95 -8.41
CA PRO G 312 18.39 -21.52 -8.42
C PRO G 312 17.46 -20.90 -7.38
N CYS G 313 16.22 -20.66 -7.81
CA CYS G 313 15.16 -20.14 -6.95
C CYS G 313 13.91 -20.97 -7.15
N TRP G 314 13.08 -21.04 -6.11
CA TRP G 314 11.83 -21.78 -6.18
C TRP G 314 10.79 -21.17 -5.25
N LYS G 315 9.52 -21.31 -5.63
CA LYS G 315 8.41 -20.72 -4.91
C LYS G 315 7.56 -21.82 -4.28
N LEU G 316 7.19 -21.63 -3.02
CA LEU G 316 6.36 -22.56 -2.28
C LEU G 316 4.95 -21.99 -2.19
N HIS G 317 3.96 -22.80 -2.57
CA HIS G 317 2.55 -22.46 -2.43
C HIS G 317 1.91 -23.46 -1.48
N THR G 318 1.16 -22.96 -0.50
CA THR G 318 0.51 -23.81 0.48
C THR G 318 -0.96 -23.44 0.60
N SER G 319 -1.78 -24.44 0.91
CA SER G 319 -3.21 -24.31 1.11
C SER G 319 -3.61 -25.14 2.31
N PRO G 320 -4.68 -24.75 3.01
CA PRO G 320 -5.10 -25.49 4.20
C PRO G 320 -5.45 -26.95 3.90
N LEU G 321 -5.06 -27.83 4.80
CA LEU G 321 -5.33 -29.26 4.69
C LEU G 321 -6.18 -29.67 5.89
N CYS G 322 -7.41 -30.09 5.63
CA CYS G 322 -8.38 -30.37 6.68
C CYS G 322 -8.93 -31.79 6.53
N THR G 323 -9.51 -32.29 7.61
CA THR G 323 -10.28 -33.52 7.54
C THR G 323 -11.67 -33.24 6.96
N THR G 324 -12.33 -34.29 6.49
CA THR G 324 -13.55 -34.16 5.69
C THR G 324 -14.71 -34.91 6.35
N ASN G 325 -14.90 -34.70 7.65
CA ASN G 325 -16.09 -35.22 8.32
C ASN G 325 -17.30 -34.38 7.95
N THR G 326 -18.46 -35.03 7.79
CA THR G 326 -19.65 -34.33 7.33
C THR G 326 -20.16 -33.34 8.37
N LYS G 327 -19.96 -33.63 9.65
CA LYS G 327 -20.46 -32.74 10.70
C LYS G 327 -19.66 -31.44 10.74
N GLU G 328 -20.38 -30.32 10.77
CA GLU G 328 -19.75 -29.01 10.80
C GLU G 328 -19.14 -28.74 12.17
N GLY G 329 -17.90 -28.22 12.17
CA GLY G 329 -17.20 -27.93 13.39
C GLY G 329 -16.41 -29.08 13.98
N SER G 330 -16.44 -30.25 13.36
CA SER G 330 -15.76 -31.44 13.88
C SER G 330 -14.44 -31.73 13.16
N ASN G 331 -13.95 -30.80 12.36
CA ASN G 331 -12.78 -31.04 11.51
C ASN G 331 -11.59 -30.22 12.00
N ILE G 332 -10.40 -30.83 11.91
CA ILE G 332 -9.16 -30.18 12.25
C ILE G 332 -8.42 -29.83 10.96
N CYS G 333 -7.62 -28.76 11.02
CA CYS G 333 -6.93 -28.24 9.86
C CYS G 333 -5.48 -27.94 10.21
N LEU G 334 -4.61 -27.97 9.19
CA LEU G 334 -3.26 -27.47 9.30
C LEU G 334 -2.84 -26.88 7.96
N THR G 335 -1.95 -25.89 8.03
CA THR G 335 -1.41 -25.26 6.85
C THR G 335 0.08 -25.02 7.04
N ARG G 336 0.87 -25.30 6.01
CA ARG G 336 2.27 -24.90 6.02
C ARG G 336 2.36 -23.39 5.86
N THR G 337 3.01 -22.73 6.81
CA THR G 337 3.08 -21.28 6.84
C THR G 337 4.34 -20.73 6.16
N ASP G 338 5.22 -21.60 5.67
CA ASP G 338 6.48 -21.17 5.07
C ASP G 338 6.36 -20.89 3.57
N ARG G 339 5.18 -20.46 3.11
CA ARG G 339 4.99 -20.12 1.71
C ARG G 339 5.80 -18.87 1.34
N GLY G 340 6.34 -18.87 0.14
CA GLY G 340 7.09 -17.73 -0.35
C GLY G 340 8.19 -18.17 -1.29
N TRP G 341 9.12 -17.25 -1.53
CA TRP G 341 10.23 -17.46 -2.45
C TRP G 341 11.47 -17.92 -1.70
N TYR G 342 12.15 -18.91 -2.26
CA TYR G 342 13.40 -19.43 -1.73
C TYR G 342 14.47 -19.35 -2.81
N CYS G 343 15.62 -18.80 -2.48
CA CYS G 343 16.79 -18.67 -3.40
C CYS G 343 18.09 -19.23 -2.80
N ASP G 344 18.82 -20.01 -3.58
CA ASP G 344 20.16 -20.51 -3.16
C ASP G 344 21.10 -19.29 -3.03
N ASN G 345 21.91 -19.27 -2.00
CA ASN G 345 22.73 -18.10 -1.62
C ASN G 345 23.93 -18.61 -0.84
N ALA G 346 25.05 -18.71 -1.52
CA ALA G 346 26.31 -19.23 -0.99
C ALA G 346 25.99 -20.64 -0.54
N GLY G 347 26.28 -20.99 0.65
CA GLY G 347 25.84 -22.34 1.03
C GLY G 347 24.54 -22.40 1.80
N SER G 348 23.76 -21.34 1.84
CA SER G 348 22.47 -21.24 2.53
C SER G 348 21.30 -20.89 1.59
N VAL G 349 20.16 -20.59 2.16
CA VAL G 349 18.93 -20.24 1.40
C VAL G 349 18.39 -18.89 1.87
N SER G 350 18.04 -18.04 0.94
CA SER G 350 17.35 -16.77 1.27
C SER G 350 15.85 -17.05 1.19
N PHE G 351 15.07 -16.83 2.25
CA PHE G 351 13.62 -16.99 2.30
C PHE G 351 12.94 -15.63 2.31
N PHE G 352 11.95 -15.45 1.44
CA PHE G 352 11.21 -14.20 1.30
C PHE G 352 9.73 -14.50 1.54
N PRO G 353 9.25 -14.37 2.78
CA PRO G 353 7.85 -14.72 3.08
C PRO G 353 6.82 -13.88 2.34
N GLN G 354 7.11 -12.61 2.09
CA GLN G 354 6.11 -11.69 1.56
C GLN G 354 6.12 -11.69 0.03
N ALA G 355 5.02 -11.22 -0.54
CA ALA G 355 4.80 -11.30 -1.98
C ALA G 355 5.11 -10.01 -2.74
N GLU G 356 5.04 -8.86 -2.07
CA GLU G 356 5.43 -7.62 -2.71
C GLU G 356 6.93 -7.48 -2.85
N THR G 357 7.68 -8.18 -2.00
CA THR G 357 9.13 -8.02 -1.94
C THR G 357 9.86 -8.65 -3.11
N CYS G 358 9.20 -9.46 -3.93
CA CYS G 358 9.86 -10.17 -5.02
C CYS G 358 9.13 -9.89 -6.34
N LYS G 359 9.87 -9.43 -7.34
CA LYS G 359 9.35 -9.16 -8.67
C LYS G 359 9.89 -10.21 -9.64
N VAL G 360 8.99 -10.79 -10.42
CA VAL G 360 9.35 -11.85 -11.36
C VAL G 360 9.29 -11.27 -12.77
N GLN G 361 10.44 -11.25 -13.45
CA GLN G 361 10.53 -10.79 -14.83
C GLN G 361 10.95 -11.98 -15.67
N SER G 362 9.97 -12.61 -16.33
CA SER G 362 10.17 -13.85 -17.08
C SER G 362 10.62 -14.91 -16.09
N ASN G 363 11.80 -15.51 -16.26
CA ASN G 363 12.33 -16.52 -15.35
C ASN G 363 13.12 -15.93 -14.19
N ARG G 364 13.42 -14.64 -14.22
CA ARG G 364 14.28 -14.00 -13.23
C ARG G 364 13.45 -13.45 -12.07
N VAL G 365 13.86 -13.78 -10.86
CA VAL G 365 13.17 -13.36 -9.64
C VAL G 365 14.02 -12.29 -8.97
N PHE G 366 13.48 -11.09 -8.86
CA PHE G 366 14.17 -9.96 -8.23
C PHE G 366 13.65 -9.81 -6.81
N CYS G 367 14.41 -10.30 -5.85
CA CYS G 367 14.01 -10.32 -4.44
C CYS G 367 14.92 -9.40 -3.63
N ASP G 368 14.32 -8.62 -2.75
CA ASP G 368 15.07 -7.73 -1.88
C ASP G 368 15.51 -8.47 -0.62
N THR G 369 16.82 -8.57 -0.41
CA THR G 369 17.37 -9.28 0.74
C THR G 369 17.02 -8.60 2.06
N MET G 370 16.63 -7.33 2.04
CA MET G 370 16.20 -6.66 3.27
C MET G 370 15.01 -7.37 3.89
N ASN G 371 14.05 -7.79 3.08
CA ASN G 371 12.88 -8.54 3.54
C ASN G 371 13.11 -10.04 3.43
N SER G 372 14.22 -10.53 3.98
CA SER G 372 14.62 -11.90 3.78
C SER G 372 15.06 -12.50 5.09
N LEU G 373 14.97 -13.83 5.16
CA LEU G 373 15.48 -14.62 6.26
C LEU G 373 16.55 -15.56 5.73
N THR G 374 17.62 -15.73 6.49
CA THR G 374 18.71 -16.64 6.12
C THR G 374 18.49 -17.97 6.82
N LEU G 375 18.39 -19.04 6.04
CA LEU G 375 18.06 -20.36 6.55
C LEU G 375 19.07 -21.38 6.04
N PRO G 376 19.25 -22.48 6.77
CA PRO G 376 20.08 -23.57 6.24
C PRO G 376 19.43 -24.21 5.03
N SER G 377 20.26 -24.83 4.20
CA SER G 377 19.76 -25.47 2.98
C SER G 377 18.82 -26.63 3.29
N GLU G 378 18.81 -27.11 4.53
CA GLU G 378 17.95 -28.21 4.95
C GLU G 378 16.48 -27.82 5.06
N VAL G 379 16.16 -26.53 4.90
CA VAL G 379 14.76 -26.11 4.85
C VAL G 379 14.01 -26.75 3.68
N ASN G 380 14.72 -27.12 2.61
CA ASN G 380 14.08 -27.77 1.47
C ASN G 380 13.60 -29.18 1.81
N LEU G 381 14.11 -29.76 2.90
CA LEU G 381 13.71 -31.11 3.27
C LEU G 381 12.24 -31.20 3.64
N CYS G 382 11.61 -30.08 3.99
CA CYS G 382 10.20 -30.07 4.33
C CYS G 382 9.33 -30.36 3.10
N ASN G 383 9.83 -30.10 1.91
CA ASN G 383 9.06 -30.36 0.69
C ASN G 383 9.05 -31.85 0.35
N VAL G 384 10.07 -32.58 0.76
CA VAL G 384 10.17 -34.01 0.43
C VAL G 384 9.66 -34.82 1.62
N ASP G 385 9.93 -34.35 2.84
CA ASP G 385 9.49 -35.05 4.04
C ASP G 385 9.18 -34.00 5.11
N ILE G 386 7.90 -33.78 5.38
CA ILE G 386 7.50 -32.82 6.39
C ILE G 386 7.90 -33.27 7.79
N PHE G 387 8.14 -34.57 7.96
CA PHE G 387 8.43 -35.16 9.26
C PHE G 387 9.92 -35.46 9.43
N ASN G 388 10.78 -34.83 8.64
CA ASN G 388 12.20 -35.10 8.70
C ASN G 388 12.81 -34.58 10.01
N PRO G 389 13.84 -35.24 10.51
CA PRO G 389 14.43 -34.81 11.79
C PRO G 389 15.40 -33.64 11.67
N LYS G 390 15.94 -33.37 10.50
CA LYS G 390 16.94 -32.31 10.36
C LYS G 390 16.32 -30.92 10.50
N TYR G 391 15.14 -30.69 9.94
CA TYR G 391 14.52 -29.36 9.96
C TYR G 391 13.10 -29.45 10.51
N ASP G 392 12.73 -28.48 11.33
CA ASP G 392 11.39 -28.40 11.91
C ASP G 392 10.52 -27.50 11.02
N CYS G 393 9.51 -28.09 10.39
CA CYS G 393 8.70 -27.38 9.41
C CYS G 393 7.62 -26.55 10.08
N LYS G 394 7.48 -25.31 9.64
CA LYS G 394 6.53 -24.38 10.23
C LYS G 394 5.11 -24.69 9.76
N ILE G 395 4.18 -24.80 10.71
CA ILE G 395 2.77 -25.05 10.40
C ILE G 395 1.89 -24.20 11.31
N MET G 396 0.64 -24.04 10.89
CA MET G 396 -0.41 -23.45 11.71
C MET G 396 -1.60 -24.40 11.72
N THR G 397 -2.34 -24.42 12.82
CA THR G 397 -3.48 -25.31 12.97
C THR G 397 -4.73 -24.50 13.31
N SER G 398 -5.89 -25.07 12.97
CA SER G 398 -7.16 -24.39 13.20
C SER G 398 -8.28 -25.42 13.08
N LYS G 399 -9.51 -24.93 13.23
CA LYS G 399 -10.71 -25.71 13.00
C LYS G 399 -11.62 -25.07 11.96
N THR G 400 -11.16 -24.01 11.30
CA THR G 400 -11.94 -23.31 10.28
C THR G 400 -11.63 -23.95 8.93
N ASP G 401 -12.49 -24.88 8.50
CA ASP G 401 -12.34 -25.55 7.22
C ASP G 401 -13.19 -24.82 6.19
N VAL G 402 -12.63 -23.74 5.65
CA VAL G 402 -13.25 -22.99 4.58
C VAL G 402 -12.61 -23.41 3.26
N SER G 403 -13.34 -23.20 2.17
CA SER G 403 -12.87 -23.56 0.84
C SER G 403 -12.20 -22.36 0.18
N SER G 404 -11.11 -22.63 -0.53
CA SER G 404 -10.39 -21.58 -1.24
C SER G 404 -9.51 -22.25 -2.30
N SER G 405 -8.79 -21.43 -3.04
CA SER G 405 -7.88 -21.91 -4.08
C SER G 405 -6.62 -21.06 -4.06
N VAL G 406 -5.50 -21.70 -4.37
CA VAL G 406 -4.22 -21.02 -4.54
C VAL G 406 -3.76 -21.25 -5.97
N ILE G 407 -3.55 -20.17 -6.71
CA ILE G 407 -3.09 -20.25 -8.09
C ILE G 407 -1.56 -20.28 -8.07
N THR G 408 -0.99 -21.38 -8.53
CA THR G 408 0.45 -21.55 -8.52
C THR G 408 1.03 -21.10 -9.86
N SER G 409 2.30 -21.40 -10.10
CA SER G 409 2.91 -21.00 -11.36
C SER G 409 2.34 -21.77 -12.54
N LEU G 410 2.10 -23.08 -12.38
CA LEU G 410 1.70 -23.93 -13.49
C LEU G 410 0.39 -24.68 -13.21
N GLY G 411 -0.42 -24.18 -12.28
CA GLY G 411 -1.64 -24.89 -11.95
C GLY G 411 -2.38 -24.21 -10.81
N ALA G 412 -3.21 -24.98 -10.13
CA ALA G 412 -4.04 -24.45 -9.05
C ALA G 412 -4.21 -25.52 -7.99
N ILE G 413 -4.04 -25.13 -6.73
CA ILE G 413 -4.39 -25.98 -5.60
C ILE G 413 -5.81 -25.62 -5.19
N VAL G 414 -6.68 -26.61 -5.08
CA VAL G 414 -8.06 -26.41 -4.71
C VAL G 414 -8.29 -27.08 -3.36
N SER G 415 -8.76 -26.31 -2.38
CA SER G 415 -9.14 -26.83 -1.08
C SER G 415 -10.66 -26.75 -0.99
N CYS G 416 -11.32 -27.90 -1.10
CA CYS G 416 -12.78 -27.97 -1.11
C CYS G 416 -13.28 -28.66 0.15
N TYR G 417 -14.11 -27.97 0.92
CA TYR G 417 -14.63 -28.49 2.18
C TYR G 417 -16.09 -28.08 2.34
N GLY G 418 -16.82 -28.88 3.11
CA GLY G 418 -18.23 -28.58 3.36
C GLY G 418 -19.09 -28.79 2.13
N LYS G 419 -20.05 -27.90 1.93
CA LYS G 419 -20.99 -27.98 0.83
C LYS G 419 -20.56 -27.15 -0.37
N THR G 420 -19.34 -26.62 -0.36
CA THR G 420 -18.86 -25.81 -1.46
C THR G 420 -18.68 -26.65 -2.73
N LYS G 421 -19.05 -26.08 -3.87
CA LYS G 421 -18.88 -26.71 -5.17
C LYS G 421 -17.58 -26.21 -5.79
N CYS G 422 -16.70 -27.14 -6.15
CA CYS G 422 -15.40 -26.81 -6.73
C CYS G 422 -15.25 -27.53 -8.06
N THR G 423 -14.95 -26.79 -9.11
CA THR G 423 -14.80 -27.35 -10.45
C THR G 423 -13.63 -26.70 -11.15
N ALA G 424 -13.16 -27.36 -12.22
CA ALA G 424 -12.16 -26.81 -13.12
C ALA G 424 -12.69 -26.90 -14.54
N SER G 425 -12.45 -25.85 -15.33
CA SER G 425 -13.01 -25.74 -16.67
C SER G 425 -11.96 -25.23 -17.65
N ASN G 426 -12.26 -25.39 -18.93
CA ASN G 426 -11.55 -24.67 -19.98
C ASN G 426 -12.58 -24.08 -20.93
N LYS G 427 -12.15 -23.07 -21.69
CA LYS G 427 -13.09 -22.26 -22.44
C LYS G 427 -13.78 -23.02 -23.55
N ASN G 428 -13.13 -24.04 -24.11
CA ASN G 428 -13.66 -24.73 -25.28
C ASN G 428 -14.49 -25.95 -24.95
N ARG G 429 -14.31 -26.54 -23.77
CA ARG G 429 -14.96 -27.80 -23.44
C ARG G 429 -15.81 -27.75 -22.18
N GLY G 430 -15.72 -26.69 -21.38
CA GLY G 430 -16.52 -26.59 -20.18
C GLY G 430 -15.89 -27.24 -18.98
N ILE G 431 -16.72 -27.73 -18.05
CA ILE G 431 -16.22 -28.35 -16.84
C ILE G 431 -15.49 -29.64 -17.20
N ILE G 432 -14.23 -29.74 -16.77
CA ILE G 432 -13.39 -30.89 -17.07
C ILE G 432 -13.24 -31.74 -15.82
N LYS G 433 -13.25 -31.10 -14.66
CA LYS G 433 -13.05 -31.79 -13.40
C LYS G 433 -13.97 -31.22 -12.35
N THR G 434 -14.57 -32.09 -11.55
CA THR G 434 -15.33 -31.70 -10.36
C THR G 434 -14.58 -32.21 -9.15
N PHE G 435 -14.23 -31.29 -8.25
CA PHE G 435 -13.39 -31.65 -7.11
C PHE G 435 -14.23 -32.27 -6.00
N SER G 436 -13.70 -33.33 -5.40
CA SER G 436 -14.26 -33.90 -4.20
C SER G 436 -13.73 -33.15 -2.98
N ASN G 437 -14.31 -33.46 -1.82
CA ASN G 437 -13.90 -32.79 -0.60
C ASN G 437 -12.46 -33.13 -0.26
N GLY G 438 -11.67 -32.13 0.08
CA GLY G 438 -10.27 -32.29 0.36
C GLY G 438 -9.44 -31.26 -0.36
N CYS G 439 -8.15 -31.53 -0.51
CA CYS G 439 -7.23 -30.64 -1.20
C CYS G 439 -6.67 -31.37 -2.42
N ASP G 440 -6.85 -30.77 -3.59
CA ASP G 440 -6.42 -31.40 -4.84
C ASP G 440 -5.64 -30.41 -5.68
N TYR G 441 -5.30 -30.80 -6.91
CA TYR G 441 -4.48 -29.95 -7.76
C TYR G 441 -4.79 -30.27 -9.21
N VAL G 442 -4.77 -29.23 -10.04
CA VAL G 442 -4.89 -29.39 -11.49
C VAL G 442 -3.77 -28.57 -12.15
N SER G 443 -3.25 -29.10 -13.24
CA SER G 443 -2.28 -28.40 -14.06
C SER G 443 -2.99 -27.41 -14.98
N ASN G 444 -2.22 -26.50 -15.55
CA ASN G 444 -2.75 -25.49 -16.45
C ASN G 444 -2.76 -25.95 -17.91
N LYS G 445 -2.41 -27.21 -18.18
CA LYS G 445 -2.36 -27.70 -19.55
C LYS G 445 -3.74 -27.72 -20.19
N GLY G 446 -4.72 -28.28 -19.49
CA GLY G 446 -6.07 -28.37 -20.04
C GLY G 446 -7.09 -27.50 -19.35
N VAL G 447 -6.65 -26.66 -18.42
CA VAL G 447 -7.53 -25.87 -17.57
C VAL G 447 -7.23 -24.39 -17.79
N ASP G 448 -8.29 -23.59 -17.95
CA ASP G 448 -8.19 -22.14 -17.93
C ASP G 448 -8.75 -21.52 -16.66
N THR G 449 -9.77 -22.12 -16.07
CA THR G 449 -10.44 -21.52 -14.92
C THR G 449 -10.70 -22.57 -13.85
N VAL G 450 -10.72 -22.11 -12.61
CA VAL G 450 -11.10 -22.89 -11.45
C VAL G 450 -12.18 -22.12 -10.70
N SER G 451 -13.24 -22.84 -10.30
CA SER G 451 -14.34 -22.25 -9.56
C SER G 451 -14.43 -22.91 -8.20
N VAL G 452 -14.27 -22.13 -7.14
CA VAL G 452 -14.45 -22.59 -5.77
C VAL G 452 -15.59 -21.78 -5.19
N GLY G 453 -16.77 -22.39 -5.05
CA GLY G 453 -17.91 -21.65 -4.55
C GLY G 453 -18.29 -20.54 -5.49
N ASN G 454 -18.31 -19.32 -4.96
CA ASN G 454 -18.75 -18.13 -5.70
C ASN G 454 -17.61 -17.36 -6.36
N THR G 455 -16.37 -17.81 -6.26
CA THR G 455 -15.25 -17.09 -6.86
C THR G 455 -14.65 -17.90 -8.00
N LEU G 456 -14.39 -17.23 -9.11
CA LEU G 456 -13.77 -17.83 -10.28
C LEU G 456 -12.32 -17.34 -10.38
N TYR G 457 -11.40 -18.28 -10.57
CA TYR G 457 -9.98 -17.97 -10.72
C TYR G 457 -9.54 -18.29 -12.13
N TYR G 458 -8.77 -17.39 -12.73
CA TYR G 458 -8.04 -17.70 -13.96
C TYR G 458 -6.66 -18.22 -13.58
N VAL G 459 -6.25 -19.29 -14.23
CA VAL G 459 -4.95 -19.89 -13.96
C VAL G 459 -3.92 -19.25 -14.87
N ASN G 460 -2.67 -19.26 -14.43
CA ASN G 460 -1.56 -18.78 -15.26
C ASN G 460 -1.32 -19.75 -16.41
N LYS G 461 -1.14 -19.22 -17.61
CA LYS G 461 -0.96 -20.02 -18.82
C LYS G 461 0.51 -20.16 -19.21
N GLN G 462 1.42 -20.03 -18.26
CA GLN G 462 2.84 -20.21 -18.53
C GLN G 462 3.14 -21.67 -18.88
N GLU G 463 4.06 -21.87 -19.81
CA GLU G 463 4.48 -23.20 -20.20
C GLU G 463 5.34 -23.84 -19.12
N GLY G 464 5.16 -25.14 -18.95
CA GLY G 464 5.95 -25.88 -17.98
C GLY G 464 5.37 -27.25 -17.73
N LYS G 465 6.12 -28.03 -16.95
CA LYS G 465 5.77 -29.40 -16.64
C LYS G 465 5.34 -29.49 -15.18
N SER G 466 4.23 -30.16 -14.92
CA SER G 466 3.70 -30.37 -13.58
C SER G 466 3.77 -31.84 -13.22
N LEU G 467 4.08 -32.11 -11.95
CA LEU G 467 4.16 -33.46 -11.43
C LEU G 467 3.26 -33.58 -10.20
N TYR G 468 2.40 -34.60 -10.21
CA TYR G 468 1.55 -34.91 -9.08
C TYR G 468 2.24 -35.99 -8.24
N VAL G 469 2.51 -35.68 -6.98
CA VAL G 469 3.16 -36.62 -6.06
C VAL G 469 2.09 -37.11 -5.09
N LYS G 470 1.63 -38.34 -5.30
CA LYS G 470 0.60 -38.91 -4.46
C LYS G 470 1.13 -39.22 -3.06
N GLY G 471 0.31 -38.93 -2.07
CA GLY G 471 0.68 -39.18 -0.69
C GLY G 471 -0.52 -38.98 0.22
N GLU G 472 -0.51 -39.70 1.33
CA GLU G 472 -1.63 -39.62 2.25
C GLU G 472 -1.55 -38.33 3.04
N PRO G 473 -2.62 -37.52 3.03
CA PRO G 473 -2.58 -36.25 3.78
C PRO G 473 -2.23 -36.47 5.24
N ILE G 474 -1.30 -35.66 5.74
CA ILE G 474 -0.76 -35.85 7.09
C ILE G 474 -1.73 -35.44 8.17
N ILE G 475 -2.80 -34.73 7.84
CA ILE G 475 -3.82 -34.40 8.82
C ILE G 475 -4.52 -35.65 9.32
N ASN G 476 -4.45 -36.76 8.58
CA ASN G 476 -5.06 -38.01 8.96
C ASN G 476 -4.28 -38.77 10.02
N PHE G 477 -3.05 -38.36 10.32
CA PHE G 477 -2.22 -39.02 11.32
C PHE G 477 -2.49 -38.53 12.73
N TYR G 478 -3.36 -37.56 12.91
CA TYR G 478 -3.56 -36.89 14.19
C TYR G 478 -4.86 -37.34 14.83
N ASP G 479 -4.80 -37.61 16.13
CA ASP G 479 -6.00 -37.91 16.90
C ASP G 479 -6.73 -36.61 17.22
N PRO G 480 -7.97 -36.43 16.75
CA PRO G 480 -8.65 -35.14 16.96
C PRO G 480 -8.90 -34.79 18.41
N LEU G 481 -8.91 -35.77 19.32
CA LEU G 481 -9.21 -35.46 20.72
C LEU G 481 -8.07 -34.69 21.38
N VAL G 482 -6.82 -34.94 20.98
CA VAL G 482 -5.67 -34.28 21.57
C VAL G 482 -4.99 -33.32 20.60
N PHE G 483 -5.66 -32.99 19.50
CA PHE G 483 -5.04 -32.12 18.50
C PHE G 483 -5.10 -30.66 18.96
N PRO G 484 -3.96 -29.97 19.03
CA PRO G 484 -3.97 -28.52 19.32
C PRO G 484 -4.31 -27.74 18.06
N SER G 485 -5.50 -27.14 18.04
CA SER G 485 -6.02 -26.50 16.84
C SER G 485 -6.23 -25.00 17.06
N ASP G 486 -5.32 -24.37 17.79
CA ASP G 486 -5.35 -22.93 18.00
C ASP G 486 -3.96 -22.34 17.91
N GLU G 487 -3.12 -22.89 17.04
CA GLU G 487 -1.72 -22.50 16.92
C GLU G 487 -1.54 -21.67 15.66
N PHE G 488 -1.07 -20.43 15.82
CA PHE G 488 -0.86 -19.54 14.69
C PHE G 488 0.55 -19.68 14.11
N ASP G 489 1.56 -19.91 14.96
CA ASP G 489 2.95 -19.91 14.54
C ASP G 489 3.65 -21.14 15.14
N ALA G 490 3.06 -22.31 14.93
CA ALA G 490 3.60 -23.53 15.48
C ALA G 490 4.54 -24.21 14.48
N SER G 491 4.95 -25.44 14.79
CA SER G 491 5.75 -26.24 13.90
C SER G 491 5.39 -27.71 14.15
N ILE G 492 5.99 -28.60 13.35
CA ILE G 492 5.71 -30.02 13.50
C ILE G 492 6.12 -30.51 14.88
N SER G 493 7.31 -30.11 15.32
CA SER G 493 7.80 -30.54 16.64
C SER G 493 6.97 -29.93 17.77
N GLN G 494 6.61 -28.64 17.64
CA GLN G 494 5.84 -27.99 18.69
C GLN G 494 4.45 -28.62 18.82
N VAL G 495 3.81 -28.92 17.70
CA VAL G 495 2.51 -29.59 17.74
C VAL G 495 2.64 -30.97 18.38
N ASN G 496 3.71 -31.69 18.05
CA ASN G 496 3.95 -32.98 18.68
C ASN G 496 4.27 -32.83 20.16
N GLU G 497 4.90 -31.72 20.54
CA GLU G 497 5.20 -31.47 21.96
C GLU G 497 3.92 -31.32 22.76
N LYS G 498 2.90 -30.66 22.20
CA LYS G 498 1.62 -30.57 22.89
C LYS G 498 0.92 -31.92 22.92
N ILE G 499 1.13 -32.75 21.92
CA ILE G 499 0.58 -34.10 21.90
C ILE G 499 1.27 -34.96 22.95
N ASN G 500 2.59 -34.78 23.14
CA ASN G 500 3.28 -35.35 24.30
C ASN G 500 2.48 -35.12 25.57
N GLN G 501 2.23 -33.86 25.89
CA GLN G 501 1.74 -33.46 27.20
C GLN G 501 0.30 -33.90 27.43
N SER G 502 -0.57 -33.69 26.44
CA SER G 502 -1.98 -34.04 26.60
C SER G 502 -2.15 -35.54 26.82
N LEU G 503 -1.43 -36.35 26.04
CA LEU G 503 -1.50 -37.79 26.21
C LEU G 503 -0.91 -38.22 27.55
N ALA G 504 0.05 -37.46 28.06
CA ALA G 504 0.64 -37.77 29.36
C ALA G 504 -0.37 -37.56 30.48
N PHE G 505 -1.18 -36.51 30.40
CA PHE G 505 -2.17 -36.25 31.44
C PHE G 505 -3.17 -37.39 31.57
N ILE G 506 -3.66 -37.90 30.44
CA ILE G 506 -4.57 -39.05 30.50
C ILE G 506 -3.82 -40.30 30.93
N ARG G 507 -2.55 -40.42 30.54
CA ARG G 507 -1.77 -41.61 30.92
C ARG G 507 -1.40 -41.57 32.39
N LYS G 508 -0.95 -40.41 32.89
CA LYS G 508 -0.60 -40.30 34.30
C LYS G 508 -1.82 -40.48 35.20
N SER G 509 -2.95 -39.86 34.82
CA SER G 509 -4.15 -39.95 35.63
C SER G 509 -4.70 -41.37 35.69
N ASP G 510 -4.60 -42.11 34.58
CA ASP G 510 -5.11 -43.47 34.55
C ASP G 510 -4.38 -44.36 35.54
N GLU G 511 -3.04 -44.22 35.61
CA GLU G 511 -2.27 -45.02 36.56
C GLU G 511 -2.65 -44.69 38.00
N LEU G 512 -2.82 -43.40 38.31
CA LEU G 512 -3.19 -43.00 39.67
C LEU G 512 -4.58 -43.50 40.03
N LEU G 513 -5.51 -43.44 39.08
CA LEU G 513 -6.88 -43.88 39.31
C LEU G 513 -6.95 -45.39 39.51
N GLU H 1 34.72 -30.57 3.47
CA GLU H 1 35.93 -30.16 2.79
C GLU H 1 35.74 -30.18 1.28
N VAL H 2 36.05 -29.06 0.63
CA VAL H 2 35.91 -28.97 -0.82
C VAL H 2 37.12 -29.62 -1.49
N GLN H 3 36.84 -30.46 -2.49
CA GLN H 3 37.87 -31.14 -3.27
C GLN H 3 37.67 -30.76 -4.73
N VAL H 4 38.29 -29.67 -5.14
CA VAL H 4 38.24 -29.22 -6.53
C VAL H 4 39.48 -29.70 -7.26
N VAL H 5 39.29 -30.47 -8.32
CA VAL H 5 40.39 -31.13 -9.03
C VAL H 5 40.25 -30.86 -10.52
N GLU H 6 41.35 -30.98 -11.25
CA GLU H 6 41.36 -30.83 -12.70
C GLU H 6 41.95 -32.09 -13.35
N SER H 7 41.64 -32.26 -14.63
CA SER H 7 42.16 -33.36 -15.43
C SER H 7 42.01 -33.00 -16.90
N GLY H 8 42.73 -33.72 -17.74
CA GLY H 8 42.60 -33.60 -19.17
C GLY H 8 43.58 -32.68 -19.87
N GLY H 9 44.64 -32.27 -19.20
CA GLY H 9 45.65 -31.38 -19.79
C GLY H 9 46.96 -32.11 -19.98
N GLY H 10 47.60 -31.89 -21.12
CA GLY H 10 48.87 -32.54 -21.45
C GLY H 10 49.67 -31.73 -22.43
N LEU H 11 50.25 -32.42 -23.41
CA LEU H 11 51.11 -31.82 -24.42
C LEU H 11 50.37 -31.84 -25.76
N VAL H 12 50.14 -30.66 -26.33
CA VAL H 12 49.49 -30.53 -27.62
C VAL H 12 50.41 -29.77 -28.56
N LYS H 13 50.23 -29.98 -29.86
CA LYS H 13 50.97 -29.21 -30.85
C LYS H 13 50.27 -27.88 -31.13
N PRO H 14 50.99 -26.90 -31.66
CA PRO H 14 50.34 -25.63 -32.02
C PRO H 14 49.22 -25.86 -33.02
N GLY H 15 48.12 -25.16 -32.82
CA GLY H 15 46.93 -25.34 -33.61
C GLY H 15 46.06 -26.51 -33.18
N GLY H 16 46.49 -27.26 -32.17
CA GLY H 16 45.73 -28.39 -31.68
C GLY H 16 44.67 -27.94 -30.69
N SER H 17 44.01 -28.94 -30.10
CA SER H 17 42.90 -28.68 -29.19
C SER H 17 43.03 -29.58 -27.96
N LEU H 18 42.47 -29.10 -26.85
CA LEU H 18 42.38 -29.85 -25.61
C LEU H 18 41.08 -29.50 -24.92
N ARG H 19 40.65 -30.39 -24.03
CA ARG H 19 39.46 -30.15 -23.21
C ARG H 19 39.83 -30.40 -21.75
N LEU H 20 39.79 -29.34 -20.95
CA LEU H 20 40.09 -29.45 -19.53
C LEU H 20 38.80 -29.74 -18.76
N SER H 21 38.91 -30.60 -17.75
CA SER H 21 37.78 -30.98 -16.93
C SER H 21 38.11 -30.68 -15.48
N CYS H 22 37.16 -30.06 -14.78
CA CYS H 22 37.33 -29.73 -13.37
C CYS H 22 36.08 -30.21 -12.62
N ALA H 23 36.28 -31.06 -11.62
CA ALA H 23 35.18 -31.69 -10.89
C ALA H 23 35.23 -31.26 -9.43
N ALA H 24 34.09 -30.80 -8.92
CA ALA H 24 33.94 -30.35 -7.54
C ALA H 24 33.13 -31.36 -6.74
N SER H 25 33.38 -31.42 -5.44
CA SER H 25 32.75 -32.49 -4.67
C SER H 25 32.01 -32.00 -3.43
N GLY H 26 32.50 -30.98 -2.74
CA GLY H 26 31.99 -30.70 -1.41
C GLY H 26 31.31 -29.37 -1.17
N PHE H 27 30.48 -28.91 -2.09
CA PHE H 27 29.73 -27.68 -1.91
C PHE H 27 28.58 -27.66 -2.91
N PRO H 28 27.60 -26.76 -2.73
CA PRO H 28 26.49 -26.66 -3.70
C PRO H 28 26.92 -26.00 -5.00
N PHE H 29 27.40 -26.83 -5.93
CA PHE H 29 27.99 -26.37 -7.18
C PHE H 29 27.09 -25.39 -7.93
N SER H 30 25.77 -25.61 -7.89
CA SER H 30 24.82 -24.83 -8.65
C SER H 30 24.64 -23.40 -8.13
N SER H 31 25.19 -23.07 -6.97
CA SER H 31 25.02 -21.74 -6.39
C SER H 31 26.31 -20.92 -6.44
N TYR H 32 27.27 -21.32 -7.26
CA TYR H 32 28.55 -20.64 -7.33
C TYR H 32 28.93 -20.43 -8.79
N LYS H 33 29.56 -19.28 -9.06
CA LYS H 33 30.14 -19.00 -10.35
C LYS H 33 31.56 -19.55 -10.39
N MET H 34 31.93 -20.18 -11.51
CA MET H 34 33.22 -20.84 -11.66
C MET H 34 34.07 -20.13 -12.69
N ASP H 35 35.38 -20.15 -12.47
CA ASP H 35 36.34 -19.44 -13.30
C ASP H 35 37.50 -20.37 -13.68
N TRP H 36 38.24 -19.95 -14.70
CA TRP H 36 39.51 -20.55 -15.09
C TRP H 36 40.58 -19.48 -14.98
N VAL H 37 41.68 -19.80 -14.29
CA VAL H 37 42.83 -18.91 -14.16
C VAL H 37 44.07 -19.71 -14.56
N ARG H 38 44.92 -19.12 -15.39
CA ARG H 38 46.13 -19.79 -15.85
C ARG H 38 47.36 -19.00 -15.42
N GLN H 39 48.46 -19.72 -15.20
CA GLN H 39 49.73 -19.13 -14.79
C GLN H 39 50.83 -19.70 -15.68
N ALA H 40 51.39 -18.86 -16.54
CA ALA H 40 52.50 -19.29 -17.38
C ALA H 40 53.75 -19.50 -16.54
N PRO H 41 54.61 -20.46 -16.90
CA PRO H 41 55.77 -20.78 -16.06
C PRO H 41 56.71 -19.59 -15.91
N GLY H 42 56.83 -19.11 -14.67
CA GLY H 42 57.66 -17.97 -14.35
C GLY H 42 56.98 -16.62 -14.40
N LYS H 43 55.68 -16.57 -14.70
CA LYS H 43 54.94 -15.31 -14.65
C LYS H 43 53.75 -15.38 -13.70
N GLY H 44 52.92 -14.35 -13.71
CA GLY H 44 51.83 -14.22 -12.77
C GLY H 44 50.53 -14.83 -13.25
N LEU H 45 49.47 -14.55 -12.52
CA LEU H 45 48.16 -15.10 -12.80
C LEU H 45 47.46 -14.31 -13.90
N GLU H 46 46.65 -15.01 -14.69
CA GLU H 46 45.85 -14.38 -15.74
C GLU H 46 44.46 -15.02 -15.73
N TRP H 47 43.42 -14.19 -15.60
CA TRP H 47 42.07 -14.69 -15.64
C TRP H 47 41.70 -15.10 -17.06
N VAL H 48 41.09 -16.27 -17.21
CA VAL H 48 40.80 -16.84 -18.52
C VAL H 48 39.33 -16.63 -18.87
N SER H 49 38.44 -17.20 -18.06
CA SER H 49 37.02 -17.21 -18.40
C SER H 49 36.22 -17.43 -17.14
N SER H 50 34.93 -17.11 -17.23
CA SER H 50 34.00 -17.35 -16.14
C SER H 50 32.65 -17.78 -16.70
N ILE H 51 31.90 -18.50 -15.89
CA ILE H 51 30.53 -18.88 -16.21
C ILE H 51 29.70 -18.76 -14.93
N SER H 52 28.51 -18.17 -15.05
CA SER H 52 27.69 -17.96 -13.87
C SER H 52 27.16 -19.29 -13.33
N ALA H 53 26.44 -19.21 -12.21
CA ALA H 53 26.03 -20.42 -11.49
C ALA H 53 25.14 -21.32 -12.33
N SER H 54 24.25 -20.74 -13.14
CA SER H 54 23.37 -21.53 -14.00
C SER H 54 23.71 -21.38 -15.48
N GLY H 55 24.86 -20.80 -15.81
CA GLY H 55 25.33 -20.75 -17.18
C GLY H 55 24.78 -19.62 -18.03
N SER H 56 24.02 -18.70 -17.45
CA SER H 56 23.44 -17.62 -18.24
C SER H 56 24.50 -16.64 -18.73
N TYR H 57 25.52 -16.38 -17.92
CA TYR H 57 26.50 -15.36 -18.20
C TYR H 57 27.86 -15.99 -18.34
N ILE H 58 28.53 -15.69 -19.46
CA ILE H 58 29.84 -16.27 -19.78
C ILE H 58 30.74 -15.14 -20.22
N ASN H 59 31.96 -15.12 -19.69
CA ASN H 59 32.92 -14.06 -20.01
C ASN H 59 34.26 -14.68 -20.39
N TYR H 60 34.97 -14.01 -21.29
CA TYR H 60 36.28 -14.44 -21.75
C TYR H 60 37.24 -13.27 -21.72
N ALA H 61 38.51 -13.58 -21.46
CA ALA H 61 39.57 -12.62 -21.73
C ALA H 61 39.76 -12.50 -23.24
N ASP H 62 40.18 -11.31 -23.68
CA ASP H 62 40.40 -11.06 -25.10
C ASP H 62 41.47 -11.95 -25.69
N SER H 63 42.40 -12.44 -24.87
CA SER H 63 43.49 -13.28 -25.37
C SER H 63 43.00 -14.67 -25.79
N VAL H 64 41.90 -15.14 -25.23
CA VAL H 64 41.38 -16.48 -25.54
C VAL H 64 40.02 -16.43 -26.22
N LYS H 65 39.47 -15.24 -26.45
CA LYS H 65 38.14 -15.14 -27.05
C LYS H 65 38.16 -15.64 -28.50
N GLY H 66 37.15 -16.42 -28.84
CA GLY H 66 37.06 -17.05 -30.15
C GLY H 66 37.78 -18.38 -30.26
N ARG H 67 38.51 -18.79 -29.23
CA ARG H 67 39.23 -20.06 -29.24
C ARG H 67 38.92 -20.94 -28.04
N PHE H 68 38.51 -20.38 -26.92
CA PHE H 68 38.17 -21.12 -25.70
C PHE H 68 36.67 -21.01 -25.46
N THR H 69 36.06 -22.10 -25.00
CA THR H 69 34.62 -22.10 -24.71
C THR H 69 34.37 -22.81 -23.38
N ILE H 70 34.10 -22.02 -22.35
CA ILE H 70 33.79 -22.55 -21.02
C ILE H 70 32.39 -23.14 -21.02
N SER H 71 32.20 -24.17 -20.20
CA SER H 71 30.89 -24.77 -20.00
C SER H 71 30.88 -25.49 -18.66
N ARG H 72 29.68 -25.79 -18.18
CA ARG H 72 29.52 -26.48 -16.91
C ARG H 72 28.32 -27.42 -16.98
N ASP H 73 28.34 -28.43 -16.10
CA ASP H 73 27.24 -29.36 -15.96
C ASP H 73 26.92 -29.47 -14.47
N ASN H 74 25.84 -28.81 -14.05
CA ASN H 74 25.51 -28.76 -12.63
C ASN H 74 25.07 -30.11 -12.09
N ALA H 75 24.60 -31.01 -12.96
CA ALA H 75 24.25 -32.36 -12.50
C ALA H 75 25.48 -33.13 -12.06
N LYS H 76 26.59 -32.98 -12.77
CA LYS H 76 27.83 -33.68 -12.45
C LYS H 76 28.82 -32.83 -11.66
N ASN H 77 28.48 -31.58 -11.35
CA ASN H 77 29.37 -30.65 -10.65
C ASN H 77 30.72 -30.51 -11.36
N SER H 78 30.67 -30.29 -12.67
CA SER H 78 31.85 -30.29 -13.50
C SER H 78 32.01 -28.97 -14.26
N LEU H 79 33.26 -28.59 -14.47
CA LEU H 79 33.64 -27.45 -15.29
C LEU H 79 34.50 -27.92 -16.47
N TYR H 80 34.32 -27.28 -17.62
CA TYR H 80 35.07 -27.61 -18.81
C TYR H 80 35.59 -26.33 -19.47
N LEU H 81 36.70 -26.45 -20.20
CA LEU H 81 37.28 -25.31 -20.91
C LEU H 81 37.27 -25.46 -22.42
N GLN H 82 37.61 -26.64 -22.95
CA GLN H 82 37.54 -26.89 -24.39
C GLN H 82 38.36 -25.87 -25.19
N MET H 83 39.66 -26.00 -25.05
CA MET H 83 40.61 -25.15 -25.76
C MET H 83 40.73 -25.59 -27.22
N LYS H 84 40.82 -24.62 -28.13
CA LYS H 84 40.98 -24.91 -29.54
C LYS H 84 42.00 -23.95 -30.15
N SER H 85 42.62 -24.40 -31.24
CA SER H 85 43.63 -23.63 -31.99
C SER H 85 44.68 -23.02 -31.04
N LEU H 86 45.31 -23.90 -30.28
CA LEU H 86 46.26 -23.47 -29.26
C LEU H 86 47.57 -23.01 -29.88
N ARG H 87 48.20 -22.04 -29.23
CA ARG H 87 49.47 -21.47 -29.66
C ARG H 87 50.50 -21.65 -28.55
N ALA H 88 51.76 -21.32 -28.87
CA ALA H 88 52.82 -21.45 -27.89
C ALA H 88 52.60 -20.55 -26.68
N ASP H 89 51.93 -19.42 -26.89
CA ASP H 89 51.62 -18.49 -25.81
C ASP H 89 50.61 -19.07 -24.81
N ASP H 90 49.99 -20.19 -25.14
CA ASP H 90 48.96 -20.79 -24.30
C ASP H 90 49.53 -21.72 -23.24
N THR H 91 50.84 -21.97 -23.24
CA THR H 91 51.45 -22.85 -22.27
C THR H 91 51.38 -22.22 -20.88
N ALA H 92 50.72 -22.91 -19.95
CA ALA H 92 50.53 -22.40 -18.61
C ALA H 92 49.98 -23.52 -17.74
N VAL H 93 49.93 -23.27 -16.44
CA VAL H 93 49.23 -24.13 -15.48
C VAL H 93 47.84 -23.54 -15.27
N TYR H 94 46.82 -24.35 -15.50
CA TYR H 94 45.45 -23.88 -15.50
C TYR H 94 44.74 -24.27 -14.21
N PHE H 95 44.20 -23.29 -13.51
CA PHE H 95 43.43 -23.49 -12.30
C PHE H 95 41.95 -23.22 -12.57
N CYS H 96 41.09 -24.10 -12.08
CA CYS H 96 39.67 -23.78 -11.95
C CYS H 96 39.43 -23.27 -10.53
N ALA H 97 38.79 -22.12 -10.44
CA ALA H 97 38.63 -21.44 -9.16
C ALA H 97 37.16 -21.14 -8.90
N ARG H 98 36.77 -21.20 -7.64
CA ARG H 98 35.43 -20.88 -7.21
C ARG H 98 35.47 -19.66 -6.31
N ASP H 99 34.54 -18.73 -6.53
CA ASP H 99 34.48 -17.50 -5.75
C ASP H 99 33.67 -17.71 -4.47
N GLY H 100 33.30 -16.63 -3.79
CA GLY H 100 32.53 -16.70 -2.56
C GLY H 100 31.03 -16.67 -2.72
N GLY H 101 30.51 -16.89 -3.92
CA GLY H 101 29.07 -16.93 -4.10
C GLY H 101 28.41 -15.59 -4.29
N ARG H 102 29.19 -14.52 -4.37
CA ARG H 102 28.67 -13.19 -4.67
C ARG H 102 29.57 -12.55 -5.72
N GLU H 103 29.07 -11.48 -6.32
CA GLU H 103 29.52 -11.07 -7.65
C GLU H 103 31.00 -10.70 -7.67
N LEU H 104 31.44 -9.86 -6.75
CA LEU H 104 32.80 -9.34 -6.79
C LEU H 104 33.69 -9.91 -5.69
N SER H 105 33.38 -11.11 -5.24
CA SER H 105 34.15 -11.79 -4.21
C SER H 105 35.45 -12.36 -4.79
N PRO H 106 36.47 -12.52 -3.96
CA PRO H 106 37.71 -13.14 -4.42
C PRO H 106 37.57 -14.64 -4.60
N PHE H 107 38.51 -15.22 -5.33
CA PHE H 107 38.60 -16.67 -5.43
C PHE H 107 39.08 -17.24 -4.11
N GLU H 108 38.31 -18.17 -3.55
CA GLU H 108 38.65 -18.78 -2.27
C GLU H 108 38.77 -20.29 -2.32
N LYS H 109 38.52 -20.91 -3.47
CA LYS H 109 38.65 -22.35 -3.64
C LYS H 109 39.31 -22.63 -4.98
N TRP H 110 40.48 -23.26 -4.94
CA TRP H 110 41.29 -23.46 -6.12
C TRP H 110 41.56 -24.95 -6.32
N GLY H 111 41.73 -25.33 -7.58
CA GLY H 111 42.26 -26.65 -7.88
C GLY H 111 43.78 -26.68 -7.76
N GLN H 112 44.34 -27.88 -7.86
CA GLN H 112 45.79 -28.01 -7.77
C GLN H 112 46.50 -27.49 -9.01
N GLY H 113 45.80 -27.41 -10.13
CA GLY H 113 46.35 -26.92 -11.38
C GLY H 113 46.90 -28.05 -12.24
N ILE H 114 46.68 -27.92 -13.54
CA ILE H 114 47.18 -28.88 -14.52
C ILE H 114 47.95 -28.12 -15.59
N LEU H 115 49.09 -28.67 -16.00
CA LEU H 115 49.96 -28.01 -16.96
C LEU H 115 49.53 -28.36 -18.37
N VAL H 116 49.47 -27.34 -19.23
CA VAL H 116 49.19 -27.51 -20.64
C VAL H 116 50.40 -26.97 -21.40
N THR H 117 51.00 -27.81 -22.23
CA THR H 117 52.20 -27.45 -22.97
C THR H 117 51.90 -27.45 -24.47
N VAL H 118 52.21 -26.35 -25.13
CA VAL H 118 52.05 -26.21 -26.58
C VAL H 118 53.43 -25.95 -27.16
N SER H 119 53.92 -26.87 -27.97
CA SER H 119 55.25 -26.75 -28.57
C SER H 119 55.30 -27.61 -29.83
N SER H 120 56.25 -27.31 -30.69
CA SER H 120 56.41 -28.02 -31.96
C SER H 120 57.45 -29.13 -31.84
N GLN I 1 44.04 1.29 -19.06
CA GLN I 1 44.96 0.16 -19.04
C GLN I 1 44.54 -0.89 -18.00
N SER I 2 44.27 -2.10 -18.48
CA SER I 2 43.91 -3.22 -17.60
C SER I 2 45.19 -3.80 -16.99
N VAL I 3 45.82 -2.99 -16.15
CA VAL I 3 47.12 -3.32 -15.57
C VAL I 3 47.11 -2.89 -14.10
N LEU I 4 47.61 -3.76 -13.24
CA LEU I 4 47.92 -3.42 -11.86
C LEU I 4 49.43 -3.45 -11.68
N THR I 5 50.02 -2.43 -11.08
CA THR I 5 51.50 -2.31 -10.97
C THR I 5 51.96 -2.66 -9.56
N GLN I 6 52.83 -3.63 -9.45
CA GLN I 6 53.30 -4.12 -8.14
C GLN I 6 54.82 -4.10 -8.15
N PRO I 7 55.50 -3.76 -7.05
CA PRO I 7 56.96 -3.88 -6.96
C PRO I 7 57.41 -5.31 -7.23
N PRO I 8 58.47 -5.56 -8.02
CA PRO I 8 58.87 -6.93 -8.38
C PRO I 8 59.32 -7.77 -7.18
N SER I 9 59.90 -7.15 -6.16
CA SER I 9 60.45 -7.85 -4.99
C SER I 9 60.39 -6.91 -3.81
N VAL I 10 60.15 -7.47 -2.63
CA VAL I 10 60.20 -6.67 -1.39
C VAL I 10 60.96 -7.56 -0.45
N SER I 11 61.78 -6.95 0.35
CA SER I 11 62.51 -7.69 1.37
C SER I 11 62.36 -7.00 2.71
N GLY I 12 62.47 -7.78 3.78
CA GLY I 12 62.42 -7.23 5.12
C GLY I 12 63.02 -8.19 6.11
N ALA I 13 63.59 -7.63 7.17
CA ALA I 13 64.12 -8.43 8.25
C ALA I 13 62.98 -9.01 9.09
N PRO I 14 63.19 -10.18 9.71
CA PRO I 14 62.14 -10.76 10.55
C PRO I 14 61.75 -9.82 11.68
N GLY I 15 60.45 -9.70 11.92
CA GLY I 15 59.92 -8.83 12.95
C GLY I 15 59.61 -7.42 12.49
N GLN I 16 60.02 -7.03 11.28
CA GLN I 16 59.75 -5.69 10.78
C GLN I 16 58.47 -5.68 9.96
N ARG I 17 57.98 -4.48 9.69
CA ARG I 17 56.77 -4.27 8.91
C ARG I 17 57.14 -3.92 7.47
N VAL I 18 56.65 -4.72 6.52
CA VAL I 18 56.87 -4.49 5.10
C VAL I 18 55.55 -4.09 4.45
N THR I 19 55.65 -3.34 3.36
CA THR I 19 54.49 -2.89 2.61
C THR I 19 54.66 -3.24 1.14
N ILE I 20 53.59 -3.72 0.53
CA ILE I 20 53.56 -4.04 -0.90
C ILE I 20 52.51 -3.16 -1.56
N SER I 21 52.92 -2.42 -2.57
CA SER I 21 52.05 -1.46 -3.24
C SER I 21 51.35 -2.08 -4.44
N CYS I 22 50.18 -1.54 -4.77
CA CYS I 22 49.41 -2.01 -5.91
C CYS I 22 48.77 -0.77 -6.57
N THR I 23 49.40 -0.30 -7.64
CA THR I 23 48.95 0.91 -8.31
C THR I 23 48.03 0.57 -9.47
N GLY I 24 46.84 1.15 -9.45
CA GLY I 24 45.86 0.87 -10.47
C GLY I 24 45.59 2.02 -11.41
N THR I 25 44.63 1.85 -12.30
CA THR I 25 44.28 2.84 -13.31
C THR I 25 42.81 3.23 -13.15
N ASN I 26 42.34 4.06 -14.08
CA ASN I 26 40.95 4.50 -14.07
C ASN I 26 39.98 3.39 -14.47
N SER I 27 40.45 2.31 -15.07
CA SER I 27 39.58 1.23 -15.48
C SER I 27 39.29 0.23 -14.36
N ASN I 28 40.20 0.10 -13.40
CA ASN I 28 40.02 -0.87 -12.32
C ASN I 28 39.86 -0.21 -10.95
N ILE I 29 40.83 0.56 -10.48
CA ILE I 29 40.69 1.16 -9.16
C ILE I 29 40.10 2.57 -9.25
N GLY I 30 40.38 3.30 -10.32
CA GLY I 30 39.74 4.59 -10.52
C GLY I 30 38.25 4.52 -10.77
N THR I 31 37.74 3.36 -11.19
CA THR I 31 36.30 3.16 -11.34
C THR I 31 35.61 2.95 -10.00
N GLY I 32 36.30 2.35 -9.03
CA GLY I 32 35.72 2.14 -7.71
C GLY I 32 35.70 0.69 -7.27
N TYR I 33 36.43 -0.16 -7.99
CA TYR I 33 36.52 -1.57 -7.63
C TYR I 33 37.47 -1.77 -6.46
N ASP I 34 37.18 -2.79 -5.65
CA ASP I 34 38.00 -3.15 -4.51
C ASP I 34 39.18 -4.02 -4.94
N VAL I 35 40.14 -4.18 -4.04
CA VAL I 35 41.36 -4.94 -4.29
C VAL I 35 41.39 -6.13 -3.36
N HIS I 36 41.67 -7.31 -3.91
CA HIS I 36 41.93 -8.52 -3.14
C HIS I 36 43.39 -8.91 -3.27
N TRP I 37 43.89 -9.59 -2.24
CA TRP I 37 45.29 -9.97 -2.16
C TRP I 37 45.44 -11.48 -2.02
N TYR I 38 46.40 -12.05 -2.73
CA TYR I 38 46.63 -13.49 -2.73
C TYR I 38 48.08 -13.79 -2.37
N GLN I 39 48.27 -14.89 -1.66
CA GLN I 39 49.59 -15.39 -1.30
C GLN I 39 49.77 -16.75 -1.94
N GLN I 40 50.84 -16.90 -2.73
CA GLN I 40 51.10 -18.16 -3.43
C GLN I 40 52.50 -18.65 -3.14
N LEU I 41 52.60 -19.92 -2.75
CA LEU I 41 53.84 -20.65 -2.61
C LEU I 41 54.23 -21.25 -3.95
N PRO I 42 55.52 -21.57 -4.14
CA PRO I 42 55.98 -21.94 -5.50
C PRO I 42 55.24 -23.10 -6.14
N GLY I 43 54.87 -24.12 -5.38
CA GLY I 43 54.24 -25.28 -5.94
C GLY I 43 52.74 -25.38 -5.79
N THR I 44 52.11 -24.45 -5.09
CA THR I 44 50.70 -24.54 -4.72
C THR I 44 49.90 -23.48 -5.46
N ALA I 45 48.59 -23.52 -5.27
CA ALA I 45 47.66 -22.54 -5.80
C ALA I 45 47.65 -21.30 -4.93
N PRO I 46 47.26 -20.15 -5.48
CA PRO I 46 47.17 -18.94 -4.66
C PRO I 46 46.13 -19.10 -3.57
N LYS I 47 46.39 -18.44 -2.43
CA LYS I 47 45.49 -18.44 -1.30
C LYS I 47 45.20 -17.00 -0.92
N VAL I 48 43.93 -16.65 -0.77
CA VAL I 48 43.55 -15.27 -0.51
C VAL I 48 43.91 -14.93 0.93
N VAL I 49 44.61 -13.80 1.11
CA VAL I 49 44.96 -13.31 2.44
C VAL I 49 44.27 -12.00 2.77
N LEU I 50 43.62 -11.36 1.81
CA LEU I 50 42.93 -10.10 2.05
C LEU I 50 41.93 -9.87 0.92
N PHE I 51 40.77 -9.32 1.26
CA PHE I 51 39.78 -8.97 0.27
C PHE I 51 39.07 -7.70 0.71
N ASP I 52 38.45 -7.01 -0.25
CA ASP I 52 37.76 -5.74 0.00
C ASP I 52 38.68 -4.69 0.60
N ASN I 53 39.96 -4.79 0.27
CA ASN I 53 41.08 -3.89 0.61
C ASN I 53 41.50 -3.96 2.06
N ASN I 54 40.66 -4.47 2.95
CA ASN I 54 41.05 -4.55 4.36
C ASN I 54 40.48 -5.73 5.12
N ASN I 55 39.74 -6.63 4.49
CA ASN I 55 39.04 -7.69 5.20
C ASN I 55 39.88 -8.96 5.17
N ARG I 56 40.01 -9.58 6.32
CA ARG I 56 40.86 -10.73 6.52
C ARG I 56 40.04 -12.01 6.45
N PRO I 57 40.42 -12.98 5.63
CA PRO I 57 39.74 -14.27 5.64
C PRO I 57 40.03 -15.02 6.94
N SER I 58 39.20 -16.02 7.20
CA SER I 58 39.41 -16.86 8.38
C SER I 58 40.72 -17.63 8.27
N GLY I 59 41.46 -17.70 9.37
CA GLY I 59 42.73 -18.38 9.40
C GLY I 59 43.93 -17.54 9.00
N VAL I 60 43.74 -16.25 8.77
CA VAL I 60 44.83 -15.34 8.41
C VAL I 60 45.20 -14.51 9.63
N PRO I 61 46.47 -14.47 10.02
CA PRO I 61 46.85 -13.72 11.22
C PRO I 61 46.65 -12.22 11.01
N ASP I 62 46.46 -11.52 12.14
CA ASP I 62 46.19 -10.09 12.14
C ASP I 62 47.36 -9.26 11.64
N ARG I 63 48.49 -9.88 11.33
CA ARG I 63 49.65 -9.15 10.81
C ARG I 63 49.37 -8.51 9.45
N PHE I 64 48.43 -9.06 8.68
CA PHE I 64 48.07 -8.50 7.38
C PHE I 64 46.96 -7.49 7.58
N SER I 65 47.18 -6.26 7.11
CA SER I 65 46.22 -5.18 7.33
C SER I 65 45.59 -4.68 6.04
N GLY I 66 46.38 -4.17 5.10
CA GLY I 66 45.85 -3.66 3.84
C GLY I 66 45.04 -2.39 3.95
N SER I 67 44.99 -1.62 2.86
CA SER I 67 44.22 -0.39 2.79
C SER I 67 44.19 0.07 1.34
N LYS I 68 43.18 0.89 1.03
CA LYS I 68 43.07 1.52 -0.29
C LYS I 68 42.93 3.01 -0.12
N SER I 69 43.49 3.76 -1.06
CA SER I 69 43.39 5.21 -1.08
C SER I 69 43.61 5.70 -2.50
N GLY I 70 42.65 6.46 -3.01
CA GLY I 70 42.74 7.00 -4.36
C GLY I 70 42.73 5.93 -5.43
N THR I 71 43.85 5.80 -6.15
CA THR I 71 43.95 4.84 -7.25
C THR I 71 44.99 3.76 -6.96
N SER I 72 45.41 3.63 -5.70
CA SER I 72 46.43 2.65 -5.32
C SER I 72 45.97 1.90 -4.07
N ALA I 73 46.55 0.73 -3.87
CA ALA I 73 46.27 -0.11 -2.71
C ALA I 73 47.59 -0.64 -2.16
N ALA I 74 47.59 -0.94 -0.87
CA ALA I 74 48.80 -1.40 -0.20
C ALA I 74 48.48 -2.58 0.71
N LEU I 75 49.46 -3.46 0.86
CA LEU I 75 49.36 -4.61 1.76
C LEU I 75 50.53 -4.56 2.74
N ALA I 76 50.22 -4.56 4.03
CA ALA I 76 51.21 -4.41 5.09
C ALA I 76 51.27 -5.68 5.93
N ILE I 77 52.49 -6.13 6.24
CA ILE I 77 52.72 -7.33 7.01
C ILE I 77 53.61 -6.96 8.19
N THR I 78 53.00 -6.71 9.35
CA THR I 78 53.77 -6.43 10.56
C THR I 78 54.33 -7.73 11.14
N GLY I 79 55.48 -7.62 11.77
CA GLY I 79 56.12 -8.77 12.39
C GLY I 79 56.42 -9.87 11.40
N LEU I 80 57.32 -9.60 10.46
CA LEU I 80 57.59 -10.53 9.38
C LEU I 80 58.11 -11.86 9.92
N GLN I 81 57.58 -12.94 9.36
CA GLN I 81 57.94 -14.30 9.76
C GLN I 81 58.41 -15.09 8.54
N ALA I 82 59.11 -16.19 8.82
CA ALA I 82 59.65 -17.02 7.74
C ALA I 82 58.53 -17.66 6.92
N GLU I 83 57.37 -17.90 7.54
CA GLU I 83 56.24 -18.48 6.83
C GLU I 83 55.61 -17.53 5.83
N ASP I 84 55.97 -16.24 5.87
CA ASP I 84 55.42 -15.26 4.95
C ASP I 84 56.16 -15.17 3.63
N GLU I 85 57.25 -15.90 3.47
CA GLU I 85 58.04 -15.87 2.22
C GLU I 85 57.21 -16.48 1.10
N ALA I 86 56.71 -15.64 0.20
CA ALA I 86 55.89 -16.09 -0.92
C ALA I 86 55.87 -15.01 -1.98
N VAL I 87 55.07 -15.23 -3.02
CA VAL I 87 54.77 -14.22 -4.03
C VAL I 87 53.35 -13.73 -3.77
N TYR I 88 53.18 -12.42 -3.70
CA TYR I 88 51.89 -11.81 -3.38
C TYR I 88 51.32 -11.13 -4.61
N TYR I 89 50.04 -11.37 -4.85
CA TYR I 89 49.32 -10.82 -5.99
C TYR I 89 48.15 -9.99 -5.50
N CYS I 90 48.02 -8.78 -6.04
CA CYS I 90 46.81 -7.99 -5.89
C CYS I 90 45.98 -8.14 -7.16
N GLN I 91 44.67 -8.22 -7.01
CA GLN I 91 43.82 -8.24 -8.18
C GLN I 91 42.57 -7.39 -7.96
N SER I 92 42.04 -6.90 -9.07
CA SER I 92 40.84 -6.07 -9.08
C SER I 92 40.03 -6.44 -10.30
N TYR I 93 38.77 -6.03 -10.29
CA TYR I 93 37.95 -6.11 -11.49
C TYR I 93 38.27 -4.93 -12.38
N ASP I 94 38.41 -5.20 -13.67
CA ASP I 94 38.71 -4.18 -14.67
C ASP I 94 37.55 -4.10 -15.66
N LYS I 95 37.01 -2.90 -15.84
CA LYS I 95 35.83 -2.75 -16.69
C LYS I 95 36.17 -2.85 -18.17
N SER I 96 37.37 -2.43 -18.58
CA SER I 96 37.76 -2.56 -19.98
C SER I 96 38.06 -4.00 -20.34
N LEU I 97 38.76 -4.73 -19.46
CA LEU I 97 39.08 -6.13 -19.73
C LEU I 97 37.84 -7.01 -19.61
N GLY I 98 36.83 -6.56 -18.88
CA GLY I 98 35.65 -7.38 -18.65
C GLY I 98 35.92 -8.60 -17.80
N GLY I 99 36.79 -8.48 -16.81
CA GLY I 99 37.16 -9.60 -15.97
C GLY I 99 38.14 -9.19 -14.90
N TRP I 100 38.91 -10.14 -14.39
CA TRP I 100 39.84 -9.89 -13.30
C TRP I 100 41.22 -9.59 -13.85
N VAL I 101 41.82 -8.50 -13.39
CA VAL I 101 43.21 -8.17 -13.67
C VAL I 101 44.03 -8.51 -12.44
N PHE I 102 45.09 -9.28 -12.63
CA PHE I 102 46.01 -9.61 -11.55
C PHE I 102 47.24 -8.72 -11.63
N GLY I 103 47.84 -8.46 -10.46
CA GLY I 103 49.09 -7.74 -10.42
C GLY I 103 50.23 -8.60 -10.92
N GLY I 104 51.37 -7.95 -11.14
CA GLY I 104 52.56 -8.65 -11.60
C GLY I 104 53.10 -9.65 -10.61
N GLY I 105 52.89 -9.41 -9.33
CA GLY I 105 53.38 -10.28 -8.26
C GLY I 105 54.61 -9.70 -7.61
N THR I 106 54.66 -9.76 -6.28
CA THR I 106 55.79 -9.28 -5.51
C THR I 106 56.33 -10.43 -4.67
N LYS I 107 57.55 -10.86 -4.99
CA LYS I 107 58.23 -11.86 -4.19
C LYS I 107 58.74 -11.22 -2.90
N LEU I 108 58.24 -11.70 -1.77
CA LEU I 108 58.64 -11.19 -0.46
C LEU I 108 59.71 -12.10 0.13
N THR I 109 60.90 -11.55 0.36
CA THR I 109 62.03 -12.28 0.90
C THR I 109 62.20 -11.93 2.37
N VAL I 110 62.28 -12.95 3.21
CA VAL I 110 62.51 -12.77 4.64
C VAL I 110 64.00 -12.94 4.89
N LEU I 111 64.68 -11.83 5.17
CA LEU I 111 66.12 -11.85 5.38
C LEU I 111 66.47 -12.50 6.71
C1 NAG J . -18.26 -28.68 25.98
C2 NAG J . -19.48 -28.67 26.93
C3 NAG J . -20.77 -28.82 26.12
C4 NAG J . -20.84 -27.78 25.01
C5 NAG J . -19.58 -27.92 24.16
C6 NAG J . -19.50 -26.97 22.99
C7 NAG J . -19.90 -29.63 29.15
C8 NAG J . -19.72 -30.83 30.03
N2 NAG J . -19.38 -29.73 27.92
O3 NAG J . -21.91 -28.74 26.97
O4 NAG J . -21.99 -27.99 24.22
O5 NAG J . -18.42 -27.68 24.96
O6 NAG J . -18.21 -27.05 22.40
O7 NAG J . -20.48 -28.62 29.53
C1 NAG K . -36.71 3.30 1.79
C2 NAG K . -37.87 4.31 1.84
C3 NAG K . -39.20 3.61 1.52
C4 NAG K . -39.10 2.83 0.22
C5 NAG K . -37.91 1.88 0.27
C6 NAG K . -37.69 1.12 -1.02
C7 NAG K . -37.88 6.29 3.31
C8 NAG K . -37.99 6.77 4.73
N2 NAG K . -37.95 4.96 3.14
O3 NAG K . -40.24 4.57 1.45
O4 NAG K . -40.29 2.07 0.02
O5 NAG K . -36.72 2.62 0.54
O6 NAG K . -37.02 -0.11 -0.76
O7 NAG K . -37.74 7.07 2.38
C1 NAG L . 3.77 -17.01 39.71
C2 NAG L . 3.09 -15.71 40.16
C3 NAG L . 4.00 -14.92 41.11
C4 NAG L . 5.47 -15.24 40.89
C5 NAG L . 5.75 -16.75 40.97
C6 NAG L . 6.32 -17.17 42.29
C7 NAG L . 1.49 -14.32 38.92
C8 NAG L . 1.26 -13.50 37.68
N2 NAG L . 2.70 -14.89 39.03
O3 NAG L . 3.63 -15.18 42.46
O4 NAG L . 5.92 -14.73 39.64
O5 NAG L . 4.55 -17.51 40.77
O6 NAG L . 5.95 -16.27 43.32
O7 NAG L . 0.63 -14.45 39.79
C1 NAG M . 22.20 20.27 21.89
C2 NAG M . 21.71 21.42 22.75
C3 NAG M . 22.39 22.72 22.33
C4 NAG M . 23.91 22.55 22.34
C5 NAG M . 24.31 21.33 21.51
C6 NAG M . 25.79 21.03 21.59
C7 NAG M . 19.45 21.47 23.73
C8 NAG M . 17.99 21.63 23.46
N2 NAG M . 20.26 21.57 22.66
O3 NAG M . 22.02 23.76 23.22
O4 NAG M . 24.53 23.71 21.79
O5 NAG M . 23.62 20.17 21.99
O6 NAG M . 26.28 21.18 22.91
O7 NAG M . 19.89 21.25 24.85
C1 NAG N . 6.55 -36.42 21.77
C2 NAG N . 6.44 -37.73 20.98
C3 NAG N . 7.69 -37.94 20.12
C4 NAG N . 7.97 -36.71 19.26
C5 NAG N . 8.04 -35.48 20.16
C6 NAG N . 8.27 -34.19 19.38
C7 NAG N . 5.66 -40.01 21.52
C8 NAG N . 5.56 -41.06 22.58
N2 NAG N . 6.25 -38.86 21.89
O3 NAG N . 7.50 -39.07 19.28
O4 NAG N . 9.20 -36.86 18.57
O5 NAG N . 6.80 -35.33 20.86
O6 NAG N . 8.37 -33.08 20.26
O7 NAG N . 5.23 -40.18 20.38
C1 NAG O . 14.22 -27.18 -20.14
C2 NAG O . 15.57 -27.34 -20.84
C3 NAG O . 15.38 -27.62 -22.32
C4 NAG O . 14.45 -28.80 -22.53
C5 NAG O . 13.14 -28.55 -21.79
C6 NAG O . 12.18 -29.72 -21.88
C7 NAG O . 16.15 -24.94 -21.05
C8 NAG O . 17.16 -23.88 -20.73
N2 NAG O . 16.43 -26.18 -20.63
O3 NAG O . 16.64 -27.89 -22.92
O4 NAG O . 14.18 -28.97 -23.92
O5 NAG O . 13.40 -28.34 -20.39
O6 NAG O . 10.94 -29.32 -22.46
O7 NAG O . 15.11 -24.68 -21.66
#